data_8BES
#
_entry.id   8BES
#
_cell.length_a   80.846
_cell.length_b   112.693
_cell.length_c   139.617
_cell.angle_alpha   90.00
_cell.angle_beta   104.90
_cell.angle_gamma   90.00
#
_symmetry.space_group_name_H-M   'P 1 21 1'
#
loop_
_entity.id
_entity.type
_entity.pdbx_description
1 polymer Beta-fructofuranosidase
2 branched alpha-D-mannopyranose-(1-3)-beta-D-mannopyranose-(1-4)-2-acetamido-2-deoxy-beta-D-glucopyranose-(1-4)-2-acetamido-2-deoxy-beta-D-glucopyranose
3 branched beta-D-mannopyranose-(1-4)-2-acetamido-2-deoxy-beta-D-glucopyranose-(1-4)-2-acetamido-2-deoxy-beta-D-glucopyranose
4 branched 2-acetamido-2-deoxy-beta-D-glucopyranose-(1-4)-2-acetamido-2-deoxy-beta-D-glucopyranose
5 branched alpha-D-mannopyranose-(1-3)-alpha-D-mannopyranose-(1-6)-[alpha-D-mannopyranose-(1-3)]beta-D-mannopyranose-(1-4)-2-acetamido-2-deoxy-beta-D-glucopyranose-(1-4)-2-acetamido-2-deoxy-beta-D-glucopyranose
6 non-polymer alpha-D-mannopyranose
7 non-polymer 2-acetamido-2-deoxy-beta-D-glucopyranose
8 non-polymer 2-[BIS-(2-HYDROXY-ETHYL)-AMINO]-2-HYDROXYMETHYL-PROPANE-1,3-DIOL
9 non-polymer beta-D-fructofuranose
10 non-polymer DI(HYDROXYETHYL)ETHER
11 water water
#
_entity_poly.entity_id   1
_entity_poly.type   'polypeptide(L)'
_entity_poly.pdbx_seq_one_letter_code
;MKFTLLSVVAIAAAASDSYAAPAASSLAGPVTTGVFSAVSAIPSFATNLSGQVASATSTVLSGSTASGSSATAAPSASAS
GASSMQSMASSLSGSAFSPSSMMPIASGNMTMPNMTSSASASSAASTATGVAGGAGSNSSSSCAPTSLPASATELPTTVP
TGTVITGDYTGSYRPQVHYSPPKGFMNAPNGCHRDRNGTYHLYYQYNPLEYVAGNQHWGHATSDDLYHWTNQPIAIFPPN
STSQVFSGSAVLDPNNTSGFFPNTTDGVVAVYTLNTPTLQVQEVAYSTDGGYNFTPYENNPVLSVGSNQFRDPKVFWYED
HWVMAVAAANDFTIEIYTSPNLTSWTFASNFTHHGLLGLAYECPNLVQVPFQDDPSKSAWLMYISINPGAPLGGSVGQYF
PGDFNGTHFVAYDSAARIADFAKDNYASQWFADTENGESISIAWASNWQYTQQVPTSAQAFRSAMSLPRRNYLTNITRLG
WDLVSLPYDLSPVVGPSLLSSSEANSTADVDFTNVTSNAVWFSLNVTLPDAAIQNASLISADASINITFLPSTKCSSSSG
SGSDSPAATLTYFYAGLTNGALALTRPAASSSWGAENPFFTDKFSYTLVDPLTSLVGVFDRSMLEVFVNEGAHSATMLVF
PDSPVGSMKVATGGLPEGTQVNLQVNGLESTWQSS
;
_entity_poly.pdbx_strand_id   A,B,C,D
#
loop_
_chem_comp.id
_chem_comp.type
_chem_comp.name
_chem_comp.formula
BMA D-saccharide, beta linking beta-D-mannopyranose 'C6 H12 O6'
BTB non-polymer 2-[BIS-(2-HYDROXY-ETHYL)-AMINO]-2-HYDROXYMETHYL-PROPANE-1,3-DIOL 'C8 H19 N O5'
FRU D-saccharide, beta linking beta-D-fructofuranose 'C6 H12 O6'
MAN D-saccharide, alpha linking alpha-D-mannopyranose 'C6 H12 O6'
NAG D-saccharide, beta linking 2-acetamido-2-deoxy-beta-D-glucopyranose 'C8 H15 N O6'
PEG non-polymer DI(HYDROXYETHYL)ETHER 'C4 H10 O3'
#
# COMPACT_ATOMS: atom_id res chain seq x y z
N SER A 142 -4.29 32.32 9.33
CA SER A 142 -4.83 31.00 9.75
C SER A 142 -4.09 30.51 11.01
N CYS A 143 -4.81 30.28 12.10
CA CYS A 143 -4.34 29.54 13.30
C CYS A 143 -4.36 28.04 13.00
N ALA A 144 -3.36 27.29 13.45
CA ALA A 144 -3.32 25.81 13.33
C ALA A 144 -4.56 25.22 14.01
N PRO A 145 -5.26 24.26 13.39
CA PRO A 145 -6.45 23.66 14.00
C PRO A 145 -6.14 22.84 15.27
N THR A 146 -7.06 22.87 16.23
CA THR A 146 -6.97 22.14 17.53
C THR A 146 -7.73 20.81 17.45
N SER A 147 -8.59 20.65 16.43
CA SER A 147 -9.32 19.41 16.08
C SER A 147 -9.33 19.28 14.56
N LEU A 148 -9.25 18.05 14.03
CA LEU A 148 -9.14 17.78 12.56
C LEU A 148 -10.43 17.17 12.03
N PRO A 149 -10.64 17.16 10.70
CA PRO A 149 -11.73 16.41 10.08
C PRO A 149 -11.76 14.94 10.54
N ALA A 150 -12.95 14.34 10.59
CA ALA A 150 -13.18 12.93 11.00
C ALA A 150 -12.29 11.97 10.19
N SER A 151 -12.14 12.21 8.88
CA SER A 151 -11.38 11.33 7.95
C SER A 151 -9.88 11.32 8.32
N ALA A 152 -9.39 12.41 8.94
CA ALA A 152 -7.99 12.55 9.37
C ALA A 152 -7.72 11.72 10.64
N THR A 153 -8.69 11.62 11.56
CA THR A 153 -8.49 11.00 12.90
C THR A 153 -9.05 9.57 12.96
N GLU A 154 -10.06 9.23 12.14
CA GLU A 154 -10.71 7.88 12.19
C GLU A 154 -9.68 6.82 11.76
N LEU A 155 -9.42 5.84 12.62
CA LEU A 155 -8.45 4.75 12.37
C LEU A 155 -9.16 3.61 11.65
N PRO A 156 -8.48 2.91 10.71
CA PRO A 156 -9.08 1.77 10.03
C PRO A 156 -9.31 0.63 11.04
N THR A 157 -10.22 -0.29 10.74
CA THR A 157 -10.52 -1.49 11.58
C THR A 157 -9.64 -2.65 11.14
N THR A 158 -9.03 -2.56 9.96
CA THR A 158 -8.04 -3.54 9.44
C THR A 158 -6.72 -2.82 9.14
N VAL A 159 -5.60 -3.50 9.35
CA VAL A 159 -4.24 -2.91 9.15
C VAL A 159 -4.00 -2.79 7.65
N PRO A 160 -3.62 -1.59 7.14
CA PRO A 160 -3.29 -1.44 5.73
C PRO A 160 -1.96 -2.15 5.39
N THR A 161 -1.94 -2.92 4.30
CA THR A 161 -0.75 -3.62 3.76
C THR A 161 -0.37 -3.01 2.42
N GLY A 162 0.93 -2.75 2.20
CA GLY A 162 1.52 -2.40 0.90
C GLY A 162 1.10 -1.01 0.41
N THR A 163 0.57 -0.17 1.30
CA THR A 163 0.12 1.21 0.96
C THR A 163 0.50 2.17 2.10
N VAL A 164 0.84 3.40 1.75
CA VAL A 164 1.24 4.46 2.72
C VAL A 164 -0.02 4.98 3.41
N ILE A 165 0.01 5.04 4.74
CA ILE A 165 -1.08 5.64 5.57
C ILE A 165 -0.94 7.16 5.45
N THR A 166 -1.98 7.83 4.94
N THR A 166 -1.98 7.82 4.95
CA THR A 166 -2.00 9.30 4.71
CA THR A 166 -2.02 9.29 4.71
C THR A 166 -2.16 10.01 6.06
C THR A 166 -2.16 10.00 6.06
N GLY A 167 -1.44 11.11 6.24
CA GLY A 167 -1.40 11.86 7.51
C GLY A 167 -1.73 13.33 7.30
N ASP A 168 -2.51 13.90 8.22
CA ASP A 168 -2.74 15.36 8.34
C ASP A 168 -1.82 15.87 9.46
N TYR A 169 -0.81 16.65 9.09
CA TYR A 169 0.29 17.09 9.99
C TYR A 169 0.09 18.56 10.40
N THR A 170 -1.17 19.06 10.41
CA THR A 170 -1.47 20.52 10.59
C THR A 170 -1.93 20.82 12.02
N GLY A 171 -2.15 19.83 12.88
CA GLY A 171 -2.55 20.04 14.29
C GLY A 171 -1.68 21.03 15.05
N SER A 172 -2.27 21.83 15.94
CA SER A 172 -1.58 22.85 16.78
C SER A 172 -0.48 22.24 17.66
N TYR A 173 -0.55 20.92 17.95
CA TYR A 173 0.48 20.21 18.76
C TYR A 173 1.37 19.31 17.89
N ARG A 174 1.12 19.24 16.58
CA ARG A 174 1.89 18.33 15.68
C ARG A 174 3.27 18.93 15.44
N PRO A 175 4.36 18.29 15.88
CA PRO A 175 5.70 18.82 15.63
C PRO A 175 5.98 18.84 14.12
N GLN A 176 6.69 19.87 13.65
CA GLN A 176 6.92 20.11 12.20
C GLN A 176 8.34 19.68 11.79
N VAL A 177 9.27 19.48 12.73
CA VAL A 177 10.65 19.01 12.40
C VAL A 177 11.00 17.73 13.17
N HIS A 178 10.05 17.14 13.90
CA HIS A 178 10.22 15.81 14.55
C HIS A 178 9.38 14.79 13.80
N TYR A 179 9.80 13.52 13.82
CA TYR A 179 8.96 12.43 13.25
C TYR A 179 7.80 12.13 14.20
N SER A 180 6.60 11.99 13.62
CA SER A 180 5.42 11.40 14.29
C SER A 180 4.64 10.62 13.23
N PRO A 181 3.87 9.58 13.61
CA PRO A 181 3.22 8.72 12.61
C PRO A 181 2.03 9.42 11.97
N PRO A 182 1.69 9.11 10.70
CA PRO A 182 0.59 9.80 10.02
C PRO A 182 -0.71 9.72 10.84
N LYS A 183 -0.97 8.55 11.42
CA LYS A 183 -2.11 8.31 12.32
C LYS A 183 -1.74 7.18 13.28
N GLY A 184 -2.31 7.18 14.48
CA GLY A 184 -2.17 6.07 15.44
C GLY A 184 -1.17 6.38 16.54
N PHE A 185 -0.74 5.33 17.25
CA PHE A 185 0.13 5.43 18.45
C PHE A 185 1.50 4.82 18.15
N MET A 186 2.55 5.59 18.44
CA MET A 186 3.96 5.20 18.20
C MET A 186 4.70 5.15 19.54
N ASN A 187 5.65 4.23 19.70
CA ASN A 187 6.65 4.31 20.79
C ASN A 187 8.04 4.09 20.20
N ALA A 188 8.79 3.09 20.66
CA ALA A 188 10.26 3.01 20.52
C ALA A 188 10.67 3.02 19.06
N PRO A 189 11.80 3.70 18.73
CA PRO A 189 12.44 3.58 17.43
C PRO A 189 13.01 2.17 17.31
N ASN A 190 13.01 1.63 16.09
CA ASN A 190 13.44 0.24 15.79
C ASN A 190 14.14 0.20 14.44
N GLY A 191 15.00 -0.80 14.24
CA GLY A 191 15.61 -1.12 12.94
C GLY A 191 16.42 0.02 12.36
N CYS A 192 16.85 0.98 13.18
CA CYS A 192 17.52 2.22 12.72
C CYS A 192 18.81 1.87 12.00
N HIS A 193 18.93 2.23 10.73
CA HIS A 193 20.16 2.00 9.94
C HIS A 193 20.17 2.94 8.73
N ARG A 194 21.37 3.16 8.18
CA ARG A 194 21.61 3.93 6.93
C ARG A 194 21.97 2.93 5.84
N ASP A 195 21.28 2.95 4.70
CA ASP A 195 21.60 2.07 3.55
C ASP A 195 22.78 2.67 2.78
N ARG A 196 23.34 1.90 1.84
CA ARG A 196 24.58 2.24 1.09
C ARG A 196 24.36 3.52 0.27
N ASN A 197 23.11 3.79 -0.11
CA ASN A 197 22.69 4.96 -0.92
C ASN A 197 22.60 6.24 -0.06
N GLY A 198 22.70 6.11 1.26
CA GLY A 198 22.66 7.25 2.21
C GLY A 198 21.27 7.51 2.75
N THR A 199 20.28 6.64 2.48
CA THR A 199 18.92 6.77 3.06
C THR A 199 18.94 6.21 4.48
N TYR A 200 18.52 7.04 5.44
CA TYR A 200 18.24 6.63 6.84
C TYR A 200 16.87 5.97 6.90
N HIS A 201 16.81 4.77 7.44
CA HIS A 201 15.57 4.01 7.71
C HIS A 201 15.24 4.10 9.20
N LEU A 202 14.11 4.73 9.52
CA LEU A 202 13.53 4.73 10.88
C LEU A 202 12.35 3.75 10.88
N TYR A 203 12.42 2.69 11.69
CA TYR A 203 11.22 1.88 11.98
C TYR A 203 10.78 2.27 13.38
N TYR A 204 9.55 1.91 13.74
CA TYR A 204 8.97 2.33 15.02
C TYR A 204 7.84 1.40 15.45
N GLN A 205 7.77 1.16 16.76
CA GLN A 205 6.65 0.43 17.41
C GLN A 205 5.38 1.20 17.07
N TYR A 206 4.38 0.51 16.53
CA TYR A 206 3.23 1.17 15.84
C TYR A 206 1.95 0.36 16.10
N ASN A 207 0.97 1.01 16.71
CA ASN A 207 -0.43 0.52 16.77
C ASN A 207 -1.20 1.24 15.67
N PRO A 208 -1.47 0.61 14.51
CA PRO A 208 -2.21 1.25 13.44
C PRO A 208 -3.72 1.39 13.75
N LEU A 209 -4.21 0.71 14.79
CA LEU A 209 -5.66 0.50 15.04
C LEU A 209 -6.18 1.36 16.20
N GLU A 210 -5.30 1.97 17.01
CA GLU A 210 -5.71 2.69 18.25
C GLU A 210 -4.73 3.83 18.54
N TYR A 211 -5.12 4.75 19.42
CA TYR A 211 -4.28 5.87 19.94
C TYR A 211 -3.67 5.47 21.28
N VAL A 212 -3.58 4.17 21.57
CA VAL A 212 -2.91 3.61 22.78
C VAL A 212 -2.00 2.47 22.35
N ALA A 213 -1.19 1.95 23.27
CA ALA A 213 -0.22 0.86 23.00
C ALA A 213 -1.00 -0.41 22.67
N GLY A 214 -0.48 -1.21 21.73
CA GLY A 214 -1.05 -2.52 21.37
C GLY A 214 -0.81 -2.87 19.91
N ASN A 215 -1.13 -4.11 19.53
CA ASN A 215 -1.19 -4.55 18.12
C ASN A 215 0.11 -4.18 17.42
N GLN A 216 1.26 -4.33 18.09
CA GLN A 216 2.52 -3.67 17.64
C GLN A 216 2.93 -4.23 16.28
N HIS A 217 3.14 -3.32 15.33
CA HIS A 217 3.82 -3.51 14.03
C HIS A 217 5.09 -2.65 14.01
N TRP A 218 6.00 -2.91 13.07
CA TRP A 218 7.06 -1.94 12.73
C TRP A 218 6.55 -1.02 11.61
N GLY A 219 6.26 0.24 11.96
CA GLY A 219 6.11 1.33 11.00
C GLY A 219 7.44 1.64 10.35
N HIS A 220 7.42 2.39 9.25
CA HIS A 220 8.64 2.69 8.46
C HIS A 220 8.55 4.11 7.88
N ALA A 221 9.61 4.90 8.07
CA ALA A 221 9.79 6.21 7.40
C ALA A 221 11.25 6.31 6.96
N THR A 222 11.51 7.03 5.88
CA THR A 222 12.84 7.20 5.29
C THR A 222 13.16 8.69 5.17
N SER A 223 14.46 9.02 5.23
N SER A 223 14.46 9.02 5.24
CA SER A 223 14.99 10.39 5.10
CA SER A 223 14.99 10.40 5.09
C SER A 223 16.47 10.30 4.69
C SER A 223 16.47 10.30 4.69
N ASP A 224 16.97 11.30 3.96
N ASP A 224 16.98 11.29 3.96
CA ASP A 224 18.41 11.41 3.63
CA ASP A 224 18.42 11.40 3.65
C ASP A 224 19.08 12.37 4.63
C ASP A 224 19.08 12.36 4.64
N ASP A 225 18.31 13.07 5.46
CA ASP A 225 18.85 14.11 6.37
C ASP A 225 18.32 14.02 7.81
N LEU A 226 17.48 13.02 8.12
CA LEU A 226 16.91 12.76 9.47
C LEU A 226 15.92 13.86 9.88
N TYR A 227 15.46 14.70 8.94
CA TYR A 227 14.40 15.71 9.19
C TYR A 227 13.26 15.62 8.17
N HIS A 228 13.58 15.46 6.89
CA HIS A 228 12.54 15.37 5.82
C HIS A 228 12.14 13.91 5.64
N TRP A 229 11.11 13.49 6.37
CA TRP A 229 10.66 12.07 6.44
C TRP A 229 9.63 11.82 5.34
N THR A 230 9.73 10.66 4.69
CA THR A 230 8.67 10.09 3.82
C THR A 230 8.12 8.84 4.49
N ASN A 231 6.81 8.82 4.72
CA ASN A 231 6.11 7.65 5.30
C ASN A 231 6.12 6.52 4.28
N GLN A 232 6.31 5.29 4.76
CA GLN A 232 6.39 4.07 3.93
C GLN A 232 5.30 3.12 4.42
N PRO A 233 4.99 2.05 3.65
CA PRO A 233 4.09 1.03 4.12
C PRO A 233 4.68 0.37 5.37
N ILE A 234 3.82 -0.20 6.22
CA ILE A 234 4.23 -0.99 7.41
C ILE A 234 5.22 -2.06 6.91
N ALA A 235 6.33 -2.25 7.64
CA ALA A 235 7.51 -3.06 7.23
C ALA A 235 7.42 -4.48 7.80
N ILE A 236 7.02 -4.63 9.07
CA ILE A 236 6.95 -5.96 9.76
C ILE A 236 5.60 -6.11 10.44
N PHE A 237 4.93 -7.22 10.12
CA PHE A 237 3.58 -7.59 10.62
C PHE A 237 3.72 -8.79 11.55
N PRO A 238 2.89 -8.87 12.61
CA PRO A 238 2.82 -10.09 13.41
C PRO A 238 2.18 -11.18 12.56
N PRO A 239 2.38 -12.47 12.89
CA PRO A 239 1.86 -13.56 12.08
C PRO A 239 0.33 -13.69 12.18
N ASN A 240 -0.26 -13.11 13.23
CA ASN A 240 -1.72 -13.20 13.51
C ASN A 240 -2.13 -12.06 14.46
N SER A 241 -3.37 -12.10 14.95
CA SER A 241 -3.99 -11.01 15.74
C SER A 241 -3.73 -11.18 17.24
N THR A 242 -3.09 -12.28 17.66
CA THR A 242 -2.81 -12.58 19.09
C THR A 242 -1.30 -12.57 19.35
N SER A 243 -0.52 -11.92 18.49
CA SER A 243 0.95 -11.77 18.63
C SER A 243 1.35 -10.35 18.18
N GLN A 244 2.51 -9.85 18.63
CA GLN A 244 2.93 -8.45 18.40
C GLN A 244 4.42 -8.44 18.05
N VAL A 245 4.81 -7.53 17.15
CA VAL A 245 6.22 -7.30 16.75
C VAL A 245 6.77 -6.21 17.68
N PHE A 246 7.47 -6.62 18.73
CA PHE A 246 8.09 -5.73 19.74
C PHE A 246 9.43 -5.24 19.18
N SER A 247 10.20 -4.53 19.99
CA SER A 247 11.37 -3.74 19.52
C SER A 247 12.47 -4.67 19.00
N GLY A 248 13.38 -4.08 18.22
CA GLY A 248 14.53 -4.78 17.64
C GLY A 248 15.34 -3.83 16.79
N SER A 249 16.29 -4.39 16.07
CA SER A 249 17.35 -3.65 15.36
C SER A 249 17.43 -4.19 13.95
N ALA A 250 18.26 -3.57 13.12
CA ALA A 250 18.53 -4.02 11.73
C ALA A 250 20.01 -3.80 11.43
N VAL A 251 20.56 -4.66 10.59
CA VAL A 251 21.96 -4.57 10.13
C VAL A 251 21.98 -4.84 8.63
N LEU A 252 22.91 -4.20 7.92
CA LEU A 252 23.27 -4.56 6.53
C LEU A 252 24.12 -5.83 6.59
N ASP A 253 23.92 -6.75 5.65
CA ASP A 253 24.68 -8.03 5.56
C ASP A 253 25.27 -8.11 4.16
N PRO A 254 26.16 -7.18 3.78
CA PRO A 254 26.66 -7.09 2.40
C PRO A 254 27.48 -8.31 1.96
N ASN A 255 28.01 -9.07 2.94
CA ASN A 255 28.89 -10.25 2.72
C ASN A 255 28.07 -11.54 2.82
N ASN A 256 26.74 -11.45 2.98
CA ASN A 256 25.81 -12.61 2.98
C ASN A 256 26.26 -13.64 4.02
N THR A 257 26.63 -13.21 5.23
CA THR A 257 26.93 -14.12 6.36
C THR A 257 25.67 -14.92 6.70
N SER A 258 24.48 -14.35 6.46
CA SER A 258 23.18 -14.97 6.80
C SER A 258 22.81 -16.09 5.83
N GLY A 259 23.31 -16.04 4.59
CA GLY A 259 22.89 -16.93 3.49
C GLY A 259 21.59 -16.49 2.82
N PHE A 260 20.99 -15.37 3.25
CA PHE A 260 19.69 -14.87 2.71
C PHE A 260 19.89 -14.15 1.37
N PHE A 261 21.13 -13.79 1.00
CA PHE A 261 21.43 -12.77 -0.04
C PHE A 261 22.44 -13.31 -1.06
N PRO A 262 22.13 -14.44 -1.75
CA PRO A 262 23.04 -14.99 -2.76
C PRO A 262 23.31 -14.04 -3.95
N ASN A 263 22.42 -13.09 -4.25
CA ASN A 263 22.51 -12.26 -5.49
C ASN A 263 22.44 -10.77 -5.19
N THR A 264 22.69 -10.32 -3.95
CA THR A 264 22.71 -8.88 -3.59
C THR A 264 23.72 -8.63 -2.45
N THR A 265 24.31 -7.43 -2.46
CA THR A 265 25.18 -6.91 -1.38
C THR A 265 24.43 -5.85 -0.56
N ASP A 266 23.13 -5.69 -0.80
CA ASP A 266 22.29 -4.63 -0.15
C ASP A 266 21.27 -5.26 0.79
N GLY A 267 21.46 -6.54 1.16
CA GLY A 267 20.56 -7.25 2.08
C GLY A 267 20.49 -6.57 3.44
N VAL A 268 19.29 -6.51 4.01
CA VAL A 268 18.98 -5.97 5.37
C VAL A 268 18.42 -7.12 6.19
N VAL A 269 18.89 -7.31 7.43
CA VAL A 269 18.32 -8.30 8.37
C VAL A 269 17.74 -7.56 9.58
N ALA A 270 16.45 -7.77 9.86
CA ALA A 270 15.80 -7.32 11.10
C ALA A 270 15.89 -8.45 12.12
N VAL A 271 16.29 -8.10 13.35
CA VAL A 271 16.26 -9.00 14.52
C VAL A 271 15.38 -8.33 15.56
N TYR A 272 14.28 -8.99 15.94
CA TYR A 272 13.21 -8.35 16.76
C TYR A 272 12.61 -9.37 17.69
N THR A 273 11.93 -8.87 18.72
CA THR A 273 11.17 -9.68 19.69
C THR A 273 9.77 -9.94 19.13
N LEU A 274 9.38 -11.21 19.06
CA LEU A 274 7.96 -11.61 18.87
C LEU A 274 7.35 -11.83 20.25
N ASN A 275 6.31 -11.07 20.56
CA ASN A 275 5.52 -11.22 21.80
C ASN A 275 4.35 -12.15 21.53
N THR A 276 4.34 -13.31 22.20
CA THR A 276 3.21 -14.28 22.27
C THR A 276 2.49 -14.06 23.59
N PRO A 277 1.28 -14.61 23.80
CA PRO A 277 0.61 -14.51 25.11
C PRO A 277 1.45 -15.08 26.26
N THR A 278 2.35 -16.03 26.00
CA THR A 278 3.13 -16.75 27.05
C THR A 278 4.64 -16.48 26.95
N LEU A 279 5.16 -16.00 25.81
CA LEU A 279 6.64 -15.91 25.60
C LEU A 279 7.04 -14.62 24.87
N GLN A 280 8.29 -14.25 25.08
CA GLN A 280 9.03 -13.28 24.24
C GLN A 280 10.24 -14.01 23.66
N VAL A 281 10.32 -14.07 22.33
CA VAL A 281 11.39 -14.80 21.60
C VAL A 281 12.00 -13.85 20.57
N GLN A 282 13.24 -14.11 20.17
CA GLN A 282 13.92 -13.30 19.13
C GLN A 282 13.73 -13.99 17.78
N GLU A 283 13.35 -13.20 16.79
CA GLU A 283 13.07 -13.64 15.40
C GLU A 283 13.91 -12.83 14.43
N VAL A 284 14.06 -13.35 13.23
CA VAL A 284 14.84 -12.75 12.12
C VAL A 284 13.91 -12.61 10.92
N ALA A 285 14.03 -11.50 10.20
CA ALA A 285 13.37 -11.28 8.90
C ALA A 285 14.36 -10.57 8.00
N TYR A 286 14.29 -10.82 6.69
CA TYR A 286 15.29 -10.28 5.73
C TYR A 286 14.56 -9.56 4.59
N SER A 287 15.24 -8.55 4.04
CA SER A 287 14.74 -7.69 2.93
C SER A 287 15.79 -7.65 1.82
N THR A 288 15.36 -7.91 0.59
CA THR A 288 16.20 -7.82 -0.64
C THR A 288 15.89 -6.53 -1.39
N ASP A 289 14.92 -5.72 -0.93
CA ASP A 289 14.41 -4.54 -1.68
C ASP A 289 14.81 -3.23 -0.97
N GLY A 290 15.79 -3.27 -0.07
CA GLY A 290 16.32 -2.08 0.62
C GLY A 290 15.61 -1.77 1.94
N GLY A 291 14.84 -2.73 2.48
CA GLY A 291 14.26 -2.67 3.84
C GLY A 291 12.81 -2.20 3.86
N TYR A 292 12.07 -2.35 2.76
CA TYR A 292 10.63 -1.96 2.64
C TYR A 292 9.75 -3.18 2.90
N ASN A 293 10.12 -4.34 2.36
CA ASN A 293 9.40 -5.62 2.53
C ASN A 293 10.35 -6.64 3.16
N PHE A 294 9.86 -7.35 4.18
CA PHE A 294 10.63 -8.34 4.98
C PHE A 294 9.97 -9.71 4.89
N THR A 295 10.79 -10.73 4.64
CA THR A 295 10.40 -12.16 4.68
C THR A 295 10.85 -12.74 6.02
N PRO A 296 9.94 -13.32 6.82
CA PRO A 296 10.34 -14.00 8.06
C PRO A 296 11.23 -15.20 7.72
N TYR A 297 12.29 -15.38 8.51
CA TYR A 297 13.17 -16.58 8.48
C TYR A 297 12.30 -17.82 8.70
N GLU A 298 12.52 -18.85 7.87
CA GLU A 298 11.68 -20.08 7.83
C GLU A 298 11.81 -20.87 9.15
N ASN A 299 12.93 -20.78 9.87
CA ASN A 299 13.15 -21.58 11.11
C ASN A 299 13.14 -20.69 12.36
N ASN A 300 12.37 -19.58 12.34
CA ASN A 300 12.11 -18.74 13.54
C ASN A 300 11.39 -19.58 14.59
N PRO A 301 11.52 -19.24 15.90
CA PRO A 301 12.44 -18.22 16.38
C PRO A 301 13.91 -18.69 16.45
N VAL A 302 14.83 -17.73 16.52
CA VAL A 302 16.30 -18.00 16.50
C VAL A 302 16.83 -18.07 17.94
N LEU A 303 16.12 -17.50 18.92
CA LEU A 303 16.60 -17.45 20.33
C LEU A 303 15.43 -17.33 21.30
N SER A 304 15.39 -18.21 22.29
CA SER A 304 14.43 -18.20 23.42
C SER A 304 15.15 -18.69 24.67
N VAL A 305 14.72 -18.23 25.84
CA VAL A 305 15.15 -18.76 27.16
C VAL A 305 13.91 -19.16 27.95
N GLY A 306 12.78 -19.36 27.27
CA GLY A 306 11.52 -19.81 27.89
C GLY A 306 10.92 -18.78 28.81
N SER A 307 11.10 -17.49 28.51
CA SER A 307 10.67 -16.35 29.36
C SER A 307 9.70 -15.45 28.61
N ASN A 308 8.79 -14.79 29.33
N ASN A 308 8.82 -14.78 29.36
CA ASN A 308 7.91 -13.72 28.77
CA ASN A 308 7.90 -13.73 28.86
C ASN A 308 8.50 -12.35 29.13
C ASN A 308 8.51 -12.35 29.10
N GLN A 309 9.79 -12.29 29.48
CA GLN A 309 10.49 -11.01 29.80
C GLN A 309 11.91 -11.09 29.23
N PHE A 310 12.01 -11.01 27.90
CA PHE A 310 13.24 -11.33 27.14
C PHE A 310 13.15 -10.63 25.78
N ARG A 311 13.65 -9.40 25.66
CA ARG A 311 13.24 -8.55 24.51
C ARG A 311 14.27 -7.49 24.15
N ASP A 312 14.08 -6.94 22.96
CA ASP A 312 14.74 -5.71 22.44
C ASP A 312 16.16 -6.03 22.01
N PRO A 313 16.39 -6.98 21.07
CA PRO A 313 17.74 -7.31 20.61
C PRO A 313 18.36 -6.19 19.78
N LYS A 314 19.57 -5.80 20.15
CA LYS A 314 20.38 -4.82 19.37
C LYS A 314 21.61 -5.55 18.84
N VAL A 315 21.68 -5.71 17.52
CA VAL A 315 22.71 -6.55 16.85
C VAL A 315 23.68 -5.63 16.12
N PHE A 316 24.97 -6.00 16.13
CA PHE A 316 26.05 -5.27 15.44
C PHE A 316 27.19 -6.25 15.16
N TRP A 317 28.02 -5.89 14.17
CA TRP A 317 29.24 -6.65 13.79
C TRP A 317 30.41 -6.22 14.68
N TYR A 318 31.10 -7.19 15.27
CA TYR A 318 32.38 -6.98 15.99
C TYR A 318 33.45 -7.89 15.37
N GLU A 319 34.19 -7.32 14.41
CA GLU A 319 35.46 -7.86 13.84
C GLU A 319 35.19 -9.09 12.97
N ASP A 320 34.72 -10.18 13.56
CA ASP A 320 34.60 -11.51 12.89
C ASP A 320 33.30 -12.21 13.30
N HIS A 321 32.38 -11.52 13.99
CA HIS A 321 31.11 -12.13 14.42
C HIS A 321 30.06 -11.05 14.70
N TRP A 322 28.80 -11.48 14.72
CA TRP A 322 27.63 -10.69 15.14
C TRP A 322 27.53 -10.75 16.66
N VAL A 323 27.15 -9.63 17.28
CA VAL A 323 26.86 -9.55 18.73
C VAL A 323 25.41 -9.12 18.87
N MET A 324 24.70 -9.73 19.82
CA MET A 324 23.35 -9.31 20.24
C MET A 324 23.40 -8.89 21.70
N ALA A 325 22.96 -7.67 22.02
CA ALA A 325 22.58 -7.26 23.39
C ALA A 325 21.06 -7.37 23.51
N VAL A 326 20.56 -8.10 24.50
CA VAL A 326 19.09 -8.33 24.66
C VAL A 326 18.77 -8.29 26.15
N ALA A 327 17.58 -7.80 26.52
CA ALA A 327 17.20 -7.56 27.93
C ALA A 327 16.44 -8.75 28.49
N ALA A 328 17.00 -9.41 29.51
CA ALA A 328 16.22 -10.19 30.50
C ALA A 328 15.59 -9.17 31.44
N ALA A 329 14.46 -8.59 30.98
CA ALA A 329 13.96 -7.27 31.41
C ALA A 329 13.73 -7.24 32.92
N ASN A 330 13.04 -8.23 33.48
CA ASN A 330 12.61 -8.20 34.91
C ASN A 330 13.68 -8.84 35.80
N ASP A 331 14.79 -9.31 35.23
CA ASP A 331 15.98 -9.80 35.97
C ASP A 331 17.07 -8.72 36.01
N PHE A 332 16.84 -7.54 35.41
CA PHE A 332 17.83 -6.43 35.36
C PHE A 332 19.15 -6.96 34.83
N THR A 333 19.09 -7.69 33.72
CA THR A 333 20.27 -8.29 33.05
C THR A 333 20.21 -7.98 31.57
N ILE A 334 21.30 -7.47 31.01
CA ILE A 334 21.54 -7.47 29.55
C ILE A 334 22.35 -8.73 29.26
N GLU A 335 21.79 -9.61 28.44
CA GLU A 335 22.49 -10.83 27.96
C GLU A 335 23.16 -10.51 26.64
N ILE A 336 24.41 -10.95 26.47
CA ILE A 336 25.18 -10.82 25.21
C ILE A 336 25.32 -12.21 24.59
N TYR A 337 24.89 -12.33 23.33
CA TYR A 337 25.01 -13.54 22.49
C TYR A 337 25.86 -13.21 21.26
N THR A 338 26.48 -14.23 20.66
CA THR A 338 27.30 -14.09 19.43
C THR A 338 26.75 -15.04 18.37
N SER A 339 27.02 -14.74 17.11
CA SER A 339 26.56 -15.52 15.93
C SER A 339 27.47 -15.26 14.74
N PRO A 340 27.81 -16.31 13.96
CA PRO A 340 28.47 -16.12 12.67
C PRO A 340 27.51 -15.70 11.55
N ASN A 341 26.20 -15.97 11.70
CA ASN A 341 25.23 -15.92 10.56
C ASN A 341 23.86 -15.35 10.94
N LEU A 342 23.69 -14.80 12.15
CA LEU A 342 22.46 -14.08 12.61
C LEU A 342 21.31 -15.04 12.95
N THR A 343 21.44 -16.36 12.77
CA THR A 343 20.35 -17.35 13.03
C THR A 343 20.75 -18.31 14.15
N SER A 344 22.04 -18.63 14.27
CA SER A 344 22.61 -19.50 15.34
C SER A 344 23.29 -18.64 16.40
N TRP A 345 22.70 -18.54 17.59
CA TRP A 345 23.14 -17.65 18.69
C TRP A 345 23.72 -18.48 19.84
N THR A 346 24.87 -18.05 20.38
CA THR A 346 25.57 -18.69 21.52
C THR A 346 25.72 -17.66 22.64
N PHE A 347 25.35 -18.04 23.87
CA PHE A 347 25.49 -17.17 25.06
C PHE A 347 26.97 -16.81 25.24
N ALA A 348 27.24 -15.51 25.50
CA ALA A 348 28.60 -14.98 25.78
C ALA A 348 28.69 -14.53 27.24
N SER A 349 27.86 -13.59 27.68
CA SER A 349 28.03 -12.97 29.02
C SER A 349 26.74 -12.28 29.48
N ASN A 350 26.70 -12.00 30.79
CA ASN A 350 25.62 -11.25 31.46
C ASN A 350 26.18 -9.93 32.00
N PHE A 351 25.38 -8.87 31.93
CA PHE A 351 25.63 -7.55 32.59
C PHE A 351 24.43 -7.28 33.49
N THR A 352 24.56 -7.44 34.81
CA THR A 352 23.37 -7.51 35.72
C THR A 352 23.49 -6.54 36.91
N HIS A 353 22.34 -5.98 37.30
CA HIS A 353 22.15 -5.12 38.51
C HIS A 353 23.17 -3.98 38.49
N HIS A 354 23.21 -3.23 37.38
CA HIS A 354 24.03 -2.01 37.22
C HIS A 354 23.12 -0.77 37.21
N GLY A 355 23.57 0.31 37.84
CA GLY A 355 22.89 1.61 37.86
C GLY A 355 21.51 1.51 38.49
N LEU A 356 20.57 2.33 38.04
CA LEU A 356 19.18 2.31 38.54
C LEU A 356 18.49 1.08 37.97
N LEU A 357 17.77 0.33 38.81
CA LEU A 357 17.04 -0.88 38.35
C LEU A 357 15.70 -0.44 37.72
N GLY A 358 15.01 0.52 38.31
CA GLY A 358 13.58 0.76 38.02
C GLY A 358 12.82 -0.55 38.18
N LEU A 359 11.88 -0.84 37.27
CA LEU A 359 11.05 -2.08 37.32
C LEU A 359 11.44 -3.05 36.20
N ALA A 360 12.26 -2.61 35.23
CA ALA A 360 12.71 -3.44 34.09
C ALA A 360 13.83 -2.74 33.32
N TYR A 361 14.75 -3.53 32.78
CA TYR A 361 15.72 -3.12 31.74
C TYR A 361 15.05 -3.28 30.37
N GLU A 362 15.19 -2.29 29.50
CA GLU A 362 14.62 -2.33 28.13
C GLU A 362 15.60 -1.71 27.14
N CYS A 363 15.44 -2.05 25.85
CA CYS A 363 16.09 -1.39 24.68
C CYS A 363 17.57 -1.13 24.93
N PRO A 364 18.35 -2.17 25.30
CA PRO A 364 19.79 -2.03 25.45
C PRO A 364 20.45 -1.66 24.12
N ASN A 365 21.38 -0.70 24.16
CA ASN A 365 22.28 -0.39 23.03
C ASN A 365 23.73 -0.48 23.53
N LEU A 366 24.55 -1.26 22.83
CA LEU A 366 26.00 -1.41 23.11
C LEU A 366 26.76 -0.83 21.92
N VAL A 367 27.36 0.35 22.10
CA VAL A 367 27.85 1.17 20.97
C VAL A 367 29.19 1.79 21.32
N GLN A 368 29.96 2.06 20.26
CA GLN A 368 31.28 2.73 20.31
C GLN A 368 31.04 4.22 20.06
N VAL A 369 31.35 5.06 21.03
CA VAL A 369 31.04 6.51 20.97
C VAL A 369 32.35 7.29 20.97
N PRO A 370 32.58 8.15 19.96
CA PRO A 370 33.82 8.93 19.89
C PRO A 370 33.86 10.04 20.94
N PHE A 371 35.08 10.44 21.33
CA PHE A 371 35.33 11.56 22.26
C PHE A 371 35.05 12.88 21.52
N GLN A 372 34.36 13.80 22.19
CA GLN A 372 33.94 15.09 21.57
C GLN A 372 35.18 15.89 21.13
N ASP A 373 36.24 15.88 21.93
CA ASP A 373 37.44 16.75 21.74
C ASP A 373 38.50 16.03 20.88
N ASP A 374 38.31 14.74 20.57
CA ASP A 374 39.31 13.92 19.83
C ASP A 374 38.62 12.77 19.11
N PRO A 375 38.25 12.98 17.82
CA PRO A 375 37.60 11.96 17.00
C PRO A 375 38.31 10.61 16.89
N SER A 376 39.63 10.59 17.06
CA SER A 376 40.49 9.37 16.94
C SER A 376 40.32 8.47 18.16
N LYS A 377 39.72 8.97 19.25
CA LYS A 377 39.49 8.17 20.48
C LYS A 377 38.00 7.87 20.62
N SER A 378 37.68 6.77 21.28
CA SER A 378 36.30 6.32 21.54
C SER A 378 36.28 5.41 22.76
N ALA A 379 35.10 5.18 23.33
CA ALA A 379 34.88 4.14 24.34
C ALA A 379 33.55 3.46 24.04
N TRP A 380 33.41 2.24 24.54
CA TRP A 380 32.13 1.49 24.50
C TRP A 380 31.19 2.04 25.56
N LEU A 381 29.90 2.03 25.23
CA LEU A 381 28.84 2.56 26.09
C LEU A 381 27.69 1.56 26.03
N MET A 382 27.25 1.11 27.21
CA MET A 382 25.99 0.36 27.36
C MET A 382 24.92 1.39 27.74
N TYR A 383 23.92 1.57 26.88
CA TYR A 383 22.75 2.43 27.15
C TYR A 383 21.58 1.52 27.49
N ILE A 384 20.90 1.77 28.62
CA ILE A 384 19.75 0.94 29.05
C ILE A 384 18.60 1.88 29.39
N SER A 385 17.42 1.58 28.83
CA SER A 385 16.14 2.26 29.19
C SER A 385 15.50 1.49 30.35
N ILE A 386 14.94 2.19 31.33
CA ILE A 386 14.21 1.54 32.47
C ILE A 386 12.79 2.11 32.55
N ASN A 387 11.84 1.23 32.82
CA ASN A 387 10.41 1.62 32.97
C ASN A 387 9.62 0.49 33.60
N PRO A 388 8.68 0.78 34.54
CA PRO A 388 8.65 2.04 35.26
C PRO A 388 9.78 2.14 36.29
N GLY A 389 9.64 3.04 37.27
CA GLY A 389 10.53 3.13 38.45
C GLY A 389 11.65 4.15 38.29
N ALA A 390 11.64 4.97 37.24
CA ALA A 390 12.60 6.08 37.05
C ALA A 390 12.43 7.08 38.18
N PRO A 391 13.52 7.77 38.61
CA PRO A 391 13.42 8.74 39.70
C PRO A 391 12.33 9.82 39.53
N LEU A 392 12.18 10.39 38.33
CA LEU A 392 11.14 11.44 38.05
C LEU A 392 9.77 10.79 37.84
N GLY A 393 9.71 9.46 37.85
CA GLY A 393 8.49 8.69 37.55
C GLY A 393 8.53 8.10 36.17
N GLY A 394 8.11 6.84 36.04
CA GLY A 394 7.96 6.17 34.75
C GLY A 394 9.30 5.78 34.14
N SER A 395 9.56 6.28 32.94
CA SER A 395 10.61 5.81 32.01
C SER A 395 11.79 6.78 31.99
N VAL A 396 13.01 6.27 31.87
CA VAL A 396 14.22 7.11 31.68
C VAL A 396 15.34 6.26 31.07
N GLY A 397 16.30 6.91 30.43
CA GLY A 397 17.51 6.26 29.90
C GLY A 397 18.70 6.49 30.82
N GLN A 398 19.60 5.51 30.91
CA GLN A 398 20.87 5.63 31.66
C GLN A 398 21.97 4.98 30.83
N TYR A 399 23.23 5.21 31.17
CA TYR A 399 24.35 4.67 30.38
C TYR A 399 25.54 4.36 31.30
N PHE A 400 26.43 3.55 30.76
CA PHE A 400 27.64 3.01 31.44
C PHE A 400 28.79 3.04 30.44
N PRO A 401 29.81 3.92 30.63
CA PRO A 401 31.01 3.86 29.82
C PRO A 401 31.87 2.66 30.25
N GLY A 402 32.54 2.03 29.28
CA GLY A 402 33.29 0.80 29.60
C GLY A 402 34.03 0.23 28.41
N ASP A 403 34.45 -1.03 28.57
CA ASP A 403 35.24 -1.79 27.58
C ASP A 403 34.39 -2.95 27.07
N PHE A 404 34.45 -3.20 25.76
CA PHE A 404 33.81 -4.38 25.11
C PHE A 404 34.88 -5.08 24.26
N ASN A 405 34.99 -6.41 24.38
CA ASN A 405 36.06 -7.19 23.73
C ASN A 405 35.47 -8.22 22.76
N GLY A 406 34.18 -8.11 22.43
CA GLY A 406 33.47 -9.02 21.52
C GLY A 406 32.57 -10.00 22.24
N THR A 407 32.80 -10.27 23.53
CA THR A 407 32.00 -11.21 24.35
C THR A 407 31.53 -10.58 25.67
N HIS A 408 32.35 -9.72 26.30
CA HIS A 408 32.05 -9.16 27.64
C HIS A 408 32.14 -7.63 27.61
N PHE A 409 31.13 -6.99 28.19
CA PHE A 409 31.15 -5.54 28.52
C PHE A 409 31.49 -5.38 30.02
N VAL A 410 32.53 -4.59 30.31
CA VAL A 410 32.95 -4.28 31.70
C VAL A 410 32.92 -2.75 31.87
N ALA A 411 32.02 -2.27 32.74
CA ALA A 411 31.88 -0.83 33.06
C ALA A 411 33.17 -0.34 33.75
N TYR A 412 33.57 0.89 33.49
CA TYR A 412 34.79 1.48 34.08
C TYR A 412 34.62 1.66 35.60
N ASP A 413 33.39 1.87 36.09
CA ASP A 413 33.11 2.05 37.54
C ASP A 413 31.67 1.60 37.84
N SER A 414 31.24 1.75 39.09
CA SER A 414 29.93 1.28 39.59
C SER A 414 28.91 2.43 39.67
N ALA A 415 29.18 3.55 38.98
CA ALA A 415 28.32 4.76 39.01
C ALA A 415 27.10 4.55 38.12
N ALA A 416 26.00 5.21 38.46
CA ALA A 416 24.77 5.35 37.65
C ALA A 416 24.78 6.75 37.04
N ARG A 417 24.44 6.87 35.76
CA ARG A 417 24.46 8.15 35.01
C ARG A 417 23.19 8.25 34.16
N ILE A 418 22.36 9.27 34.44
CA ILE A 418 21.08 9.53 33.73
C ILE A 418 21.37 10.41 32.50
N ALA A 419 20.79 10.05 31.36
CA ALA A 419 21.13 10.61 30.02
C ALA A 419 20.47 11.98 29.79
N ASP A 420 19.29 12.22 30.37
CA ASP A 420 18.45 13.41 30.10
C ASP A 420 17.87 13.86 31.44
N PHE A 421 17.84 15.16 31.75
CA PHE A 421 17.45 15.63 33.10
C PHE A 421 15.95 15.99 33.16
N ALA A 422 15.17 15.75 32.10
CA ALA A 422 13.70 15.83 32.16
C ALA A 422 13.11 14.42 32.04
N LYS A 423 11.84 14.25 31.67
CA LYS A 423 11.23 12.89 31.75
C LYS A 423 10.65 12.42 30.41
N ASP A 424 10.92 13.10 29.29
CA ASP A 424 10.32 12.76 27.97
C ASP A 424 11.40 12.34 26.97
N ASN A 425 12.29 11.42 27.36
CA ASN A 425 13.33 10.86 26.46
C ASN A 425 13.53 9.40 26.83
N TYR A 426 13.16 8.48 25.94
CA TYR A 426 13.15 7.03 26.26
C TYR A 426 13.44 6.19 25.02
N ALA A 427 14.01 5.01 25.26
CA ALA A 427 14.18 3.94 24.25
C ALA A 427 15.08 4.45 23.11
N SER A 428 16.09 5.27 23.43
CA SER A 428 17.13 5.69 22.46
C SER A 428 17.60 4.44 21.70
N GLN A 429 17.66 4.53 20.38
CA GLN A 429 18.35 3.51 19.55
C GLN A 429 19.37 4.20 18.63
N TRP A 430 20.52 3.56 18.47
CA TRP A 430 21.62 4.04 17.60
C TRP A 430 21.43 3.47 16.18
N PHE A 431 21.64 4.32 15.18
CA PHE A 431 21.64 3.92 13.74
C PHE A 431 22.85 3.03 13.47
N ALA A 432 22.62 1.89 12.83
CA ALA A 432 23.65 0.97 12.30
C ALA A 432 24.18 1.53 10.97
N ASP A 433 25.45 1.28 10.68
CA ASP A 433 26.04 1.51 9.34
C ASP A 433 26.11 3.01 9.04
N THR A 434 26.43 3.84 10.04
CA THR A 434 26.64 5.31 9.86
C THR A 434 27.95 5.53 9.08
N GLU A 435 28.10 6.72 8.51
CA GLU A 435 29.31 7.15 7.77
C GLU A 435 30.23 7.93 8.71
N ASN A 436 31.55 7.79 8.54
CA ASN A 436 32.58 8.66 9.15
C ASN A 436 32.55 8.59 10.68
N GLY A 437 32.45 7.39 11.25
CA GLY A 437 32.46 7.18 12.70
C GLY A 437 31.53 8.15 13.43
N GLU A 438 30.39 8.48 12.82
CA GLU A 438 29.34 9.32 13.45
C GLU A 438 28.50 8.41 14.35
N SER A 439 28.32 8.81 15.61
CA SER A 439 27.38 8.18 16.56
C SER A 439 26.06 8.94 16.45
N ILE A 440 25.04 8.31 15.86
CA ILE A 440 23.72 8.95 15.56
C ILE A 440 22.65 8.12 16.23
N SER A 441 21.83 8.77 17.05
CA SER A 441 20.73 8.10 17.81
C SER A 441 19.44 8.92 17.65
N ILE A 442 18.33 8.28 18.00
CA ILE A 442 17.00 8.94 18.10
C ILE A 442 16.24 8.26 19.23
N ALA A 443 15.43 9.02 19.96
CA ALA A 443 14.64 8.51 21.09
C ALA A 443 13.16 8.78 20.83
N TRP A 444 12.34 8.08 21.58
CA TRP A 444 10.90 8.36 21.73
C TRP A 444 10.74 9.48 22.76
N ALA A 445 10.16 10.61 22.34
CA ALA A 445 10.06 11.84 23.17
C ALA A 445 8.75 11.82 23.96
N SER A 446 8.66 10.93 24.94
CA SER A 446 7.46 10.76 25.80
C SER A 446 7.83 10.03 27.10
N ASN A 447 6.84 9.76 27.93
CA ASN A 447 6.99 9.02 29.21
C ASN A 447 5.83 8.05 29.32
N TRP A 448 6.10 6.79 29.66
CA TRP A 448 5.06 5.73 29.78
C TRP A 448 3.97 6.12 30.79
N GLN A 449 4.23 7.02 31.74
CA GLN A 449 3.20 7.38 32.75
C GLN A 449 2.05 8.18 32.12
N TYR A 450 2.24 8.87 31.00
CA TYR A 450 1.14 9.68 30.40
C TYR A 450 1.11 9.65 28.87
N THR A 451 1.96 8.85 28.19
CA THR A 451 2.04 8.85 26.71
C THR A 451 0.69 8.45 26.08
N GLN A 452 -0.10 7.61 26.74
CA GLN A 452 -1.38 7.08 26.19
C GLN A 452 -2.54 8.02 26.54
N GLN A 453 -2.26 9.11 27.26
CA GLN A 453 -3.28 10.07 27.75
C GLN A 453 -3.03 11.50 27.22
N VAL A 454 -1.91 11.77 26.53
CA VAL A 454 -1.57 13.15 26.05
C VAL A 454 -2.65 13.62 25.07
N PRO A 455 -3.00 14.92 25.09
CA PRO A 455 -4.15 15.41 24.32
C PRO A 455 -3.88 15.72 22.83
N THR A 456 -3.35 14.75 22.09
CA THR A 456 -3.00 14.91 20.65
C THR A 456 -3.86 13.99 19.77
N SER A 457 -4.65 13.09 20.35
CA SER A 457 -5.44 12.08 19.56
C SER A 457 -6.46 12.79 18.68
N ALA A 458 -6.98 13.94 19.10
CA ALA A 458 -7.89 14.78 18.28
C ALA A 458 -7.13 15.40 17.10
N GLN A 459 -5.79 15.34 17.10
CA GLN A 459 -4.94 15.83 15.99
C GLN A 459 -4.32 14.65 15.24
N ALA A 460 -4.87 13.44 15.38
CA ALA A 460 -4.60 12.26 14.52
C ALA A 460 -3.26 11.58 14.88
N PHE A 461 -2.75 11.72 16.11
CA PHE A 461 -1.51 10.99 16.50
C PHE A 461 -1.31 10.99 18.01
N ARG A 462 -0.54 10.00 18.46
CA ARG A 462 0.08 10.02 19.81
C ARG A 462 1.55 9.63 19.64
N SER A 463 2.44 10.51 20.09
CA SER A 463 3.90 10.29 20.26
C SER A 463 4.68 10.85 19.08
N ALA A 464 5.81 11.47 19.38
CA ALA A 464 6.84 11.88 18.43
C ALA A 464 8.21 11.39 18.90
N MET A 465 9.14 11.28 17.95
CA MET A 465 10.57 11.04 18.25
C MET A 465 11.20 12.35 18.70
N SER A 466 12.31 12.25 19.42
CA SER A 466 13.22 13.38 19.74
C SER A 466 13.79 13.92 18.43
N LEU A 467 14.44 15.08 18.48
CA LEU A 467 15.41 15.43 17.42
C LEU A 467 16.37 14.27 17.28
N PRO A 468 16.82 13.97 16.05
CA PRO A 468 17.92 13.03 15.84
C PRO A 468 19.16 13.64 16.50
N ARG A 469 20.01 12.81 17.10
CA ARG A 469 21.13 13.26 17.95
C ARG A 469 22.47 12.78 17.38
N ARG A 470 23.45 13.67 17.45
CA ARG A 470 24.89 13.36 17.35
C ARG A 470 25.39 13.12 18.78
N ASN A 471 26.04 11.98 19.02
CA ASN A 471 26.52 11.61 20.38
C ASN A 471 28.04 11.61 20.42
N TYR A 472 28.57 12.01 21.57
CA TYR A 472 30.01 11.93 21.91
C TYR A 472 30.12 11.56 23.38
N LEU A 473 31.33 11.21 23.80
CA LEU A 473 31.70 11.13 25.22
C LEU A 473 32.66 12.28 25.52
N THR A 474 32.53 12.86 26.71
CA THR A 474 33.50 13.86 27.21
C THR A 474 33.65 13.65 28.72
N ASN A 475 34.69 14.26 29.29
CA ASN A 475 34.84 14.40 30.76
C ASN A 475 34.42 15.81 31.12
N ILE A 476 33.46 15.95 32.03
CA ILE A 476 33.04 17.27 32.55
C ILE A 476 33.68 17.46 33.92
N THR A 477 33.81 18.72 34.32
CA THR A 477 34.49 19.12 35.58
C THR A 477 33.89 18.32 36.74
N ARG A 478 34.77 17.68 37.52
CA ARG A 478 34.47 16.94 38.77
C ARG A 478 33.75 15.62 38.47
N LEU A 479 32.60 15.64 37.79
CA LEU A 479 31.74 14.45 37.58
C LEU A 479 32.45 13.42 36.70
N GLY A 480 33.30 13.85 35.76
CA GLY A 480 33.99 12.95 34.82
C GLY A 480 33.09 12.54 33.67
N TRP A 481 32.89 11.24 33.47
CA TRP A 481 32.28 10.70 32.24
C TRP A 481 30.93 11.36 31.96
N ASP A 482 30.68 11.73 30.71
CA ASP A 482 29.40 12.36 30.32
C ASP A 482 29.04 11.96 28.88
N LEU A 483 27.79 11.54 28.67
CA LEU A 483 27.23 11.30 27.31
C LEU A 483 26.73 12.63 26.76
N VAL A 484 27.40 13.07 25.70
CA VAL A 484 27.06 14.33 24.98
C VAL A 484 25.97 14.00 23.97
N SER A 485 24.98 14.88 23.86
CA SER A 485 23.90 14.77 22.86
C SER A 485 23.68 16.16 22.26
N LEU A 486 23.78 16.27 20.94
CA LEU A 486 23.50 17.52 20.18
C LEU A 486 22.51 17.20 19.07
N PRO A 487 21.69 18.18 18.63
CA PRO A 487 20.80 17.98 17.50
C PRO A 487 21.66 17.66 16.27
N TYR A 488 21.33 16.58 15.56
CA TYR A 488 21.95 16.25 14.26
C TYR A 488 21.76 17.45 13.31
N ASP A 489 22.80 17.79 12.55
CA ASP A 489 22.86 18.93 11.58
C ASP A 489 21.45 19.43 11.25
N LEU A 490 21.04 20.56 11.83
CA LEU A 490 19.69 21.16 11.65
C LEU A 490 19.62 22.04 10.39
N SER A 491 20.73 22.26 9.69
CA SER A 491 20.80 23.24 8.58
C SER A 491 19.69 23.00 7.54
N PRO A 492 19.24 21.76 7.24
CA PRO A 492 18.15 21.57 6.27
C PRO A 492 16.76 22.10 6.67
N VAL A 493 16.55 22.49 7.93
CA VAL A 493 15.23 22.99 8.41
C VAL A 493 15.36 24.43 8.93
N VAL A 494 16.55 25.02 8.95
CA VAL A 494 16.75 26.37 9.54
C VAL A 494 16.27 27.41 8.52
N GLY A 495 15.30 28.23 8.92
CA GLY A 495 14.75 29.32 8.10
C GLY A 495 15.41 30.66 8.42
N PRO A 496 14.76 31.77 8.03
CA PRO A 496 15.37 33.08 8.20
C PRO A 496 15.53 33.48 9.67
N SER A 497 16.52 34.34 9.94
CA SER A 497 16.83 34.90 11.27
C SER A 497 15.64 35.72 11.79
N LEU A 498 15.24 35.51 13.03
CA LEU A 498 14.23 36.33 13.74
C LEU A 498 14.94 37.41 14.57
N LEU A 499 16.14 37.10 15.08
CA LEU A 499 16.92 38.04 15.90
C LEU A 499 18.39 37.60 15.95
N SER A 500 19.29 38.57 15.80
CA SER A 500 20.74 38.47 16.10
C SER A 500 21.06 39.60 17.07
N SER A 501 21.57 39.29 18.28
CA SER A 501 21.79 40.28 19.36
C SER A 501 23.11 39.98 20.09
N SER A 502 23.87 41.03 20.40
CA SER A 502 25.11 40.96 21.20
C SER A 502 24.92 41.73 22.51
N GLU A 503 23.67 42.03 22.87
CA GLU A 503 23.29 42.84 24.06
C GLU A 503 23.39 41.99 25.33
N ALA A 504 24.16 42.44 26.31
CA ALA A 504 24.26 41.85 27.67
C ALA A 504 23.37 42.65 28.63
N ASN A 505 22.84 42.01 29.68
CA ASN A 505 22.02 42.64 30.75
C ASN A 505 20.77 43.29 30.11
N SER A 506 20.15 42.57 29.18
CA SER A 506 18.96 43.05 28.44
C SER A 506 17.96 41.91 28.32
N THR A 507 16.74 42.24 27.89
CA THR A 507 15.70 41.26 27.52
C THR A 507 15.49 41.39 26.00
N ALA A 508 15.65 40.29 25.27
CA ALA A 508 15.31 40.19 23.83
C ALA A 508 13.92 39.57 23.73
N ASP A 509 12.99 40.30 23.12
CA ASP A 509 11.58 39.86 22.96
C ASP A 509 11.41 39.48 21.49
N VAL A 510 11.22 38.18 21.20
CA VAL A 510 11.23 37.64 19.81
C VAL A 510 9.85 37.05 19.50
N ASP A 511 9.09 37.71 18.63
CA ASP A 511 7.77 37.22 18.16
C ASP A 511 8.00 36.23 17.01
N PHE A 512 7.28 35.12 16.97
CA PHE A 512 7.33 34.16 15.84
C PHE A 512 5.91 33.73 15.45
N THR A 513 4.91 34.60 15.61
CA THR A 513 3.53 34.33 15.15
C THR A 513 3.49 34.21 13.62
N ASN A 514 4.44 34.82 12.88
CA ASN A 514 4.49 34.78 11.39
C ASN A 514 5.32 33.57 10.91
N VAL A 515 5.83 32.75 11.83
CA VAL A 515 6.55 31.48 11.49
C VAL A 515 5.50 30.36 11.49
N THR A 516 5.07 29.92 10.30
CA THR A 516 3.90 29.01 10.11
C THR A 516 4.17 27.67 10.78
N SER A 517 5.45 27.24 10.83
CA SER A 517 5.89 26.00 11.53
C SER A 517 5.52 26.04 13.02
N ASN A 518 5.50 27.23 13.63
CA ASN A 518 5.40 27.40 15.11
C ASN A 518 6.57 26.64 15.76
N ALA A 519 7.73 26.68 15.11
CA ALA A 519 8.98 26.02 15.56
C ALA A 519 10.15 26.99 15.38
N VAL A 520 11.03 27.06 16.38
CA VAL A 520 12.20 27.97 16.36
C VAL A 520 13.41 27.23 16.94
N TRP A 521 14.58 27.63 16.49
CA TRP A 521 15.91 27.27 17.04
C TRP A 521 16.48 28.54 17.67
N PHE A 522 17.16 28.42 18.81
CA PHE A 522 17.89 29.54 19.41
C PHE A 522 19.25 29.03 19.88
N SER A 523 20.22 29.93 19.88
CA SER A 523 21.59 29.71 20.38
C SER A 523 21.97 30.92 21.21
N LEU A 524 22.38 30.69 22.46
CA LEU A 524 22.88 31.76 23.38
CA LEU A 524 22.88 31.76 23.38
C LEU A 524 24.29 31.36 23.82
N ASN A 525 25.27 32.20 23.49
CA ASN A 525 26.66 32.07 23.99
C ASN A 525 26.89 33.19 25.01
N VAL A 526 27.45 32.83 26.16
CA VAL A 526 27.87 33.79 27.22
C VAL A 526 29.32 33.47 27.53
N THR A 527 30.23 34.41 27.28
CA THR A 527 31.68 34.25 27.56
C THR A 527 32.05 35.24 28.66
N LEU A 528 32.21 34.74 29.88
CA LEU A 528 32.64 35.56 31.04
C LEU A 528 34.04 36.08 30.75
N PRO A 529 34.43 37.24 31.32
CA PRO A 529 35.81 37.69 31.24
C PRO A 529 36.67 36.67 32.01
N ASP A 530 37.94 36.47 31.63
CA ASP A 530 38.78 35.44 32.29
C ASP A 530 38.92 35.77 33.78
N ALA A 531 38.82 37.04 34.18
CA ALA A 531 38.90 37.45 35.61
C ALA A 531 37.83 36.71 36.43
N ALA A 532 36.63 36.50 35.86
CA ALA A 532 35.48 35.86 36.55
C ALA A 532 35.64 34.33 36.53
N ILE A 533 36.46 33.78 35.64
CA ILE A 533 36.80 32.32 35.65
C ILE A 533 37.83 32.06 36.75
N GLN A 534 38.85 32.91 36.88
CA GLN A 534 39.91 32.76 37.91
C GLN A 534 39.32 33.03 39.29
N ASN A 535 38.37 33.96 39.40
CA ASN A 535 37.76 34.35 40.70
C ASN A 535 36.23 34.47 40.57
N ALA A 536 35.51 33.35 40.78
CA ALA A 536 34.04 33.30 40.69
C ALA A 536 33.39 34.24 41.72
N SER A 537 34.08 34.59 42.82
CA SER A 537 33.55 35.50 43.87
C SER A 537 33.28 36.89 43.29
N LEU A 538 33.86 37.21 42.12
CA LEU A 538 33.63 38.50 41.42
C LEU A 538 32.26 38.53 40.74
N ILE A 539 31.60 37.38 40.54
CA ILE A 539 30.28 37.33 39.85
C ILE A 539 29.19 37.75 40.84
N SER A 540 28.30 38.66 40.42
CA SER A 540 27.12 39.11 41.20
C SER A 540 26.21 37.92 41.54
N ALA A 541 25.64 37.91 42.75
CA ALA A 541 24.64 36.90 43.20
C ALA A 541 23.46 36.85 42.22
N ASP A 542 23.19 37.96 41.52
CA ASP A 542 22.04 38.15 40.60
C ASP A 542 22.38 37.72 39.17
N ALA A 543 23.62 37.34 38.86
CA ALA A 543 24.02 36.93 37.48
C ALA A 543 23.16 35.76 37.05
N SER A 544 22.32 35.91 36.01
CA SER A 544 21.32 34.89 35.63
C SER A 544 20.91 34.99 34.17
N ILE A 545 20.33 33.89 33.67
CA ILE A 545 19.68 33.77 32.33
C ILE A 545 18.25 33.30 32.58
N ASN A 546 17.28 33.97 31.95
CA ASN A 546 15.85 33.60 32.03
C ASN A 546 15.30 33.54 30.60
N ILE A 547 14.75 32.41 30.22
CA ILE A 547 14.07 32.22 28.90
C ILE A 547 12.62 31.86 29.20
N THR A 548 11.67 32.51 28.53
CA THR A 548 10.23 32.22 28.66
C THR A 548 9.62 32.11 27.26
N PHE A 549 8.78 31.10 27.06
CA PHE A 549 7.93 30.92 25.87
C PHE A 549 6.52 31.37 26.25
N LEU A 550 5.99 32.36 25.52
CA LEU A 550 4.76 33.09 25.91
C LEU A 550 3.64 32.78 24.93
N PRO A 551 2.38 32.75 25.41
CA PRO A 551 1.24 32.49 24.56
C PRO A 551 1.08 33.55 23.45
N SER A 552 0.64 33.08 22.28
CA SER A 552 0.38 33.87 21.05
C SER A 552 -0.69 34.92 21.33
N THR A 553 -0.48 36.13 20.82
CA THR A 553 -1.45 37.25 20.82
C THR A 553 -2.50 37.01 19.73
N LYS A 554 -2.24 36.10 18.77
CA LYS A 554 -3.07 35.90 17.56
C LYS A 554 -3.97 34.66 17.68
N CYS A 555 -3.54 33.61 18.38
CA CYS A 555 -4.22 32.28 18.36
C CYS A 555 -4.67 31.83 19.77
N SER A 556 -4.88 32.78 20.69
CA SER A 556 -5.45 32.53 22.05
C SER A 556 -6.49 31.40 21.98
N GLY A 562 -7.91 32.31 28.98
CA GLY A 562 -6.49 32.07 28.66
C GLY A 562 -5.57 32.83 29.60
N SER A 563 -4.88 32.11 30.50
CA SER A 563 -3.90 32.71 31.44
C SER A 563 -2.71 33.25 30.63
N ASP A 564 -2.00 34.22 31.20
CA ASP A 564 -0.80 34.84 30.59
C ASP A 564 0.44 34.02 30.96
N SER A 565 0.26 32.87 31.63
CA SER A 565 1.38 32.01 32.09
C SER A 565 2.25 31.63 30.90
N PRO A 566 3.59 31.64 31.07
CA PRO A 566 4.48 31.04 30.08
C PRO A 566 4.13 29.56 29.90
N ALA A 567 4.34 29.03 28.71
CA ALA A 567 4.20 27.59 28.37
C ALA A 567 5.43 26.81 28.85
N ALA A 568 6.59 27.47 28.90
CA ALA A 568 7.88 26.84 29.24
C ALA A 568 8.85 27.93 29.69
N THR A 569 9.68 27.61 30.69
CA THR A 569 10.70 28.54 31.21
C THR A 569 12.01 27.78 31.37
N LEU A 570 13.12 28.51 31.20
CA LEU A 570 14.46 28.07 31.63
C LEU A 570 15.06 29.20 32.46
N THR A 571 15.55 28.88 33.66
CA THR A 571 16.19 29.82 34.62
C THR A 571 17.53 29.22 35.03
N TYR A 572 18.62 29.98 34.88
CA TYR A 572 19.98 29.55 35.28
C TYR A 572 20.64 30.65 36.12
N PHE A 573 21.31 30.24 37.20
CA PHE A 573 22.07 31.13 38.12
C PHE A 573 23.57 30.83 38.03
N TYR A 574 24.39 31.84 37.77
CA TYR A 574 25.88 31.75 37.76
C TYR A 574 26.41 31.63 39.19
N ALA A 575 25.70 32.22 40.16
CA ALA A 575 26.19 32.34 41.55
C ALA A 575 25.00 32.32 42.50
N GLY A 576 25.11 33.00 43.66
CA GLY A 576 24.00 33.08 44.63
C GLY A 576 23.85 31.79 45.42
N LEU A 577 22.68 31.60 46.04
CA LEU A 577 22.45 30.47 46.99
C LEU A 577 22.25 29.14 46.25
N THR A 578 21.83 29.18 44.98
CA THR A 578 21.65 27.98 44.11
C THR A 578 22.60 28.12 42.91
N ASN A 579 23.89 28.29 43.19
CA ASN A 579 24.95 28.50 42.17
C ASN A 579 24.97 27.32 41.18
N GLY A 580 24.88 27.62 39.88
CA GLY A 580 24.99 26.64 38.78
C GLY A 580 23.68 25.94 38.50
N ALA A 581 22.61 26.20 39.28
CA ALA A 581 21.32 25.50 39.14
C ALA A 581 20.62 25.99 37.88
N LEU A 582 20.21 25.05 37.03
CA LEU A 582 19.39 25.33 35.83
C LEU A 582 18.03 24.66 36.04
N ALA A 583 16.96 25.45 36.02
CA ALA A 583 15.56 24.98 36.10
C ALA A 583 14.93 25.02 34.70
N LEU A 584 14.29 23.92 34.31
CA LEU A 584 13.46 23.83 33.10
C LEU A 584 12.03 23.54 33.55
N THR A 585 11.05 24.38 33.20
CA THR A 585 9.67 24.25 33.75
C THR A 585 8.63 24.32 32.64
N ARG A 586 7.52 23.62 32.86
CA ARG A 586 6.27 23.72 32.06
C ARG A 586 5.17 24.09 33.06
N PRO A 587 4.90 25.39 33.29
CA PRO A 587 3.98 25.81 34.36
C PRO A 587 2.62 25.11 34.24
N ALA A 588 2.15 24.54 35.35
CA ALA A 588 0.82 23.89 35.47
C ALA A 588 -0.28 24.86 35.04
N ALA A 589 -0.09 26.15 35.34
CA ALA A 589 -1.04 27.26 35.05
C ALA A 589 -1.29 27.40 33.54
N SER A 590 -0.36 26.97 32.70
CA SER A 590 -0.42 27.15 31.22
C SER A 590 -1.27 26.05 30.56
N SER A 591 -1.57 24.95 31.27
CA SER A 591 -2.22 23.74 30.71
C SER A 591 -3.19 23.10 31.70
N SER A 592 -4.49 23.12 31.37
N SER A 592 -4.50 23.13 31.37
CA SER A 592 -5.54 22.45 32.17
CA SER A 592 -5.55 22.45 32.15
C SER A 592 -5.27 20.94 32.20
C SER A 592 -5.26 20.95 32.19
N TRP A 593 -4.93 20.34 31.05
CA TRP A 593 -4.60 18.89 30.96
C TRP A 593 -3.38 18.58 31.83
N GLY A 594 -2.28 19.33 31.65
CA GLY A 594 -1.02 19.11 32.36
C GLY A 594 -1.17 19.23 33.87
N ALA A 595 -1.85 20.26 34.35
CA ALA A 595 -2.08 20.48 35.79
C ALA A 595 -2.85 19.29 36.37
N GLU A 596 -3.82 18.74 35.63
CA GLU A 596 -4.70 17.66 36.14
C GLU A 596 -3.99 16.30 36.09
N ASN A 597 -3.14 16.04 35.08
CA ASN A 597 -2.47 14.73 34.95
C ASN A 597 -1.52 14.56 36.13
N PRO A 598 -1.71 13.51 36.96
CA PRO A 598 -0.97 13.37 38.22
C PRO A 598 0.52 13.10 38.05
N PHE A 599 0.96 12.70 36.85
CA PHE A 599 2.35 12.27 36.56
C PHE A 599 3.09 13.34 35.73
N PHE A 600 2.40 14.38 35.25
CA PHE A 600 2.95 15.40 34.33
C PHE A 600 3.72 16.45 35.15
N THR A 601 4.90 16.07 35.63
CA THR A 601 5.81 16.89 36.47
C THR A 601 6.06 18.27 35.82
N ASP A 602 6.02 19.35 36.62
CA ASP A 602 6.11 20.76 36.10
C ASP A 602 7.57 21.23 36.01
N LYS A 603 8.48 20.72 36.84
CA LYS A 603 9.81 21.35 37.02
C LYS A 603 10.91 20.28 37.06
N PHE A 604 11.99 20.55 36.32
CA PHE A 604 13.18 19.68 36.15
C PHE A 604 14.39 20.56 36.42
N SER A 605 15.51 19.98 36.81
CA SER A 605 16.73 20.78 37.03
C SER A 605 17.96 19.92 36.86
N TYR A 606 19.03 20.63 36.50
CA TYR A 606 20.41 20.11 36.42
C TYR A 606 21.31 21.20 37.01
N THR A 607 22.29 20.81 37.80
CA THR A 607 23.23 21.79 38.40
C THR A 607 24.61 21.62 37.75
N LEU A 608 25.09 22.70 37.13
CA LEU A 608 26.43 22.76 36.50
C LEU A 608 27.47 22.98 37.60
N VAL A 609 28.70 22.57 37.32
CA VAL A 609 29.92 22.98 38.08
C VAL A 609 30.54 24.18 37.34
N ASP A 610 30.89 24.01 36.07
CA ASP A 610 31.42 25.11 35.22
C ASP A 610 30.32 26.12 34.97
N PRO A 611 30.66 27.41 34.74
CA PRO A 611 29.67 28.37 34.25
C PRO A 611 29.02 27.90 32.94
N LEU A 612 27.76 28.27 32.74
CA LEU A 612 27.05 28.10 31.44
C LEU A 612 27.72 29.02 30.41
N THR A 613 28.29 28.45 29.34
CA THR A 613 28.90 29.22 28.23
C THR A 613 28.13 29.04 26.92
N SER A 614 27.34 27.97 26.75
CA SER A 614 26.48 27.81 25.55
C SER A 614 25.16 27.12 25.90
N LEU A 615 24.12 27.52 25.18
CA LEU A 615 22.75 26.99 25.29
C LEU A 615 22.16 26.99 23.88
N VAL A 616 21.67 25.83 23.45
CA VAL A 616 20.93 25.66 22.17
C VAL A 616 19.59 25.05 22.52
N GLY A 617 18.53 25.50 21.83
CA GLY A 617 17.18 24.98 22.08
C GLY A 617 16.39 24.89 20.80
N VAL A 618 15.47 23.93 20.74
CA VAL A 618 14.46 23.83 19.66
C VAL A 618 13.09 23.74 20.33
N PHE A 619 12.20 24.64 19.95
CA PHE A 619 10.76 24.59 20.29
C PHE A 619 10.02 24.18 19.01
N ASP A 620 9.16 23.16 19.11
CA ASP A 620 8.41 22.62 17.96
C ASP A 620 6.97 22.30 18.39
N ARG A 621 6.15 23.34 18.51
CA ARG A 621 4.69 23.32 18.78
C ARG A 621 4.36 22.79 20.18
N SER A 622 4.79 21.56 20.52
CA SER A 622 4.40 20.84 21.77
C SER A 622 5.63 20.21 22.45
N MET A 623 6.84 20.64 22.09
CA MET A 623 8.09 20.03 22.60
C MET A 623 9.14 21.12 22.73
N LEU A 624 10.00 21.00 23.74
CA LEU A 624 11.21 21.83 23.90
C LEU A 624 12.36 20.89 24.23
N GLU A 625 13.45 21.01 23.48
CA GLU A 625 14.74 20.31 23.74
C GLU A 625 15.80 21.37 23.97
N VAL A 626 16.58 21.21 25.03
CA VAL A 626 17.70 22.13 25.35
C VAL A 626 18.99 21.33 25.51
N PHE A 627 20.08 21.98 25.13
CA PHE A 627 21.46 21.43 25.06
C PHE A 627 22.39 22.47 25.68
N VAL A 628 23.06 22.11 26.78
CA VAL A 628 23.85 23.05 27.63
C VAL A 628 25.34 22.69 27.49
N ASN A 629 26.18 23.70 27.24
CA ASN A 629 27.67 23.58 27.20
C ASN A 629 28.05 22.52 26.15
N GLU A 630 27.76 22.82 24.89
CA GLU A 630 28.06 21.95 23.72
C GLU A 630 27.48 20.55 23.96
N GLY A 631 26.25 20.47 24.46
CA GLY A 631 25.51 19.19 24.61
C GLY A 631 25.97 18.34 25.78
N ALA A 632 26.77 18.88 26.72
CA ALA A 632 27.17 18.17 27.96
C ALA A 632 25.93 17.72 28.73
N HIS A 633 24.92 18.58 28.80
CA HIS A 633 23.64 18.34 29.52
C HIS A 633 22.50 18.60 28.55
N SER A 634 21.49 17.73 28.54
CA SER A 634 20.36 17.85 27.60
C SER A 634 19.08 17.41 28.28
N ALA A 635 17.96 17.96 27.82
CA ALA A 635 16.61 17.66 28.35
C ALA A 635 15.61 17.75 27.21
N THR A 636 14.65 16.82 27.23
CA THR A 636 13.54 16.71 26.27
C THR A 636 12.25 16.85 27.08
N MET A 637 11.41 17.85 26.77
CA MET A 637 10.22 18.17 27.59
C MET A 637 9.00 18.45 26.69
N LEU A 638 7.95 17.67 26.86
CA LEU A 638 6.64 17.91 26.19
C LEU A 638 5.94 19.09 26.86
N VAL A 639 5.22 19.89 26.09
CA VAL A 639 4.31 20.94 26.62
C VAL A 639 3.00 20.92 25.84
N PHE A 640 1.88 21.03 26.55
CA PHE A 640 0.51 21.03 25.98
C PHE A 640 -0.23 22.26 26.48
N PRO A 641 0.27 23.48 26.16
CA PRO A 641 -0.35 24.70 26.64
C PRO A 641 -1.77 24.86 26.05
N ASP A 642 -2.68 25.42 26.83
CA ASP A 642 -4.08 25.73 26.39
C ASP A 642 -4.03 26.60 25.15
N SER A 643 -3.15 27.61 25.12
CA SER A 643 -2.93 28.50 23.97
C SER A 643 -1.58 28.20 23.35
N PRO A 644 -1.48 28.17 22.00
CA PRO A 644 -0.19 27.99 21.35
C PRO A 644 0.80 29.11 21.69
N VAL A 645 2.09 28.75 21.71
CA VAL A 645 3.22 29.70 21.96
C VAL A 645 3.37 30.61 20.74
N GLY A 646 3.57 31.91 20.99
CA GLY A 646 3.72 32.89 19.89
C GLY A 646 4.98 33.73 20.00
N SER A 647 5.68 33.72 21.13
CA SER A 647 6.92 34.50 21.30
C SER A 647 7.80 33.89 22.39
N MET A 648 9.04 34.37 22.48
CA MET A 648 9.99 34.00 23.55
C MET A 648 10.74 35.25 24.00
N LYS A 649 11.06 35.31 25.29
CA LYS A 649 11.89 36.36 25.90
C LYS A 649 13.18 35.70 26.37
N VAL A 650 14.33 36.28 26.02
CA VAL A 650 15.66 35.82 26.50
C VAL A 650 16.27 36.99 27.27
N ALA A 651 16.39 36.84 28.59
CA ALA A 651 16.92 37.88 29.51
C ALA A 651 18.24 37.39 30.09
N THR A 652 19.25 38.26 30.10
CA THR A 652 20.46 38.10 30.93
C THR A 652 20.49 39.28 31.91
N GLY A 653 21.07 39.07 33.09
CA GLY A 653 21.21 40.15 34.09
C GLY A 653 22.39 39.91 35.00
N GLY A 654 22.93 40.98 35.57
CA GLY A 654 23.97 40.91 36.62
C GLY A 654 25.27 40.32 36.11
N LEU A 655 25.51 40.34 34.79
CA LEU A 655 26.70 39.69 34.18
C LEU A 655 27.93 40.55 34.44
N PRO A 656 29.11 39.94 34.71
CA PRO A 656 30.33 40.70 34.92
C PRO A 656 30.68 41.67 33.78
N GLU A 657 31.28 42.82 34.11
CA GLU A 657 31.88 43.74 33.11
C GLU A 657 32.77 42.95 32.15
N GLY A 658 32.60 43.14 30.85
CA GLY A 658 33.43 42.48 29.81
C GLY A 658 32.85 41.16 29.32
N THR A 659 31.73 40.71 29.89
CA THR A 659 31.03 39.48 29.41
C THR A 659 30.58 39.69 27.97
N GLN A 660 30.86 38.73 27.09
N GLN A 660 30.79 38.70 27.11
CA GLN A 660 30.37 38.69 25.68
CA GLN A 660 30.34 38.72 25.70
C GLN A 660 29.09 37.85 25.62
C GLN A 660 29.10 37.83 25.58
N VAL A 661 28.01 38.40 25.08
CA VAL A 661 26.72 37.68 24.87
C VAL A 661 26.46 37.66 23.36
N ASN A 662 26.10 36.51 22.81
CA ASN A 662 25.59 36.41 21.42
C ASN A 662 24.34 35.53 21.42
N LEU A 663 23.22 36.10 20.97
CA LEU A 663 21.91 35.41 20.83
C LEU A 663 21.54 35.37 19.35
N GLN A 664 21.19 34.18 18.87
CA GLN A 664 20.65 33.96 17.50
C GLN A 664 19.33 33.19 17.64
N VAL A 665 18.28 33.66 16.96
CA VAL A 665 16.96 32.97 16.92
C VAL A 665 16.53 32.87 15.47
N ASN A 666 16.15 31.66 15.05
CA ASN A 666 15.72 31.36 13.66
C ASN A 666 14.40 30.61 13.71
N GLY A 667 13.49 30.97 12.82
CA GLY A 667 12.31 30.14 12.52
C GLY A 667 12.76 28.88 11.83
N LEU A 668 12.03 27.78 12.01
CA LEU A 668 12.30 26.52 11.29
C LEU A 668 11.23 26.33 10.22
N GLU A 669 11.61 25.66 9.14
CA GLU A 669 10.71 25.34 8.01
C GLU A 669 10.13 23.94 8.25
N SER A 670 8.81 23.81 8.19
CA SER A 670 8.08 22.54 8.34
C SER A 670 8.62 21.52 7.33
N THR A 671 8.67 20.24 7.74
CA THR A 671 9.17 19.09 6.94
C THR A 671 8.01 18.41 6.21
N TRP A 672 6.77 18.77 6.52
CA TRP A 672 5.55 18.02 6.08
C TRP A 672 4.87 18.73 4.90
N SER B 142 -8.21 32.16 67.16
CA SER B 142 -8.84 30.92 66.60
C SER B 142 -7.95 30.30 65.53
N CYS B 143 -7.50 31.09 64.56
CA CYS B 143 -6.62 30.66 63.43
C CYS B 143 -5.15 30.79 63.83
N ALA B 144 -4.31 29.83 63.45
CA ALA B 144 -2.85 29.87 63.70
C ALA B 144 -2.28 31.10 63.01
N PRO B 145 -1.39 31.86 63.70
CA PRO B 145 -0.78 33.06 63.13
C PRO B 145 0.11 32.77 61.91
N THR B 146 0.07 33.64 60.90
CA THR B 146 0.89 33.60 59.66
C THR B 146 2.10 34.54 59.79
N SER B 147 2.06 35.44 60.78
CA SER B 147 3.13 36.39 61.16
C SER B 147 3.21 36.46 62.68
N LEU B 148 4.42 36.51 63.25
CA LEU B 148 4.65 36.47 64.72
C LEU B 148 5.13 37.84 65.21
N PRO B 149 5.05 38.10 66.53
CA PRO B 149 5.67 39.30 67.12
C PRO B 149 7.14 39.45 66.73
N ALA B 150 7.64 40.69 66.68
CA ALA B 150 9.04 41.03 66.34
C ALA B 150 10.00 40.27 67.26
N SER B 151 9.70 40.19 68.56
CA SER B 151 10.56 39.53 69.59
C SER B 151 10.73 38.04 69.27
N ALA B 152 9.74 37.41 68.63
CA ALA B 152 9.73 35.97 68.28
C ALA B 152 10.69 35.70 67.11
N THR B 153 10.77 36.61 66.11
CA THR B 153 11.54 36.40 64.85
C THR B 153 12.90 37.12 64.88
N GLU B 154 13.08 38.15 65.71
CA GLU B 154 14.37 38.91 65.74
C GLU B 154 15.47 38.00 66.28
N LEU B 155 16.54 37.83 65.50
CA LEU B 155 17.71 37.00 65.87
C LEU B 155 18.73 37.87 66.59
N PRO B 156 19.45 37.34 67.60
CA PRO B 156 20.46 38.13 68.30
C PRO B 156 21.62 38.40 67.33
N THR B 157 22.44 39.41 67.64
CA THR B 157 23.64 39.79 66.84
C THR B 157 24.87 39.06 67.39
N THR B 158 24.79 38.52 68.60
CA THR B 158 25.82 37.65 69.22
C THR B 158 25.19 36.31 69.60
N VAL B 159 25.95 35.23 69.48
CA VAL B 159 25.45 33.84 69.74
C VAL B 159 25.29 33.68 71.25
N PRO B 160 24.12 33.25 71.76
CA PRO B 160 23.96 32.98 73.19
C PRO B 160 24.75 31.73 73.61
N THR B 161 25.48 31.81 74.73
CA THR B 161 26.25 30.70 75.35
C THR B 161 25.64 30.33 76.70
N GLY B 162 25.41 29.03 76.94
CA GLY B 162 24.99 28.47 78.24
C GLY B 162 23.53 28.76 78.57
N THR B 163 22.74 29.24 77.60
CA THR B 163 21.30 29.56 77.78
C THR B 163 20.50 28.97 76.61
N VAL B 164 19.29 28.47 76.91
CA VAL B 164 18.31 27.95 75.92
C VAL B 164 17.78 29.14 75.12
N ILE B 165 17.70 29.01 73.79
CA ILE B 165 17.04 30.00 72.90
C ILE B 165 15.53 29.73 72.95
N THR B 166 14.74 30.74 73.34
CA THR B 166 13.26 30.61 73.49
C THR B 166 12.63 30.63 72.11
N GLY B 167 11.60 29.81 71.89
CA GLY B 167 10.94 29.65 70.59
C GLY B 167 9.44 29.89 70.67
N ASP B 168 8.89 30.54 69.65
CA ASP B 168 7.42 30.60 69.41
C ASP B 168 7.10 29.55 68.35
N TYR B 169 6.37 28.50 68.73
CA TYR B 169 6.07 27.33 67.87
C TYR B 169 4.61 27.35 67.39
N THR B 170 4.00 28.54 67.26
CA THR B 170 2.54 28.71 66.96
C THR B 170 2.29 29.01 65.47
N GLY B 171 3.32 29.22 64.65
CA GLY B 171 3.18 29.56 63.22
C GLY B 171 2.30 28.57 62.47
N SER B 172 1.53 29.03 61.49
CA SER B 172 0.63 28.21 60.64
C SER B 172 1.42 27.13 59.87
N TYR B 173 2.74 27.33 59.66
CA TYR B 173 3.61 26.34 58.97
C TYR B 173 4.50 25.58 59.96
N ARG B 174 4.50 25.93 61.24
CA ARG B 174 5.37 25.27 62.26
C ARG B 174 4.86 23.86 62.53
N PRO B 175 5.66 22.80 62.24
CA PRO B 175 5.24 21.43 62.56
C PRO B 175 5.12 21.25 64.07
N GLN B 176 4.15 20.45 64.52
CA GLN B 176 3.81 20.28 65.96
C GLN B 176 4.33 18.93 66.48
N VAL B 177 4.69 17.98 65.62
CA VAL B 177 5.24 16.65 66.04
C VAL B 177 6.63 16.39 65.42
N HIS B 178 7.17 17.33 64.65
CA HIS B 178 8.54 17.28 64.08
C HIS B 178 9.43 18.26 64.85
N TYR B 179 10.73 17.98 64.96
CA TYR B 179 11.70 18.95 65.53
C TYR B 179 11.96 20.07 64.52
N SER B 180 11.95 21.31 65.01
CA SER B 180 12.46 22.52 64.30
C SER B 180 13.07 23.43 65.36
N PRO B 181 14.06 24.29 64.98
CA PRO B 181 14.81 25.06 65.98
C PRO B 181 13.96 26.20 66.49
N PRO B 182 14.16 26.67 67.75
CA PRO B 182 13.34 27.73 68.31
C PRO B 182 13.37 29.00 67.45
N LYS B 183 14.55 29.38 66.96
CA LYS B 183 14.74 30.45 65.95
C LYS B 183 15.93 30.10 65.06
N GLY B 184 15.99 30.69 63.87
CA GLY B 184 17.16 30.61 62.98
C GLY B 184 17.02 29.49 61.97
N PHE B 185 18.15 29.09 61.37
CA PHE B 185 18.21 28.15 60.23
C PHE B 185 18.90 26.84 60.67
N MET B 186 18.26 25.72 60.40
CA MET B 186 18.78 24.36 60.74
C MET B 186 19.00 23.57 59.45
N ASN B 187 20.00 22.69 59.40
CA ASN B 187 20.07 21.65 58.35
C ASN B 187 20.36 20.30 59.00
N ALA B 188 21.49 19.65 58.70
CA ALA B 188 21.69 18.20 58.92
C ALA B 188 21.66 17.86 60.41
N PRO B 189 21.03 16.72 60.78
CA PRO B 189 21.13 16.17 62.12
C PRO B 189 22.57 15.72 62.38
N ASN B 190 23.05 15.96 63.60
CA ASN B 190 24.43 15.67 64.04
C ASN B 190 24.41 15.00 65.42
N GLY B 191 25.47 14.24 65.74
CA GLY B 191 25.74 13.75 67.10
C GLY B 191 24.64 12.85 67.65
N CYS B 192 23.80 12.29 66.79
CA CYS B 192 22.59 11.52 67.21
C CYS B 192 23.01 10.30 68.02
N HIS B 193 22.54 10.21 69.27
CA HIS B 193 22.84 9.06 70.15
C HIS B 193 21.85 9.00 71.30
N ARG B 194 21.71 7.82 71.89
CA ARG B 194 20.88 7.55 73.08
C ARG B 194 21.83 7.40 74.26
N ASP B 195 21.64 8.16 75.34
CA ASP B 195 22.48 7.99 76.55
C ASP B 195 21.98 6.76 77.33
N ARG B 196 22.75 6.28 78.29
CA ARG B 196 22.46 5.02 79.03
C ARG B 196 21.10 5.08 79.72
N ASN B 197 20.64 6.26 80.13
CA ASN B 197 19.36 6.45 80.89
C ASN B 197 18.17 6.64 79.94
N GLY B 198 18.37 6.53 78.62
CA GLY B 198 17.26 6.48 77.65
C GLY B 198 16.91 7.83 77.07
N THR B 199 17.72 8.87 77.31
CA THR B 199 17.51 10.19 76.65
C THR B 199 18.17 10.16 75.27
N TYR B 200 17.38 10.45 74.23
CA TYR B 200 17.86 10.66 72.84
C TYR B 200 18.38 12.09 72.73
N HIS B 201 19.62 12.24 72.24
CA HIS B 201 20.26 13.54 71.97
C HIS B 201 20.27 13.79 70.45
N LEU B 202 19.58 14.84 70.02
CA LEU B 202 19.60 15.33 68.64
C LEU B 202 20.43 16.62 68.61
N TYR B 203 21.57 16.61 67.93
CA TYR B 203 22.28 17.86 67.59
C TYR B 203 21.95 18.17 66.14
N TYR B 204 22.23 19.40 65.72
CA TYR B 204 21.88 19.85 64.36
C TYR B 204 22.73 21.04 63.95
N GLN B 205 23.06 21.07 62.65
CA GLN B 205 23.70 22.22 61.97
C GLN B 205 22.80 23.43 62.18
N TYR B 206 23.35 24.51 62.72
CA TYR B 206 22.56 25.65 63.27
C TYR B 206 23.25 26.97 62.97
N ASN B 207 22.55 27.84 62.25
CA ASN B 207 22.91 29.28 62.15
C ASN B 207 22.03 30.04 63.14
N PRO B 208 22.56 30.44 64.31
CA PRO B 208 21.77 31.17 65.29
C PRO B 208 21.53 32.64 64.89
N LEU B 209 22.24 33.14 63.87
CA LEU B 209 22.31 34.59 63.54
C LEU B 209 21.50 34.94 62.29
N GLU B 210 21.06 33.97 61.50
CA GLU B 210 20.37 34.23 60.20
C GLU B 210 19.37 33.12 59.88
N TYR B 211 18.48 33.40 58.92
CA TYR B 211 17.49 32.43 58.42
C TYR B 211 18.01 31.78 57.13
N VAL B 212 19.33 31.80 56.92
CA VAL B 212 20.02 31.11 55.79
C VAL B 212 21.23 30.34 56.36
N ALA B 213 21.89 29.53 55.53
CA ALA B 213 23.06 28.71 55.91
C ALA B 213 24.24 29.62 56.24
N GLY B 214 25.03 29.25 57.25
CA GLY B 214 26.23 29.99 57.67
C GLY B 214 26.47 29.87 59.16
N ASN B 215 27.62 30.37 59.62
CA ASN B 215 27.96 30.51 61.05
C ASN B 215 27.64 29.20 61.78
N GLN B 216 28.02 28.04 61.24
CA GLN B 216 27.46 26.76 61.75
C GLN B 216 27.97 26.45 63.16
N HIS B 217 27.00 26.15 64.04
CA HIS B 217 27.17 25.59 65.39
C HIS B 217 26.41 24.25 65.45
N TRP B 218 26.64 23.46 66.48
CA TRP B 218 25.74 22.33 66.82
C TRP B 218 24.71 22.83 67.84
N GLY B 219 23.47 23.01 67.40
CA GLY B 219 22.29 23.09 68.29
C GLY B 219 22.03 21.74 68.95
N HIS B 220 21.23 21.73 70.01
CA HIS B 220 20.99 20.52 70.85
C HIS B 220 19.54 20.50 71.33
N ALA B 221 18.87 19.36 71.20
CA ALA B 221 17.53 19.07 71.78
C ALA B 221 17.53 17.64 72.30
N THR B 222 16.76 17.37 73.36
CA THR B 222 16.67 16.05 74.02
C THR B 222 15.21 15.60 74.04
N SER B 223 15.01 14.29 74.05
CA SER B 223 13.69 13.62 74.10
C SER B 223 13.89 12.20 74.62
N ASP B 224 12.89 11.63 75.28
N ASP B 224 12.89 11.64 75.28
CA ASP B 224 12.90 10.20 75.70
CA ASP B 224 12.88 10.21 75.72
C ASP B 224 12.09 9.36 74.72
C ASP B 224 12.08 9.37 74.72
N ASP B 225 11.37 10.01 73.78
CA ASP B 225 10.46 9.30 72.84
C ASP B 225 10.60 9.79 71.38
N LEU B 226 11.53 10.71 71.09
CA LEU B 226 11.83 11.25 69.73
C LEU B 226 10.67 12.09 69.19
N TYR B 227 9.75 12.53 70.05
CA TYR B 227 8.62 13.42 69.65
C TYR B 227 8.53 14.63 70.59
N HIS B 228 8.63 14.41 71.91
CA HIS B 228 8.59 15.51 72.92
C HIS B 228 10.01 16.04 73.12
N TRP B 229 10.37 17.08 72.39
CA TRP B 229 11.73 17.68 72.40
C TRP B 229 11.81 18.80 73.42
N THR B 230 12.92 18.84 74.16
CA THR B 230 13.32 20.01 74.99
C THR B 230 14.56 20.63 74.37
N ASN B 231 14.48 21.92 74.04
CA ASN B 231 15.63 22.71 73.51
C ASN B 231 16.67 22.86 74.62
N GLN B 232 17.94 22.74 74.24
CA GLN B 232 19.10 22.85 75.16
C GLN B 232 19.96 24.02 74.69
N PRO B 233 20.93 24.49 75.52
CA PRO B 233 21.94 25.45 75.07
C PRO B 233 22.73 24.87 73.88
N ILE B 234 23.30 25.73 73.05
CA ILE B 234 24.15 25.32 71.90
C ILE B 234 25.29 24.46 72.48
N ALA B 235 25.61 23.34 71.83
CA ALA B 235 26.50 22.28 72.36
C ALA B 235 27.94 22.47 71.89
N ILE B 236 28.16 22.84 70.62
CA ILE B 236 29.52 23.01 70.04
C ILE B 236 29.54 24.34 69.28
N PHE B 237 30.55 25.15 69.60
CA PHE B 237 30.83 26.49 69.04
C PHE B 237 32.10 26.42 68.20
N PRO B 238 32.19 27.18 67.10
CA PRO B 238 33.45 27.35 66.38
C PRO B 238 34.38 28.15 67.30
N PRO B 239 35.70 27.95 67.20
CA PRO B 239 36.65 28.64 68.09
C PRO B 239 36.81 30.14 67.82
N ASN B 240 36.33 30.63 66.68
CA ASN B 240 36.45 32.06 66.27
C ASN B 240 35.39 32.39 65.22
N SER B 241 35.43 33.61 64.67
CA SER B 241 34.38 34.18 63.77
C SER B 241 34.62 33.79 62.32
N THR B 242 35.74 33.12 62.00
CA THR B 242 36.14 32.74 60.62
C THR B 242 36.17 31.22 60.45
N SER B 243 35.44 30.47 61.29
CA SER B 243 35.37 29.00 61.23
C SER B 243 33.95 28.54 61.58
N GLN B 244 33.58 27.32 61.17
CA GLN B 244 32.22 26.77 61.33
C GLN B 244 32.31 25.30 61.75
N VAL B 245 31.40 24.89 62.63
CA VAL B 245 31.28 23.48 63.11
C VAL B 245 30.31 22.78 62.15
N PHE B 246 30.87 22.04 61.19
CA PHE B 246 30.12 21.28 60.15
C PHE B 246 29.67 19.95 60.76
N SER B 247 29.12 19.07 59.95
CA SER B 247 28.41 17.85 60.41
C SER B 247 29.39 16.87 61.07
N GLY B 248 28.83 15.97 61.87
CA GLY B 248 29.56 14.89 62.53
C GLY B 248 28.64 14.05 63.38
N SER B 249 29.24 13.21 64.21
CA SER B 249 28.58 12.12 64.93
C SER B 249 29.04 12.14 66.38
N ALA B 250 28.41 11.30 67.21
CA ALA B 250 28.80 11.17 68.64
C ALA B 250 28.69 9.70 69.03
N VAL B 251 29.56 9.30 69.94
CA VAL B 251 29.59 7.89 70.46
C VAL B 251 29.76 7.97 71.98
N LEU B 252 29.19 7.00 72.68
CA LEU B 252 29.48 6.76 74.11
C LEU B 252 30.84 6.05 74.18
N ASP B 253 31.70 6.42 75.13
CA ASP B 253 33.02 5.80 75.37
C ASP B 253 33.06 5.24 76.80
N PRO B 254 32.20 4.25 77.13
CA PRO B 254 32.08 3.76 78.51
C PRO B 254 33.37 3.15 79.08
N ASN B 255 34.25 2.64 78.21
CA ASN B 255 35.49 1.92 78.61
C ASN B 255 36.69 2.87 78.54
N ASN B 256 36.45 4.17 78.32
CA ASN B 256 37.48 5.25 78.33
C ASN B 256 38.64 4.89 77.40
N THR B 257 38.34 4.43 76.18
CA THR B 257 39.37 4.20 75.13
C THR B 257 40.05 5.53 74.79
N SER B 258 39.33 6.65 74.91
CA SER B 258 39.82 8.01 74.52
C SER B 258 40.82 8.55 75.56
N GLY B 259 40.74 8.09 76.81
CA GLY B 259 41.50 8.66 77.94
C GLY B 259 40.88 9.95 78.46
N PHE B 260 39.72 10.36 77.95
CA PHE B 260 39.05 11.63 78.37
C PHE B 260 38.28 11.45 79.67
N PHE B 261 38.04 10.20 80.09
CA PHE B 261 36.98 9.84 81.08
C PHE B 261 37.56 8.95 82.18
N PRO B 262 38.61 9.41 82.91
CA PRO B 262 39.16 8.62 84.02
C PRO B 262 38.16 8.35 85.15
N ASN B 263 37.13 9.19 85.31
CA ASN B 263 36.23 9.15 86.50
C ASN B 263 34.75 8.98 86.11
N THR B 264 34.43 8.62 84.86
CA THR B 264 33.03 8.35 84.44
C THR B 264 32.99 7.26 83.36
N THR B 265 31.89 6.50 83.33
CA THR B 265 31.58 5.52 82.27
C THR B 265 30.49 6.09 81.35
N ASP B 266 30.12 7.35 81.52
CA ASP B 266 29.01 8.00 80.77
C ASP B 266 29.57 9.03 79.78
N GLY B 267 30.88 9.01 79.51
CA GLY B 267 31.54 9.94 78.59
C GLY B 267 30.95 9.86 77.19
N VAL B 268 30.72 11.01 76.55
CA VAL B 268 30.33 11.09 75.11
C VAL B 268 31.42 11.85 74.35
N VAL B 269 31.79 11.35 73.15
CA VAL B 269 32.79 12.01 72.27
C VAL B 269 32.08 12.42 70.98
N ALA B 270 32.16 13.71 70.63
CA ALA B 270 31.71 14.25 69.33
C ALA B 270 32.90 14.25 68.38
N VAL B 271 32.68 13.77 67.16
CA VAL B 271 33.66 13.82 66.04
C VAL B 271 33.00 14.59 64.90
N TYR B 272 33.60 15.70 64.50
CA TYR B 272 32.93 16.67 63.59
C TYR B 272 33.97 17.33 62.70
N THR B 273 33.48 17.87 61.59
CA THR B 273 34.29 18.63 60.63
C THR B 273 34.36 20.06 61.11
N LEU B 274 35.57 20.59 61.23
CA LEU B 274 35.79 22.05 61.35
C LEU B 274 36.10 22.61 59.97
N ASN B 275 35.26 23.54 59.54
CA ASN B 275 35.39 24.24 58.25
C ASN B 275 36.09 25.58 58.48
N THR B 276 37.17 25.79 57.72
CA THR B 276 37.87 27.09 57.54
C THR B 276 37.74 27.47 56.07
N PRO B 277 38.03 28.72 55.68
CA PRO B 277 37.95 29.10 54.26
C PRO B 277 38.78 28.18 53.34
N THR B 278 39.88 27.61 53.82
CA THR B 278 40.84 26.84 52.98
C THR B 278 40.82 25.34 53.28
N LEU B 279 40.29 24.88 54.42
CA LEU B 279 40.39 23.46 54.85
C LEU B 279 39.11 22.95 55.48
N GLN B 280 38.92 21.64 55.39
CA GLN B 280 37.96 20.84 56.17
C GLN B 280 38.77 19.75 56.87
N VAL B 281 38.76 19.75 58.20
CA VAL B 281 39.52 18.81 59.05
C VAL B 281 38.56 18.17 60.05
N GLN B 282 38.92 17.00 60.58
CA GLN B 282 38.10 16.32 61.60
C GLN B 282 38.67 16.67 62.98
N GLU B 283 37.77 17.05 63.89
CA GLU B 283 38.11 17.41 65.28
C GLU B 283 37.29 16.55 66.23
N VAL B 284 37.71 16.53 67.49
CA VAL B 284 37.08 15.77 68.60
C VAL B 284 36.78 16.76 69.71
N ALA B 285 35.61 16.62 70.34
CA ALA B 285 35.28 17.27 71.63
C ALA B 285 34.62 16.22 72.52
N TYR B 286 34.75 16.36 73.83
CA TYR B 286 34.25 15.37 74.81
C TYR B 286 33.40 16.07 75.88
N SER B 287 32.42 15.34 76.40
CA SER B 287 31.47 15.77 77.45
C SER B 287 31.44 14.71 78.55
N THR B 288 31.55 15.17 79.80
CA THR B 288 31.45 14.33 81.02
C THR B 288 30.07 14.50 81.67
N ASP B 289 29.23 15.40 81.16
CA ASP B 289 27.95 15.83 81.83
C ASP B 289 26.72 15.30 81.08
N GLY B 290 26.90 14.36 80.14
CA GLY B 290 25.81 13.73 79.39
C GLY B 290 25.57 14.34 78.01
N GLY B 291 26.48 15.20 77.54
CA GLY B 291 26.47 15.73 76.17
C GLY B 291 25.89 17.12 76.06
N TYR B 292 25.91 17.91 77.15
CA TYR B 292 25.36 19.28 77.21
C TYR B 292 26.48 20.29 77.01
N ASN B 293 27.63 20.04 77.63
CA ASN B 293 28.85 20.90 77.55
C ASN B 293 30.01 20.05 77.05
N PHE B 294 30.73 20.56 76.05
CA PHE B 294 31.83 19.85 75.36
C PHE B 294 33.13 20.64 75.52
N THR B 295 34.22 19.90 75.75
CA THR B 295 35.60 20.44 75.79
C THR B 295 36.33 19.97 74.53
N PRO B 296 36.94 20.89 73.76
CA PRO B 296 37.74 20.48 72.59
C PRO B 296 38.95 19.66 73.04
N TYR B 297 39.28 18.63 72.27
CA TYR B 297 40.55 17.88 72.39
C TYR B 297 41.73 18.85 72.22
N GLU B 298 42.71 18.77 73.12
CA GLU B 298 43.85 19.72 73.20
C GLU B 298 44.71 19.64 71.93
N ASN B 299 44.77 18.50 71.25
CA ASN B 299 45.65 18.31 70.05
C ASN B 299 44.82 18.19 68.77
N ASN B 300 43.66 18.88 68.69
CA ASN B 300 42.88 19.00 67.43
C ASN B 300 43.73 19.69 66.37
N PRO B 301 43.58 19.40 65.05
CA PRO B 301 42.64 18.38 64.57
C PRO B 301 43.16 16.94 64.71
N VAL B 302 42.26 15.96 64.63
CA VAL B 302 42.63 14.52 64.76
C VAL B 302 42.84 13.90 63.38
N LEU B 303 42.34 14.54 62.30
CA LEU B 303 42.49 13.98 60.94
C LEU B 303 42.39 15.10 59.89
N SER B 304 43.46 15.26 59.11
CA SER B 304 43.50 16.15 57.92
C SER B 304 44.21 15.44 56.79
N VAL B 305 43.79 15.72 55.56
CA VAL B 305 44.46 15.22 54.32
C VAL B 305 44.84 16.43 53.46
N GLY B 306 44.79 17.64 54.03
CA GLY B 306 45.07 18.90 53.31
C GLY B 306 44.02 19.21 52.25
N SER B 307 42.75 18.88 52.52
CA SER B 307 41.64 19.05 51.56
C SER B 307 40.63 20.07 52.09
N ASN B 308 39.92 20.73 51.17
CA ASN B 308 38.77 21.62 51.48
C ASN B 308 37.45 20.89 51.15
N GLN B 309 37.50 19.59 50.87
CA GLN B 309 36.30 18.77 50.56
C GLN B 309 36.45 17.41 51.26
N PHE B 310 36.29 17.39 52.58
CA PHE B 310 36.64 16.24 53.46
C PHE B 310 35.83 16.38 54.74
N ARG B 311 34.67 15.74 54.83
CA ARG B 311 33.69 16.14 55.88
C ARG B 311 32.70 15.03 56.25
N ASP B 312 32.07 15.23 57.39
CA ASP B 312 30.87 14.51 57.88
C ASP B 312 31.26 13.14 58.42
N PRO B 313 32.19 13.06 59.40
CA PRO B 313 32.62 11.79 59.97
C PRO B 313 31.52 11.12 60.79
N LYS B 314 31.23 9.86 60.46
CA LYS B 314 30.31 8.99 61.20
C LYS B 314 31.12 7.89 61.86
N VAL B 315 31.19 7.90 63.19
CA VAL B 315 32.07 7.02 63.97
C VAL B 315 31.23 5.96 64.70
N PHE B 316 31.76 4.75 64.81
CA PHE B 316 31.10 3.63 65.52
C PHE B 316 32.15 2.61 65.94
N TRP B 317 31.79 1.81 66.93
CA TRP B 317 32.62 0.71 67.48
C TRP B 317 32.40 -0.55 66.66
N TYR B 318 33.47 -1.19 66.19
CA TYR B 318 33.45 -2.52 65.53
C TYR B 318 34.42 -3.45 66.27
N GLU B 319 33.90 -4.27 67.18
CA GLU B 319 34.61 -5.42 67.83
C GLU B 319 35.74 -4.95 68.76
N ASP B 320 36.79 -4.31 68.22
CA ASP B 320 38.02 -3.99 69.00
C ASP B 320 38.60 -2.63 68.58
N HIS B 321 37.89 -1.86 67.74
CA HIS B 321 38.39 -0.56 67.26
C HIS B 321 37.22 0.34 66.85
N TRP B 322 37.51 1.64 66.78
CA TRP B 322 36.59 2.65 66.23
C TRP B 322 36.75 2.67 64.71
N VAL B 323 35.65 2.89 64.02
CA VAL B 323 35.60 3.08 62.54
C VAL B 323 35.03 4.48 62.27
N MET B 324 35.63 5.18 61.32
CA MET B 324 35.11 6.46 60.80
C MET B 324 34.82 6.30 59.31
N ALA B 325 33.58 6.59 58.89
CA ALA B 325 33.22 6.83 57.49
C ALA B 325 33.19 8.34 57.28
N VAL B 326 33.94 8.84 56.31
CA VAL B 326 34.04 10.31 56.07
C VAL B 326 34.07 10.54 54.56
N ALA B 327 33.48 11.64 54.10
CA ALA B 327 33.31 11.94 52.67
C ALA B 327 34.48 12.77 52.13
N ALA B 328 35.27 12.21 51.20
CA ALA B 328 36.05 13.00 50.21
C ALA B 328 35.05 13.47 49.16
N ALA B 329 34.33 14.55 49.49
CA ALA B 329 33.00 14.88 48.96
C ALA B 329 33.05 15.02 47.43
N ASN B 330 34.00 15.79 46.91
CA ASN B 330 34.05 16.12 45.46
C ASN B 330 34.83 15.06 44.69
N ASP B 331 35.34 14.01 45.35
CA ASP B 331 36.00 12.86 44.70
C ASP B 331 35.05 11.67 44.63
N PHE B 332 33.81 11.81 45.14
CA PHE B 332 32.78 10.74 45.19
C PHE B 332 33.37 9.50 45.86
N THR B 333 34.01 9.70 47.00
CA THR B 333 34.69 8.64 47.77
C THR B 333 34.29 8.76 49.24
N ILE B 334 33.86 7.65 49.82
CA ILE B 334 33.76 7.51 51.30
C ILE B 334 35.05 6.83 51.73
N GLU B 335 35.83 7.51 52.56
CA GLU B 335 37.07 6.97 53.16
C GLU B 335 36.72 6.36 54.51
N ILE B 336 37.28 5.18 54.78
CA ILE B 336 37.13 4.47 56.07
C ILE B 336 38.47 4.53 56.79
N TYR B 337 38.44 5.01 58.04
CA TYR B 337 39.60 5.12 58.94
C TYR B 337 39.31 4.29 60.20
N THR B 338 40.36 3.82 60.87
CA THR B 338 40.23 3.07 62.14
C THR B 338 41.05 3.79 63.23
N SER B 339 40.67 3.59 64.48
CA SER B 339 41.31 4.22 65.66
C SER B 339 41.08 3.37 66.90
N PRO B 340 42.12 3.18 67.74
CA PRO B 340 41.91 2.55 69.04
C PRO B 340 41.32 3.52 70.07
N ASN B 341 41.41 4.84 69.84
CA ASN B 341 41.20 5.85 70.92
C ASN B 341 40.50 7.14 70.46
N LEU B 342 40.01 7.20 69.21
CA LEU B 342 39.21 8.33 68.66
C LEU B 342 40.07 9.56 68.32
N THR B 343 41.37 9.57 68.65
CA THR B 343 42.27 10.73 68.37
C THR B 343 43.34 10.40 67.31
N SER B 344 43.76 9.14 67.22
CA SER B 344 44.75 8.65 66.22
C SER B 344 44.04 7.81 65.15
N TRP B 345 43.96 8.32 63.93
CA TRP B 345 43.20 7.69 62.82
C TRP B 345 44.16 7.15 61.75
N THR B 346 43.89 5.94 61.28
CA THR B 346 44.68 5.25 60.23
C THR B 346 43.77 4.94 59.05
N PHE B 347 44.19 5.30 57.84
CA PHE B 347 43.43 5.00 56.61
C PHE B 347 43.23 3.49 56.49
N ALA B 348 42.01 3.05 56.18
CA ALA B 348 41.70 1.61 55.98
C ALA B 348 41.36 1.35 54.51
N SER B 349 40.37 2.05 53.95
CA SER B 349 39.85 1.71 52.60
C SER B 349 39.03 2.86 52.01
N ASN B 350 38.82 2.78 50.69
CA ASN B 350 38.01 3.74 49.90
C ASN B 350 36.82 3.02 49.27
N PHE B 351 35.65 3.65 49.30
CA PHE B 351 34.41 3.25 48.58
C PHE B 351 34.09 4.37 47.59
N THR B 352 34.36 4.19 46.29
CA THR B 352 34.41 5.31 45.31
C THR B 352 33.48 5.04 44.11
N HIS B 353 32.85 6.12 43.63
CA HIS B 353 32.08 6.16 42.35
C HIS B 353 31.06 5.03 42.32
N HIS B 354 30.24 4.94 43.37
CA HIS B 354 29.09 4.02 43.46
C HIS B 354 27.79 4.80 43.36
N GLY B 355 26.80 4.21 42.67
CA GLY B 355 25.46 4.78 42.52
C GLY B 355 25.49 6.14 41.84
N LEU B 356 24.54 7.00 42.20
CA LEU B 356 24.47 8.36 41.61
C LEU B 356 25.57 9.20 42.22
N LEU B 357 26.32 9.92 41.39
CA LEU B 357 27.41 10.79 41.89
C LEU B 357 26.81 12.10 42.41
N GLY B 358 25.82 12.65 41.71
CA GLY B 358 25.44 14.07 41.91
C GLY B 358 26.67 14.95 41.75
N LEU B 359 26.80 15.99 42.58
CA LEU B 359 27.97 16.90 42.55
C LEU B 359 28.88 16.67 43.76
N ALA B 360 28.46 15.85 44.74
CA ALA B 360 29.24 15.58 45.97
C ALA B 360 28.59 14.47 46.78
N TYR B 361 29.42 13.63 47.39
CA TYR B 361 29.07 12.70 48.48
C TYR B 361 29.08 13.48 49.80
N GLU B 362 28.05 13.33 50.61
CA GLU B 362 27.93 13.97 51.95
C GLU B 362 27.34 12.98 52.96
N CYS B 363 27.61 13.22 54.24
CA CYS B 363 26.92 12.61 55.41
C CYS B 363 26.79 11.09 55.26
N PRO B 364 27.92 10.37 55.04
CA PRO B 364 27.89 8.91 54.95
C PRO B 364 27.48 8.30 56.30
N ASN B 365 26.66 7.26 56.25
CA ASN B 365 26.35 6.40 57.43
C ASN B 365 26.60 4.95 57.02
N LEU B 366 27.43 4.26 57.80
CA LEU B 366 27.72 2.83 57.64
C LEU B 366 27.14 2.12 58.86
N VAL B 367 26.04 1.39 58.67
CA VAL B 367 25.23 0.84 59.80
C VAL B 367 24.75 -0.57 59.49
N GLN B 368 24.53 -1.35 60.55
CA GLN B 368 23.94 -2.71 60.48
C GLN B 368 22.42 -2.56 60.62
N VAL B 369 21.67 -3.03 59.63
CA VAL B 369 20.19 -2.84 59.60
C VAL B 369 19.53 -4.21 59.64
N PRO B 370 18.64 -4.46 60.63
CA PRO B 370 17.97 -5.76 60.75
C PRO B 370 16.95 -6.00 59.63
N PHE B 371 16.70 -7.28 59.32
CA PHE B 371 15.69 -7.72 58.32
C PHE B 371 14.30 -7.55 58.92
N GLN B 372 13.37 -6.98 58.17
CA GLN B 372 11.99 -6.70 58.64
C GLN B 372 11.29 -8.00 59.05
N ASP B 373 11.49 -9.07 58.28
CA ASP B 373 10.77 -10.37 58.46
C ASP B 373 11.51 -11.27 59.47
N ASP B 374 12.71 -10.89 59.92
CA ASP B 374 13.55 -11.76 60.79
C ASP B 374 14.56 -10.90 61.56
N PRO B 375 14.21 -10.47 62.80
CA PRO B 375 15.10 -9.68 63.64
C PRO B 375 16.50 -10.25 63.90
N SER B 376 16.66 -11.58 63.79
CA SER B 376 17.95 -12.29 64.08
C SER B 376 18.94 -12.10 62.93
N LYS B 377 18.48 -11.59 61.78
CA LYS B 377 19.35 -11.35 60.59
C LYS B 377 19.52 -9.85 60.38
N SER B 378 20.65 -9.46 59.81
CA SER B 378 20.95 -8.05 59.46
C SER B 378 21.95 -8.03 58.31
N ALA B 379 22.12 -6.88 57.69
CA ALA B 379 23.18 -6.63 56.70
C ALA B 379 23.71 -5.22 56.92
N TRP B 380 24.95 -5.00 56.51
CA TRP B 380 25.56 -3.66 56.51
C TRP B 380 24.96 -2.84 55.36
N LEU B 381 24.84 -1.54 55.61
CA LEU B 381 24.28 -0.58 54.64
C LEU B 381 25.15 0.67 54.66
N MET B 382 25.60 1.09 53.50
CA MET B 382 26.25 2.42 53.32
C MET B 382 25.16 3.35 52.80
N TYR B 383 24.84 4.38 53.57
CA TYR B 383 23.90 5.45 53.16
C TYR B 383 24.74 6.68 52.80
N ILE B 384 24.50 7.25 51.62
CA ILE B 384 25.23 8.47 51.16
C ILE B 384 24.21 9.50 50.70
N SER B 385 24.34 10.72 51.21
CA SER B 385 23.58 11.89 50.72
C SER B 385 24.36 12.53 49.57
N ILE B 386 23.68 12.98 48.53
CA ILE B 386 24.34 13.72 47.42
C ILE B 386 23.66 15.07 47.19
N ASN B 387 24.47 16.07 46.88
CA ASN B 387 23.96 17.43 46.60
C ASN B 387 25.07 18.30 46.03
N PRO B 388 24.78 19.17 45.02
CA PRO B 388 23.58 19.04 44.19
C PRO B 388 23.60 17.81 43.28
N GLY B 389 22.79 17.82 42.21
CA GLY B 389 22.83 16.81 41.13
C GLY B 389 21.88 15.63 41.34
N ALA B 390 21.00 15.65 42.34
CA ALA B 390 19.97 14.59 42.51
C ALA B 390 19.04 14.58 41.29
N PRO B 391 18.51 13.41 40.88
CA PRO B 391 17.61 13.34 39.73
C PRO B 391 16.43 14.34 39.74
N LEU B 392 15.79 14.53 40.89
CA LEU B 392 14.62 15.46 41.03
C LEU B 392 15.10 16.89 41.21
N GLY B 393 16.42 17.09 41.24
CA GLY B 393 17.05 18.39 41.51
C GLY B 393 17.54 18.48 42.95
N GLY B 394 18.73 19.03 43.13
CA GLY B 394 19.31 19.32 44.46
C GLY B 394 19.78 18.07 45.17
N SER B 395 19.20 17.80 46.33
CA SER B 395 19.73 16.88 47.37
C SER B 395 18.86 15.61 47.42
N VAL B 396 19.49 14.46 47.66
CA VAL B 396 18.75 13.18 47.84
C VAL B 396 19.65 12.19 48.58
N GLY B 397 19.03 11.20 49.24
CA GLY B 397 19.75 10.10 49.89
C GLY B 397 19.72 8.84 49.04
N GLN B 398 20.80 8.06 49.07
CA GLN B 398 20.84 6.74 48.39
C GLN B 398 21.53 5.75 49.32
N TYR B 399 21.43 4.45 49.03
CA TYR B 399 22.02 3.42 49.92
C TYR B 399 22.52 2.23 49.10
N PHE B 400 23.36 1.44 49.76
CA PHE B 400 24.07 0.28 49.19
C PHE B 400 24.07 -0.81 50.26
N PRO B 401 23.33 -1.91 50.08
CA PRO B 401 23.45 -3.05 50.99
C PRO B 401 24.77 -3.80 50.70
N GLY B 402 25.38 -4.37 51.74
CA GLY B 402 26.61 -5.12 51.50
C GLY B 402 27.26 -5.65 52.77
N ASP B 403 28.57 -5.93 52.66
N ASP B 403 28.56 -5.93 52.66
CA ASP B 403 29.39 -6.57 53.71
CA ASP B 403 29.40 -6.56 53.70
C ASP B 403 30.38 -5.55 54.26
C ASP B 403 30.38 -5.53 54.26
N PHE B 404 30.57 -5.53 55.58
CA PHE B 404 31.62 -4.75 56.27
C PHE B 404 32.36 -5.72 57.21
N ASN B 405 33.70 -5.64 57.20
CA ASN B 405 34.55 -6.58 57.98
C ASN B 405 35.47 -5.80 58.93
N GLY B 406 35.19 -4.53 59.20
CA GLY B 406 35.96 -3.70 60.14
C GLY B 406 36.91 -2.74 59.45
N THR B 407 37.25 -2.99 58.18
CA THR B 407 38.19 -2.19 57.37
C THR B 407 37.59 -1.82 56.01
N HIS B 408 36.84 -2.73 55.38
CA HIS B 408 36.37 -2.61 53.98
C HIS B 408 34.86 -2.85 53.90
N PHE B 409 34.15 -1.95 53.22
CA PHE B 409 32.73 -2.13 52.82
C PHE B 409 32.69 -2.56 51.35
N VAL B 410 32.02 -3.68 51.07
CA VAL B 410 31.84 -4.22 49.70
C VAL B 410 30.34 -4.35 49.44
N ALA B 411 29.82 -3.56 48.49
CA ALA B 411 28.41 -3.59 48.07
C ALA B 411 28.10 -4.97 47.47
N TYR B 412 26.89 -5.48 47.67
CA TYR B 412 26.48 -6.81 47.13
C TYR B 412 26.39 -6.75 45.60
N ASP B 413 26.07 -5.58 45.02
CA ASP B 413 25.97 -5.41 43.55
C ASP B 413 26.32 -3.98 43.17
N SER B 414 26.18 -3.64 41.89
CA SER B 414 26.55 -2.33 41.31
C SER B 414 25.30 -1.46 41.13
N ALA B 415 24.20 -1.74 41.82
CA ALA B 415 22.93 -1.01 41.63
C ALA B 415 22.94 0.29 42.45
N ALA B 416 22.19 1.29 41.96
CA ALA B 416 21.89 2.56 42.66
C ALA B 416 20.47 2.45 43.21
N ARG B 417 20.25 2.85 44.46
CA ARG B 417 18.92 2.72 45.15
C ARG B 417 18.63 4.02 45.89
N ILE B 418 17.56 4.71 45.51
CA ILE B 418 17.13 6.00 46.11
C ILE B 418 16.19 5.69 47.28
N ALA B 419 16.39 6.36 48.42
CA ALA B 419 15.79 6.05 49.74
C ALA B 419 14.34 6.54 49.82
N ASP B 420 14.03 7.69 49.22
CA ASP B 420 12.76 8.44 49.37
C ASP B 420 12.36 8.91 47.97
N PHE B 421 11.09 8.75 47.56
CA PHE B 421 10.68 9.04 46.17
C PHE B 421 10.22 10.49 45.98
N ALA B 422 10.31 11.36 46.99
CA ALA B 422 10.08 12.81 46.80
C ALA B 422 11.42 13.55 46.97
N LYS B 423 11.45 14.86 47.24
CA LYS B 423 12.73 15.62 47.19
C LYS B 423 13.06 16.31 48.53
N ASP B 424 12.32 16.04 49.61
CA ASP B 424 12.52 16.74 50.91
C ASP B 424 12.97 15.75 52.01
N ASN B 425 13.99 14.95 51.73
CA ASN B 425 14.57 14.02 52.75
C ASN B 425 16.08 13.92 52.48
N TYR B 426 16.89 14.45 53.39
CA TYR B 426 18.35 14.59 53.18
C TYR B 426 19.13 14.46 54.49
N ALA B 427 20.38 14.01 54.36
CA ALA B 427 21.38 13.99 55.44
C ALA B 427 20.88 13.12 56.60
N SER B 428 20.16 12.03 56.31
CA SER B 428 19.76 11.02 57.32
C SER B 428 20.98 10.68 58.18
N GLN B 429 20.84 10.70 59.50
CA GLN B 429 21.86 10.13 60.41
C GLN B 429 21.20 9.11 61.33
N TRP B 430 21.92 8.03 61.60
CA TRP B 430 21.49 6.95 62.51
C TRP B 430 21.94 7.27 63.94
N PHE B 431 21.06 7.03 64.90
CA PHE B 431 21.35 7.17 66.35
C PHE B 431 22.32 6.06 66.77
N ALA B 432 23.41 6.46 67.42
CA ALA B 432 24.38 5.56 68.07
C ALA B 432 23.78 5.04 69.39
N ASP B 433 24.16 3.82 69.79
CA ASP B 433 23.95 3.26 71.15
C ASP B 433 22.44 3.11 71.41
N THR B 434 21.69 2.69 70.39
CA THR B 434 20.25 2.36 70.53
C THR B 434 20.14 1.04 71.30
N GLU B 435 18.92 0.68 71.69
CA GLU B 435 18.61 -0.54 72.47
C GLU B 435 17.91 -1.57 71.56
N ASN B 436 18.07 -2.86 71.83
CA ASN B 436 17.23 -3.96 71.29
C ASN B 436 17.37 -4.05 69.76
N GLY B 437 18.60 -3.99 69.24
CA GLY B 437 18.87 -4.08 67.79
C GLY B 437 18.01 -3.13 66.98
N GLU B 438 17.67 -1.96 67.54
CA GLU B 438 16.78 -0.97 66.87
C GLU B 438 17.65 -0.11 65.96
N SER B 439 17.29 -0.06 64.68
CA SER B 439 17.88 0.88 63.70
C SER B 439 17.00 2.12 63.65
N ILE B 440 17.48 3.23 64.22
CA ILE B 440 16.70 4.50 64.34
C ILE B 440 17.48 5.60 63.63
N SER B 441 16.81 6.31 62.72
CA SER B 441 17.41 7.44 61.97
C SER B 441 16.47 8.64 61.97
N ILE B 442 17.02 9.80 61.63
CA ILE B 442 16.24 11.04 61.38
C ILE B 442 16.94 11.80 60.24
N ALA B 443 16.16 12.53 59.45
CA ALA B 443 16.67 13.28 58.28
C ALA B 443 16.23 14.74 58.42
N TRP B 444 16.93 15.60 57.69
CA TRP B 444 16.53 17.01 57.46
C TRP B 444 15.47 17.01 56.35
N ALA B 445 14.25 17.50 56.65
CA ALA B 445 13.10 17.42 55.74
C ALA B 445 13.07 18.67 54.86
N SER B 446 14.04 18.79 53.95
CA SER B 446 14.14 19.92 53.02
C SER B 446 14.99 19.53 51.81
N ASN B 447 15.20 20.48 50.92
CA ASN B 447 16.03 20.32 49.71
C ASN B 447 16.89 21.58 49.58
N TRP B 448 18.19 21.40 49.33
CA TRP B 448 19.14 22.54 49.21
C TRP B 448 18.72 23.54 48.12
N GLN B 449 17.93 23.16 47.12
CA GLN B 449 17.57 24.10 46.02
C GLN B 449 16.63 25.21 46.54
N TYR B 450 15.86 24.98 47.60
CA TYR B 450 14.88 26.02 48.07
C TYR B 450 14.85 26.16 49.60
N THR B 451 15.64 25.41 50.36
CA THR B 451 15.58 25.42 51.83
C THR B 451 15.80 26.85 52.36
N GLN B 452 16.64 27.66 51.71
CA GLN B 452 16.99 29.01 52.23
C GLN B 452 15.95 30.04 51.76
N GLN B 453 14.93 29.63 51.01
CA GLN B 453 13.93 30.54 50.40
C GLN B 453 12.51 30.21 50.88
N VAL B 454 12.30 29.13 51.62
CA VAL B 454 10.94 28.67 52.05
C VAL B 454 10.30 29.76 52.91
N PRO B 455 8.97 29.95 52.81
CA PRO B 455 8.29 31.08 53.45
C PRO B 455 7.92 30.87 54.93
N THR B 456 8.91 30.49 55.75
CA THR B 456 8.69 30.20 57.19
C THR B 456 9.47 31.16 58.09
N SER B 457 10.31 32.05 57.53
CA SER B 457 11.19 32.96 58.33
C SER B 457 10.34 33.95 59.11
N ALA B 458 9.17 34.34 58.59
CA ALA B 458 8.19 35.22 59.28
C ALA B 458 7.56 34.46 60.46
N GLN B 459 7.73 33.14 60.53
CA GLN B 459 7.24 32.29 61.64
C GLN B 459 8.41 31.79 62.51
N ALA B 460 9.57 32.45 62.45
CA ALA B 460 10.70 32.33 63.40
C ALA B 460 11.52 31.06 63.16
N PHE B 461 11.55 30.49 61.95
CA PHE B 461 12.41 29.31 61.68
C PHE B 461 12.52 29.02 60.17
N ARG B 462 13.61 28.35 59.81
CA ARG B 462 13.74 27.62 58.53
C ARG B 462 14.26 26.22 58.85
N SER B 463 13.50 25.20 58.44
CA SER B 463 13.91 23.78 58.40
C SER B 463 13.31 23.02 59.58
N ALA B 464 12.81 21.81 59.28
CA ALA B 464 12.35 20.82 60.25
C ALA B 464 13.02 19.48 59.94
N MET B 465 13.14 18.62 60.95
CA MET B 465 13.57 17.22 60.74
C MET B 465 12.37 16.44 60.20
N SER B 466 12.62 15.31 59.53
CA SER B 466 11.61 14.28 59.21
C SER B 466 11.05 13.72 60.52
N LEU B 467 9.98 12.94 60.44
CA LEU B 467 9.63 12.02 61.56
C LEU B 467 10.85 11.15 61.85
N PRO B 468 11.11 10.82 63.13
CA PRO B 468 12.10 9.82 63.48
C PRO B 468 11.66 8.50 62.83
N ARG B 469 12.61 7.70 62.35
CA ARG B 469 12.32 6.50 61.54
C ARG B 469 12.88 5.26 62.21
N ARG B 470 12.09 4.18 62.15
CA ARG B 470 12.53 2.79 62.39
C ARG B 470 12.91 2.21 61.03
N ASN B 471 14.12 1.69 60.89
CA ASN B 471 14.65 1.17 59.60
C ASN B 471 14.76 -0.36 59.65
N TYR B 472 14.52 -0.98 58.51
CA TYR B 472 14.77 -2.42 58.27
C TYR B 472 15.28 -2.57 56.84
N LEU B 473 15.79 -3.75 56.51
CA LEU B 473 15.99 -4.20 55.12
C LEU B 473 14.97 -5.28 54.81
N THR B 474 14.46 -5.28 53.59
CA THR B 474 13.62 -6.38 53.09
C THR B 474 13.91 -6.61 51.61
N ASN B 475 13.45 -7.73 51.08
CA ASN B 475 13.40 -7.99 49.63
C ASN B 475 11.98 -7.73 49.15
N ILE B 476 11.80 -6.83 48.18
CA ILE B 476 10.47 -6.55 47.57
C ILE B 476 10.42 -7.28 46.22
N THR B 477 9.20 -7.57 45.76
CA THR B 477 8.98 -8.37 44.53
C THR B 477 9.80 -7.77 43.38
N ARG B 478 10.60 -8.60 42.71
CA ARG B 478 11.40 -8.32 41.49
C ARG B 478 12.62 -7.46 41.82
N LEU B 479 12.44 -6.30 42.45
CA LEU B 479 13.50 -5.28 42.66
C LEU B 479 14.53 -5.81 43.68
N GLY B 480 14.12 -6.67 44.61
CA GLY B 480 15.02 -7.24 45.63
C GLY B 480 15.25 -6.28 46.79
N TRP B 481 16.50 -5.93 47.05
CA TRP B 481 16.92 -5.17 48.27
C TRP B 481 16.13 -3.87 48.38
N ASP B 482 15.67 -3.55 49.59
CA ASP B 482 14.89 -2.33 49.86
C ASP B 482 15.15 -1.85 51.29
N LEU B 483 15.43 -0.56 51.46
CA LEU B 483 15.53 0.10 52.78
C LEU B 483 14.11 0.48 53.19
N VAL B 484 13.61 -0.19 54.23
CA VAL B 484 12.31 0.08 54.88
C VAL B 484 12.50 1.26 55.83
N SER B 485 11.55 2.20 55.79
CA SER B 485 11.45 3.34 56.73
C SER B 485 10.01 3.42 57.22
N LEU B 486 9.82 3.43 58.54
CA LEU B 486 8.50 3.61 59.18
C LEU B 486 8.63 4.67 60.26
N PRO B 487 7.55 5.42 60.57
CA PRO B 487 7.58 6.38 61.67
C PRO B 487 7.92 5.63 62.97
N TYR B 488 8.81 6.18 63.77
CA TYR B 488 9.12 5.61 65.11
C TYR B 488 7.87 5.76 65.98
N ASP B 489 7.55 4.72 66.77
CA ASP B 489 6.38 4.64 67.69
C ASP B 489 5.72 6.01 67.89
N LEU B 490 4.61 6.25 67.20
CA LEU B 490 3.87 7.53 67.25
C LEU B 490 2.92 7.57 68.45
N SER B 491 2.73 6.47 69.18
CA SER B 491 1.70 6.35 70.24
C SER B 491 1.75 7.55 71.19
N PRO B 492 2.93 8.11 71.57
CA PRO B 492 2.95 9.27 72.47
C PRO B 492 2.35 10.58 71.95
N VAL B 493 2.01 10.70 70.65
CA VAL B 493 1.43 11.94 70.07
C VAL B 493 0.04 11.66 69.47
N VAL B 494 -0.42 10.40 69.46
CA VAL B 494 -1.71 10.04 68.80
C VAL B 494 -2.86 10.47 69.71
N GLY B 495 -3.72 11.35 69.21
CA GLY B 495 -4.93 11.84 69.91
C GLY B 495 -6.16 11.01 69.56
N PRO B 496 -7.37 11.52 69.85
CA PRO B 496 -8.60 10.76 69.61
C PRO B 496 -8.88 10.50 68.13
N SER B 497 -9.54 9.37 67.85
CA SER B 497 -10.00 8.94 66.51
C SER B 497 -10.89 10.03 65.90
N LEU B 498 -10.67 10.37 64.62
CA LEU B 498 -11.55 11.27 63.83
C LEU B 498 -12.47 10.44 62.93
N LEU B 499 -12.03 9.24 62.55
CA LEU B 499 -12.81 8.33 61.67
C LEU B 499 -12.24 6.92 61.77
N SER B 500 -13.14 5.94 61.91
CA SER B 500 -12.89 4.50 61.69
C SER B 500 -13.94 3.99 60.70
N SER B 501 -13.52 3.51 59.52
CA SER B 501 -14.43 3.11 58.42
C SER B 501 -13.95 1.79 57.80
N SER B 502 -14.92 0.93 57.44
CA SER B 502 -14.69 -0.35 56.71
C SER B 502 -15.38 -0.28 55.34
N GLU B 503 -15.77 0.92 54.91
CA GLU B 503 -16.49 1.17 53.63
C GLU B 503 -15.50 1.12 52.46
N ALA B 504 -15.80 0.26 51.47
CA ALA B 504 -15.10 0.16 50.16
C ALA B 504 -15.93 0.90 49.12
N ASN B 505 -15.29 1.37 48.04
CA ASN B 505 -15.94 2.09 46.93
C ASN B 505 -16.71 3.31 47.46
N SER B 506 -16.13 4.04 48.42
CA SER B 506 -16.76 5.21 49.08
C SER B 506 -15.77 6.37 49.13
N THR B 507 -16.25 7.58 49.42
CA THR B 507 -15.43 8.77 49.76
C THR B 507 -15.72 9.15 51.21
N ALA B 508 -14.70 9.09 52.07
CA ALA B 508 -14.73 9.56 53.47
C ALA B 508 -14.23 11.00 53.51
N ASP B 509 -15.05 11.92 54.04
CA ASP B 509 -14.68 13.34 54.27
C ASP B 509 -14.39 13.51 55.75
N VAL B 510 -13.15 13.82 56.11
CA VAL B 510 -12.69 13.97 57.53
C VAL B 510 -12.33 15.42 57.77
N ASP B 511 -13.10 16.14 58.59
CA ASP B 511 -12.81 17.53 58.99
C ASP B 511 -11.92 17.49 60.24
N PHE B 512 -10.86 18.30 60.29
CA PHE B 512 -9.98 18.39 61.48
C PHE B 512 -9.69 19.86 61.78
N THR B 513 -10.67 20.75 61.57
CA THR B 513 -10.60 22.17 61.98
C THR B 513 -10.68 22.27 63.52
N ASN B 514 -11.13 21.22 64.20
CA ASN B 514 -11.17 21.14 65.69
C ASN B 514 -9.87 20.56 66.26
N VAL B 515 -8.96 20.06 65.41
CA VAL B 515 -7.63 19.54 65.85
C VAL B 515 -6.65 20.71 65.85
N THR B 516 -6.35 21.27 67.03
CA THR B 516 -5.57 22.54 67.17
C THR B 516 -4.15 22.34 66.63
N SER B 517 -3.64 21.10 66.66
CA SER B 517 -2.29 20.72 66.14
C SER B 517 -2.19 21.02 64.64
N ASN B 518 -3.30 20.87 63.90
CA ASN B 518 -3.33 20.88 62.41
C ASN B 518 -2.39 19.76 61.93
N ALA B 519 -2.38 18.63 62.67
CA ALA B 519 -1.58 17.44 62.37
C ALA B 519 -2.44 16.19 62.55
N VAL B 520 -2.42 15.27 61.58
CA VAL B 520 -3.21 14.01 61.60
C VAL B 520 -2.32 12.84 61.17
N TRP B 521 -2.67 11.66 61.66
CA TRP B 521 -2.18 10.34 61.22
C TRP B 521 -3.34 9.61 60.55
N PHE B 522 -3.07 8.91 59.45
CA PHE B 522 -4.07 8.04 58.78
C PHE B 522 -3.40 6.73 58.40
N SER B 523 -4.19 5.67 58.41
CA SER B 523 -3.81 4.27 58.05
C SER B 523 -4.91 3.72 57.15
N LEU B 524 -4.54 3.17 55.99
CA LEU B 524 -5.49 2.55 55.05
C LEU B 524 -4.97 1.17 54.68
N ASN B 525 -5.75 0.13 54.98
CA ASN B 525 -5.47 -1.26 54.55
C ASN B 525 -6.48 -1.63 53.47
N VAL B 526 -6.01 -2.29 52.41
CA VAL B 526 -6.85 -2.89 51.34
C VAL B 526 -6.42 -4.35 51.22
N THR B 527 -7.36 -5.27 51.41
CA THR B 527 -7.17 -6.72 51.17
C THR B 527 -8.03 -7.10 49.97
N LEU B 528 -7.41 -7.32 48.81
CA LEU B 528 -8.08 -7.85 47.60
C LEU B 528 -8.51 -9.28 47.89
N PRO B 529 -9.60 -9.77 47.25
CA PRO B 529 -9.97 -11.18 47.36
C PRO B 529 -8.91 -12.06 46.68
N ASP B 530 -8.78 -13.30 47.15
CA ASP B 530 -7.75 -14.27 46.67
C ASP B 530 -7.76 -14.34 45.14
N ALA B 531 -8.96 -14.32 44.54
CA ALA B 531 -9.17 -14.47 43.08
C ALA B 531 -8.34 -13.43 42.31
N ALA B 532 -8.35 -12.17 42.78
CA ALA B 532 -7.70 -11.03 42.09
C ALA B 532 -6.20 -10.98 42.40
N ILE B 533 -5.78 -11.51 43.56
CA ILE B 533 -4.35 -11.64 43.93
C ILE B 533 -3.71 -12.67 42.99
N GLN B 534 -4.48 -13.68 42.57
CA GLN B 534 -4.02 -14.78 41.69
C GLN B 534 -4.17 -14.37 40.22
N ASN B 535 -5.27 -13.70 39.88
CA ASN B 535 -5.53 -13.20 38.49
C ASN B 535 -5.84 -11.71 38.56
N ALA B 536 -4.83 -10.86 38.35
CA ALA B 536 -4.96 -9.39 38.41
C ALA B 536 -5.80 -8.88 37.23
N SER B 537 -5.90 -9.66 36.15
CA SER B 537 -6.73 -9.35 34.94
C SER B 537 -8.19 -9.17 35.37
N LEU B 538 -8.54 -9.61 36.58
CA LEU B 538 -9.90 -9.49 37.18
C LEU B 538 -10.10 -8.10 37.77
N ILE B 539 -9.02 -7.32 37.97
CA ILE B 539 -9.11 -5.95 38.57
C ILE B 539 -9.55 -4.97 37.49
N SER B 540 -10.58 -4.17 37.79
CA SER B 540 -11.11 -3.08 36.93
C SER B 540 -10.01 -2.06 36.67
N ALA B 541 -9.97 -1.50 35.46
CA ALA B 541 -9.05 -0.41 35.04
C ALA B 541 -9.20 0.78 35.99
N ASP B 542 -10.38 0.93 36.61
CA ASP B 542 -10.76 2.10 37.45
C ASP B 542 -10.38 1.89 38.92
N ALA B 543 -9.89 0.71 39.31
CA ALA B 543 -9.57 0.37 40.72
C ALA B 543 -8.48 1.31 41.23
N SER B 544 -8.82 2.21 42.15
CA SER B 544 -7.93 3.33 42.56
C SER B 544 -8.21 3.81 43.98
N ILE B 545 -7.21 4.46 44.57
CA ILE B 545 -7.27 5.18 45.87
C ILE B 545 -6.87 6.63 45.60
N ASN B 546 -7.69 7.59 46.04
CA ASN B 546 -7.41 9.04 45.86
C ASN B 546 -7.57 9.73 47.21
N ILE B 547 -6.48 10.30 47.73
CA ILE B 547 -6.48 11.09 49.00
C ILE B 547 -6.17 12.55 48.64
N THR B 548 -6.94 13.48 49.20
CA THR B 548 -6.75 14.94 48.99
C THR B 548 -6.78 15.61 50.36
N PHE B 549 -5.87 16.56 50.57
CA PHE B 549 -5.83 17.48 51.73
C PHE B 549 -6.37 18.82 51.24
N LEU B 550 -7.50 19.27 51.80
CA LEU B 550 -8.28 20.41 51.29
C LEU B 550 -8.14 21.61 52.20
N PRO B 551 -8.12 22.84 51.63
CA PRO B 551 -7.96 24.07 52.41
C PRO B 551 -9.15 24.32 53.35
N SER B 552 -8.85 24.87 54.53
CA SER B 552 -9.83 25.32 55.54
C SER B 552 -10.67 26.45 54.94
N THR B 553 -11.97 26.45 55.24
CA THR B 553 -12.91 27.56 54.89
C THR B 553 -12.98 28.56 56.06
N LYS B 554 -12.58 28.14 57.26
CA LYS B 554 -12.65 28.96 58.50
C LYS B 554 -11.43 29.87 58.64
N CYS B 555 -10.28 29.51 58.03
CA CYS B 555 -8.98 30.22 58.22
C CYS B 555 -8.31 30.53 56.88
N SER B 556 -9.10 30.71 55.81
CA SER B 556 -8.62 31.16 54.47
C SER B 556 -7.90 32.51 54.58
N GLY B 562 -8.74 32.94 47.46
CA GLY B 562 -8.77 31.55 47.95
C GLY B 562 -9.13 30.57 46.84
N SER B 563 -8.17 29.76 46.40
CA SER B 563 -8.40 28.64 45.44
C SER B 563 -8.90 27.43 46.24
N ASP B 564 -9.73 26.60 45.61
CA ASP B 564 -10.27 25.35 46.23
C ASP B 564 -9.30 24.19 45.95
N SER B 565 -8.15 24.46 45.33
CA SER B 565 -7.12 23.44 45.01
C SER B 565 -6.72 22.70 46.28
N PRO B 566 -6.62 21.35 46.24
CA PRO B 566 -5.99 20.60 47.33
C PRO B 566 -4.57 21.12 47.57
N ALA B 567 -4.10 21.06 48.83
CA ALA B 567 -2.72 21.39 49.24
C ALA B 567 -1.79 20.20 48.90
N ALA B 568 -2.31 18.99 48.87
CA ALA B 568 -1.55 17.73 48.66
C ALA B 568 -2.51 16.65 48.20
N THR B 569 -2.05 15.79 47.28
CA THR B 569 -2.84 14.65 46.74
C THR B 569 -1.99 13.39 46.74
N LEU B 570 -2.65 12.25 46.90
CA LEU B 570 -2.08 10.91 46.60
C LEU B 570 -3.09 10.18 45.73
N THR B 571 -2.64 9.67 44.58
CA THR B 571 -3.44 8.89 43.62
C THR B 571 -2.69 7.60 43.33
N TYR B 572 -3.34 6.45 43.53
CA TYR B 572 -2.76 5.11 43.24
C TYR B 572 -3.74 4.31 42.37
N PHE B 573 -3.21 3.60 41.37
CA PHE B 573 -3.97 2.71 40.45
C PHE B 573 -3.52 1.26 40.63
N TYR B 574 -4.47 0.34 40.86
CA TYR B 574 -4.23 -1.12 40.95
C TYR B 574 -3.95 -1.71 39.56
N ALA B 575 -4.51 -1.11 38.51
CA ALA B 575 -4.40 -1.63 37.13
C ALA B 575 -4.52 -0.48 36.13
N GLY B 576 -5.14 -0.72 34.97
CA GLY B 576 -5.26 0.29 33.90
C GLY B 576 -3.93 0.52 33.21
N LEU B 577 -3.78 1.68 32.58
CA LEU B 577 -2.64 2.00 31.68
C LEU B 577 -1.39 2.36 32.50
N THR B 578 -1.57 2.84 33.73
CA THR B 578 -0.47 3.16 34.69
C THR B 578 -0.60 2.26 35.92
N ASN B 579 -0.54 0.95 35.71
CA ASN B 579 -0.77 -0.07 36.76
C ASN B 579 0.33 0.02 37.83
N GLY B 580 -0.07 0.19 39.10
CA GLY B 580 0.81 0.21 40.28
C GLY B 580 1.39 1.59 40.53
N ALA B 581 1.11 2.57 39.66
CA ALA B 581 1.68 3.93 39.75
C ALA B 581 1.01 4.66 40.92
N LEU B 582 1.83 5.21 41.81
CA LEU B 582 1.39 6.07 42.95
C LEU B 582 1.95 7.46 42.72
N ALA B 583 1.07 8.47 42.58
CA ALA B 583 1.43 9.90 42.46
C ALA B 583 1.24 10.61 43.79
N LEU B 584 2.23 11.39 44.21
CA LEU B 584 2.18 12.29 45.39
C LEU B 584 2.39 13.71 44.88
N THR B 585 1.45 14.63 45.11
CA THR B 585 1.50 15.96 44.45
C THR B 585 1.26 17.08 45.47
N ARG B 586 1.83 18.25 45.19
CA ARG B 586 1.59 19.52 45.90
C ARG B 586 1.20 20.53 44.82
N PRO B 587 -0.10 20.67 44.51
CA PRO B 587 -0.52 21.47 43.36
C PRO B 587 0.06 22.89 43.41
N ALA B 588 0.61 23.36 42.29
CA ALA B 588 1.12 24.73 42.11
C ALA B 588 0.00 25.73 42.43
N ALA B 589 -1.25 25.37 42.09
CA ALA B 589 -2.44 26.24 42.23
C ALA B 589 -2.71 26.57 43.70
N SER B 590 -2.26 25.74 44.65
CA SER B 590 -2.55 25.87 46.10
C SER B 590 -1.60 26.86 46.78
N SER B 591 -0.49 27.24 46.13
CA SER B 591 0.64 27.99 46.75
C SER B 591 1.26 28.97 45.74
N SER B 592 1.09 30.26 45.96
CA SER B 592 1.73 31.33 45.15
C SER B 592 3.26 31.19 45.24
N TRP B 593 3.80 30.98 46.45
CA TRP B 593 5.26 30.81 46.66
C TRP B 593 5.74 29.56 45.90
N GLY B 594 5.07 28.42 46.10
CA GLY B 594 5.40 27.14 45.47
C GLY B 594 5.39 27.23 43.95
N ALA B 595 4.33 27.78 43.36
CA ALA B 595 4.19 27.94 41.90
C ALA B 595 5.38 28.75 41.35
N GLU B 596 5.80 29.81 42.04
CA GLU B 596 6.83 30.75 41.54
C GLU B 596 8.23 30.16 41.70
N ASN B 597 8.49 29.36 42.74
CA ASN B 597 9.87 28.86 42.99
C ASN B 597 10.24 27.87 41.89
N PRO B 598 11.32 28.11 41.12
CA PRO B 598 11.62 27.31 39.94
C PRO B 598 12.02 25.86 40.24
N PHE B 599 12.38 25.54 41.49
CA PHE B 599 12.88 24.20 41.90
C PHE B 599 11.84 23.43 42.72
N PHE B 600 10.70 24.05 43.06
CA PHE B 600 9.68 23.45 43.95
C PHE B 600 8.75 22.55 43.12
N THR B 601 9.28 21.39 42.74
CA THR B 601 8.61 20.36 41.90
C THR B 601 7.24 20.00 42.49
N ASP B 602 6.21 19.92 41.63
CA ASP B 602 4.80 19.73 42.05
C ASP B 602 4.46 18.25 42.24
N LYS B 603 5.11 17.32 41.52
CA LYS B 603 4.60 15.93 41.38
C LYS B 603 5.75 14.91 41.50
N PHE B 604 5.52 13.87 42.30
CA PHE B 604 6.46 12.76 42.59
C PHE B 604 5.69 11.45 42.39
N SER B 605 6.40 10.38 42.06
CA SER B 605 5.72 9.08 41.90
C SER B 605 6.67 7.92 42.19
N TYR B 606 6.06 6.82 42.55
CA TYR B 606 6.70 5.50 42.76
C TYR B 606 5.75 4.47 42.15
N THR B 607 6.29 3.49 41.44
CA THR B 607 5.47 2.40 40.82
C THR B 607 5.72 1.10 41.59
N LEU B 608 4.65 0.56 42.18
CA LEU B 608 4.65 -0.75 42.87
C LEU B 608 4.61 -1.87 41.84
N VAL B 609 5.12 -3.04 42.21
CA VAL B 609 4.89 -4.32 41.48
C VAL B 609 3.71 -5.04 42.15
N ASP B 610 3.80 -5.29 43.45
CA ASP B 610 2.70 -5.87 44.27
C ASP B 610 1.56 -4.86 44.38
N PRO B 611 0.30 -5.31 44.55
CA PRO B 611 -0.79 -4.39 44.88
C PRO B 611 -0.49 -3.60 46.17
N LEU B 612 -0.98 -2.37 46.27
CA LEU B 612 -0.95 -1.59 47.54
C LEU B 612 -1.89 -2.27 48.53
N THR B 613 -1.37 -2.73 49.68
CA THR B 613 -2.16 -3.39 50.75
C THR B 613 -2.16 -2.56 52.04
N SER B 614 -1.19 -1.65 52.23
CA SER B 614 -1.16 -0.74 53.40
C SER B 614 -0.55 0.62 53.03
N LEU B 615 -1.06 1.67 53.67
CA LEU B 615 -0.65 3.07 53.49
C LEU B 615 -0.81 3.78 54.82
N VAL B 616 0.28 4.38 55.30
CA VAL B 616 0.30 5.21 56.53
C VAL B 616 0.82 6.59 56.13
N GLY B 617 0.26 7.63 56.73
CA GLY B 617 0.64 9.02 56.42
C GLY B 617 0.53 9.90 57.63
N VAL B 618 1.40 10.90 57.70
CA VAL B 618 1.34 11.96 58.74
C VAL B 618 1.38 13.31 58.02
N PHE B 619 0.36 14.12 58.24
CA PHE B 619 0.31 15.54 57.83
C PHE B 619 0.58 16.40 59.08
N ASP B 620 1.48 17.38 58.97
CA ASP B 620 1.88 18.24 60.11
C ASP B 620 2.10 19.68 59.61
N ARG B 621 0.99 20.38 59.35
CA ARG B 621 0.92 21.83 59.03
C ARG B 621 1.52 22.15 57.66
N SER B 622 2.80 21.81 57.44
CA SER B 622 3.57 22.17 56.21
C SER B 622 4.34 20.97 55.65
N MET B 623 3.98 19.74 56.04
CA MET B 623 4.74 18.52 55.68
C MET B 623 3.77 17.34 55.54
N LEU B 624 4.04 16.47 54.58
CA LEU B 624 3.33 15.19 54.43
C LEU B 624 4.37 14.09 54.23
N GLU B 625 4.32 13.05 55.05
CA GLU B 625 5.15 11.83 54.92
C GLU B 625 4.21 10.65 54.69
N VAL B 626 4.49 9.83 53.68
CA VAL B 626 3.69 8.62 53.38
C VAL B 626 4.61 7.40 53.34
N PHE B 627 4.06 6.25 53.74
CA PHE B 627 4.75 4.97 53.95
C PHE B 627 3.86 3.87 53.35
N VAL B 628 4.36 3.16 52.34
CA VAL B 628 3.54 2.23 51.50
C VAL B 628 4.02 0.80 51.75
N ASN B 629 3.07 -0.12 51.96
CA ASN B 629 3.31 -1.58 52.12
C ASN B 629 4.34 -1.79 53.25
N GLU B 630 3.96 -1.41 54.47
CA GLU B 630 4.76 -1.59 55.72
C GLU B 630 6.12 -0.92 55.54
N GLY B 631 6.12 0.30 54.97
CA GLY B 631 7.31 1.15 54.85
C GLY B 631 8.28 0.71 53.77
N ALA B 632 7.87 -0.18 52.85
CA ALA B 632 8.70 -0.60 51.69
C ALA B 632 9.10 0.63 50.88
N HIS B 633 8.15 1.58 50.71
CA HIS B 633 8.33 2.83 49.92
C HIS B 633 7.88 4.00 50.79
N SER B 634 8.63 5.10 50.79
CA SER B 634 8.34 6.27 51.64
C SER B 634 8.73 7.56 50.90
N ALA B 635 8.04 8.64 51.23
CA ALA B 635 8.25 9.98 50.64
C ALA B 635 8.00 11.03 51.71
N THR B 636 8.82 12.07 51.68
CA THR B 636 8.79 13.26 52.55
C THR B 636 8.59 14.48 51.64
N MET B 637 7.52 15.25 51.86
CA MET B 637 7.13 16.36 50.95
C MET B 637 6.70 17.57 51.78
N LEU B 638 7.35 18.71 51.56
CA LEU B 638 6.95 20.01 52.15
C LEU B 638 5.77 20.56 51.36
N VAL B 639 4.86 21.25 52.03
CA VAL B 639 3.75 21.99 51.38
C VAL B 639 3.61 23.36 52.07
N PHE B 640 3.43 24.42 51.29
CA PHE B 640 3.27 25.82 51.77
C PHE B 640 2.00 26.40 51.15
N PRO B 641 0.83 25.80 51.43
CA PRO B 641 -0.43 26.30 50.84
C PRO B 641 -0.73 27.72 51.35
N ASP B 642 -1.36 28.53 50.50
CA ASP B 642 -1.78 29.92 50.82
C ASP B 642 -2.71 29.89 52.04
N SER B 643 -3.64 28.94 52.07
CA SER B 643 -4.59 28.70 53.19
C SER B 643 -4.23 27.40 53.89
N PRO B 644 -4.29 27.34 55.24
CA PRO B 644 -4.04 26.10 55.96
C PRO B 644 -5.02 24.98 55.57
N VAL B 645 -4.56 23.73 55.64
CA VAL B 645 -5.37 22.51 55.39
C VAL B 645 -6.39 22.39 56.53
N GLY B 646 -7.64 22.08 56.20
CA GLY B 646 -8.76 21.97 57.16
C GLY B 646 -9.41 20.60 57.18
N SER B 647 -9.23 19.80 56.12
CA SER B 647 -9.88 18.47 55.97
C SER B 647 -9.10 17.58 55.00
N MET B 648 -9.45 16.30 54.97
CA MET B 648 -8.94 15.34 53.95
C MET B 648 -10.09 14.47 53.45
N LYS B 649 -10.05 14.10 52.18
CA LYS B 649 -10.97 13.12 51.55
C LYS B 649 -10.16 11.87 51.20
N VAL B 650 -10.66 10.69 51.59
CA VAL B 650 -10.11 9.37 51.21
C VAL B 650 -11.17 8.64 50.39
N ALA B 651 -10.92 8.47 49.09
CA ALA B 651 -11.84 7.78 48.15
C ALA B 651 -11.18 6.48 47.69
N THR B 652 -11.96 5.39 47.66
CA THR B 652 -11.62 4.14 46.93
C THR B 652 -12.73 3.90 45.90
N GLY B 653 -12.41 3.24 44.80
CA GLY B 653 -13.34 3.02 43.68
C GLY B 653 -12.88 1.88 42.82
N GLY B 654 -13.82 1.22 42.14
CA GLY B 654 -13.57 0.16 41.15
C GLY B 654 -12.93 -1.07 41.76
N LEU B 655 -13.00 -1.26 43.08
CA LEU B 655 -12.35 -2.39 43.78
C LEU B 655 -13.12 -3.69 43.52
N PRO B 656 -12.43 -4.84 43.35
CA PRO B 656 -13.10 -6.13 43.15
C PRO B 656 -14.11 -6.46 44.24
N GLU B 657 -15.20 -7.15 43.88
CA GLU B 657 -16.18 -7.74 44.84
C GLU B 657 -15.41 -8.53 45.91
N GLY B 658 -15.66 -8.22 47.18
CA GLY B 658 -15.09 -8.95 48.33
C GLY B 658 -13.83 -8.28 48.87
N THR B 659 -13.37 -7.19 48.25
CA THR B 659 -12.23 -6.36 48.73
C THR B 659 -12.59 -5.81 50.11
N GLN B 660 -11.69 -5.98 51.09
CA GLN B 660 -11.81 -5.42 52.45
C GLN B 660 -10.98 -4.14 52.53
N VAL B 661 -11.61 -3.03 52.95
CA VAL B 661 -10.99 -1.69 53.15
C VAL B 661 -11.15 -1.32 54.62
N ASN B 662 -10.07 -0.91 55.29
CA ASN B 662 -10.12 -0.36 56.66
C ASN B 662 -9.35 0.97 56.67
N LEU B 663 -10.03 2.06 57.04
CA LEU B 663 -9.45 3.42 57.14
C LEU B 663 -9.56 3.89 58.59
N GLN B 664 -8.42 4.31 59.16
CA GLN B 664 -8.36 4.95 60.50
C GLN B 664 -7.67 6.31 60.35
N VAL B 665 -8.28 7.36 60.90
CA VAL B 665 -7.71 8.73 60.96
C VAL B 665 -7.78 9.21 62.42
N ASN B 666 -6.65 9.69 62.92
CA ASN B 666 -6.50 10.25 64.30
C ASN B 666 -5.87 11.63 64.20
N GLY B 667 -6.34 12.58 65.02
CA GLY B 667 -5.63 13.84 65.28
C GLY B 667 -4.37 13.57 66.07
N LEU B 668 -3.35 14.41 65.93
CA LEU B 668 -2.11 14.31 66.74
C LEU B 668 -2.09 15.47 67.73
N GLU B 669 -1.48 15.25 68.90
CA GLU B 669 -1.37 16.25 69.99
C GLU B 669 -0.02 16.94 69.87
N SER B 670 -0.02 18.28 69.82
CA SER B 670 1.20 19.12 69.72
C SER B 670 2.17 18.74 70.85
N THR B 671 3.47 18.71 70.53
CA THR B 671 4.57 18.39 71.48
C THR B 671 5.13 19.67 72.07
N TRP B 672 4.72 20.83 71.54
CA TRP B 672 5.16 22.17 72.02
C TRP B 672 4.07 22.74 72.95
N CYS C 143 -9.96 20.71 -19.72
CA CYS C 143 -9.60 19.68 -20.76
C CYS C 143 -8.74 18.58 -20.14
N ALA C 144 -9.00 17.32 -20.48
CA ALA C 144 -8.21 16.15 -20.02
C ALA C 144 -6.86 16.15 -20.73
N PRO C 145 -5.76 15.86 -20.00
CA PRO C 145 -4.41 15.85 -20.57
C PRO C 145 -4.14 14.73 -21.60
N THR C 146 -3.38 15.06 -22.65
CA THR C 146 -2.93 14.11 -23.71
C THR C 146 -1.47 13.70 -23.43
N SER C 147 -0.81 14.42 -22.53
CA SER C 147 0.57 14.16 -22.05
C SER C 147 0.60 14.30 -20.52
N LEU C 148 1.27 13.38 -19.83
CA LEU C 148 1.31 13.32 -18.35
C LEU C 148 2.71 13.65 -17.84
N PRO C 149 2.86 14.04 -16.56
CA PRO C 149 4.18 14.18 -15.95
C PRO C 149 5.06 12.94 -16.13
N ALA C 150 6.38 13.13 -16.14
CA ALA C 150 7.39 12.08 -16.36
C ALA C 150 7.21 10.94 -15.35
N SER C 151 6.92 11.28 -14.08
CA SER C 151 6.78 10.31 -12.95
C SER C 151 5.59 9.36 -13.23
N ALA C 152 4.55 9.85 -13.94
CA ALA C 152 3.33 9.07 -14.26
C ALA C 152 3.64 7.99 -15.31
N THR C 153 4.48 8.29 -16.31
CA THR C 153 4.72 7.39 -17.47
C THR C 153 6.01 6.58 -17.29
N GLU C 154 6.99 7.07 -16.51
CA GLU C 154 8.29 6.37 -16.32
C GLU C 154 8.00 5.02 -15.62
N LEU C 155 8.44 3.93 -16.24
CA LEU C 155 8.31 2.55 -15.69
C LEU C 155 9.58 2.23 -14.90
N PRO C 156 9.48 1.48 -13.79
CA PRO C 156 10.67 1.09 -13.04
C PRO C 156 11.48 0.08 -13.85
N THR C 157 12.78 -0.06 -13.56
CA THR C 157 13.70 -1.02 -14.23
C THR C 157 13.67 -2.36 -13.46
N THR C 158 13.21 -2.35 -12.21
CA THR C 158 13.00 -3.58 -11.40
C THR C 158 11.52 -3.67 -10.98
N VAL C 159 11.00 -4.89 -10.92
CA VAL C 159 9.55 -5.16 -10.63
C VAL C 159 9.30 -4.90 -9.15
N PRO C 160 8.34 -4.01 -8.81
CA PRO C 160 7.97 -3.76 -7.41
C PRO C 160 7.25 -4.97 -6.79
N THR C 161 7.65 -5.35 -5.58
CA THR C 161 7.06 -6.45 -4.78
C THR C 161 6.42 -5.85 -3.52
N GLY C 162 5.23 -6.33 -3.14
CA GLY C 162 4.54 -5.97 -1.88
C GLY C 162 4.15 -4.51 -1.80
N THR C 163 4.05 -3.82 -2.94
CA THR C 163 3.70 -2.38 -3.02
C THR C 163 2.67 -2.15 -4.14
N VAL C 164 1.70 -1.27 -3.90
CA VAL C 164 0.70 -0.85 -4.92
C VAL C 164 1.38 0.15 -5.86
N ILE C 165 1.32 -0.11 -7.17
CA ILE C 165 1.89 0.80 -8.21
C ILE C 165 0.94 2.00 -8.36
N THR C 166 1.49 3.21 -8.25
CA THR C 166 0.74 4.48 -8.36
C THR C 166 0.35 4.71 -9.83
N GLY C 167 -0.88 5.18 -10.05
CA GLY C 167 -1.43 5.38 -11.40
C GLY C 167 -2.03 6.76 -11.53
N ASP C 168 -1.74 7.44 -12.65
CA ASP C 168 -2.41 8.69 -13.07
C ASP C 168 -3.48 8.29 -14.09
N TYR C 169 -4.75 8.46 -13.74
CA TYR C 169 -5.93 7.97 -14.51
C TYR C 169 -6.64 9.14 -15.20
N THR C 170 -5.91 10.23 -15.52
CA THR C 170 -6.51 11.52 -16.00
C THR C 170 -6.39 11.67 -17.52
N GLY C 171 -5.64 10.81 -18.21
CA GLY C 171 -5.41 10.89 -19.66
C GLY C 171 -6.71 10.97 -20.46
N SER C 172 -6.71 11.71 -21.57
CA SER C 172 -7.89 11.94 -22.46
C SER C 172 -8.42 10.62 -23.03
N TYR C 173 -7.61 9.56 -23.07
CA TYR C 173 -8.00 8.21 -23.58
C TYR C 173 -8.18 7.21 -22.43
N ARG C 174 -7.92 7.59 -21.17
CA ARG C 174 -8.03 6.67 -20.01
C ARG C 174 -9.50 6.42 -19.71
N PRO C 175 -10.02 5.17 -19.85
CA PRO C 175 -11.40 4.89 -19.49
C PRO C 175 -11.63 5.11 -17.99
N GLN C 176 -12.78 5.68 -17.61
CA GLN C 176 -13.08 6.07 -16.21
C GLN C 176 -13.98 5.04 -15.51
N VAL C 177 -14.56 4.07 -16.23
CA VAL C 177 -15.43 3.02 -15.61
C VAL C 177 -15.00 1.62 -16.08
N HIS C 178 -13.89 1.50 -16.80
CA HIS C 178 -13.28 0.20 -17.16
C HIS C 178 -11.96 0.06 -16.42
N TYR C 179 -11.54 -1.17 -16.12
CA TYR C 179 -10.23 -1.40 -15.48
C TYR C 179 -9.11 -1.25 -16.51
N SER C 180 -8.06 -0.52 -16.13
CA SER C 180 -6.76 -0.48 -16.84
C SER C 180 -5.66 -0.37 -15.79
N PRO C 181 -4.44 -0.88 -16.08
CA PRO C 181 -3.38 -0.93 -15.07
C PRO C 181 -2.85 0.46 -14.76
N PRO C 182 -2.33 0.71 -13.54
CA PRO C 182 -1.86 2.05 -13.17
C PRO C 182 -0.75 2.55 -14.12
N LYS C 183 0.16 1.66 -14.52
CA LYS C 183 1.10 1.89 -15.64
C LYS C 183 1.52 0.54 -16.23
N GLY C 184 2.04 0.58 -17.45
CA GLY C 184 2.53 -0.61 -18.17
C GLY C 184 1.47 -1.18 -19.10
N PHE C 185 1.70 -2.42 -19.55
CA PHE C 185 0.91 -3.13 -20.58
C PHE C 185 0.17 -4.31 -19.95
N MET C 186 -1.13 -4.37 -20.17
CA MET C 186 -2.02 -5.46 -19.70
C MET C 186 -2.59 -6.22 -20.90
N ASN C 187 -2.82 -7.53 -20.77
CA ASN C 187 -3.73 -8.26 -21.68
C ASN C 187 -4.73 -9.08 -20.85
N ALA C 188 -4.75 -10.40 -20.98
CA ALA C 188 -5.90 -11.28 -20.65
C ALA C 188 -6.21 -11.21 -19.16
N PRO C 189 -7.51 -11.21 -18.79
CA PRO C 189 -7.92 -11.35 -17.39
C PRO C 189 -7.56 -12.77 -16.92
N ASN C 190 -7.19 -12.88 -15.65
CA ASN C 190 -6.74 -14.15 -15.04
C ASN C 190 -7.29 -14.26 -13.61
N GLY C 191 -7.39 -15.48 -13.09
CA GLY C 191 -7.67 -15.77 -11.67
C GLY C 191 -8.98 -15.16 -11.18
N CYS C 192 -9.89 -14.84 -12.10
CA CYS C 192 -11.17 -14.15 -11.82
C CYS C 192 -12.02 -15.00 -10.86
N HIS C 193 -12.31 -14.46 -9.69
CA HIS C 193 -13.17 -15.14 -8.68
C HIS C 193 -13.72 -14.12 -7.69
N ARG C 194 -14.81 -14.51 -7.04
CA ARG C 194 -15.46 -13.73 -5.96
C ARG C 194 -15.16 -14.44 -4.64
N ASP C 195 -14.64 -13.74 -3.63
CA ASP C 195 -14.38 -14.37 -2.31
C ASP C 195 -15.71 -14.39 -1.53
N ARG C 196 -15.74 -15.13 -0.42
CA ARG C 196 -16.97 -15.35 0.39
C ARG C 196 -17.51 -14.01 0.91
N ASN C 197 -16.64 -13.00 1.09
CA ASN C 197 -17.01 -11.65 1.61
C ASN C 197 -17.60 -10.78 0.48
N GLY C 198 -17.64 -11.28 -0.75
CA GLY C 198 -18.28 -10.59 -1.90
C GLY C 198 -17.31 -9.71 -2.67
N THR C 199 -16.01 -9.76 -2.35
CA THR C 199 -14.95 -9.02 -3.10
C THR C 199 -14.61 -9.78 -4.38
N TYR C 200 -14.74 -9.10 -5.52
CA TYR C 200 -14.30 -9.63 -6.85
C TYR C 200 -12.80 -9.37 -6.99
N HIS C 201 -12.07 -10.43 -7.32
CA HIS C 201 -10.61 -10.42 -7.60
C HIS C 201 -10.38 -10.56 -9.10
N LEU C 202 -9.89 -9.49 -9.72
CA LEU C 202 -9.40 -9.48 -11.13
C LEU C 202 -7.88 -9.57 -11.10
N TYR C 203 -7.31 -10.63 -11.66
CA TYR C 203 -5.87 -10.66 -11.99
C TYR C 203 -5.77 -10.45 -13.49
N TYR C 204 -4.56 -10.17 -13.97
CA TYR C 204 -4.36 -9.84 -15.40
C TYR C 204 -2.90 -10.02 -15.77
N GLN C 205 -2.70 -10.50 -16.99
CA GLN C 205 -1.38 -10.54 -17.68
C GLN C 205 -0.82 -9.12 -17.67
N TYR C 206 0.38 -8.96 -17.12
CA TYR C 206 0.96 -7.64 -16.78
C TYR C 206 2.45 -7.63 -17.11
N ASN C 207 2.86 -6.68 -17.96
CA ASN C 207 4.28 -6.27 -18.14
C ASN C 207 4.48 -5.00 -17.33
N PRO C 208 5.06 -5.09 -16.11
CA PRO C 208 5.29 -3.91 -15.29
C PRO C 208 6.43 -3.02 -15.83
N LEU C 209 7.25 -3.54 -16.76
CA LEU C 209 8.53 -2.90 -17.19
C LEU C 209 8.41 -2.22 -18.56
N GLU C 210 7.37 -2.50 -19.35
CA GLU C 210 7.25 -1.93 -20.73
C GLU C 210 5.79 -1.69 -21.08
N TYR C 211 5.56 -0.96 -22.18
CA TYR C 211 4.22 -0.69 -22.75
C TYR C 211 3.94 -1.65 -23.91
N VAL C 212 4.63 -2.79 -23.94
CA VAL C 212 4.41 -3.90 -24.90
C VAL C 212 4.37 -5.21 -24.13
N ALA C 213 4.02 -6.30 -24.80
CA ALA C 213 3.89 -7.65 -24.20
C ALA C 213 5.27 -8.16 -23.79
N GLY C 214 5.34 -8.83 -22.63
CA GLY C 214 6.57 -9.47 -22.13
C GLY C 214 6.58 -9.52 -20.61
N ASN C 215 7.62 -10.13 -20.04
CA ASN C 215 7.88 -10.12 -18.58
C ASN C 215 6.57 -10.40 -17.81
N GLN C 216 5.78 -11.38 -18.24
CA GLN C 216 4.37 -11.50 -17.75
C GLN C 216 4.37 -11.86 -16.26
N HIS C 217 3.72 -11.02 -15.47
CA HIS C 217 3.29 -11.24 -14.06
C HIS C 217 1.76 -11.26 -14.03
N TRP C 218 1.17 -11.72 -12.92
CA TRP C 218 -0.27 -11.48 -12.62
C TRP C 218 -0.40 -10.21 -11.80
N GLY C 219 -0.88 -9.12 -12.41
CA GLY C 219 -1.37 -7.94 -11.70
C GLY C 219 -2.65 -8.28 -10.95
N HIS C 220 -3.09 -7.43 -10.03
CA HIS C 220 -4.23 -7.71 -9.12
C HIS C 220 -4.98 -6.42 -8.82
N ALA C 221 -6.30 -6.42 -9.00
CA ALA C 221 -7.22 -5.35 -8.56
C ALA C 221 -8.45 -5.98 -7.93
N THR C 222 -9.07 -5.29 -6.97
CA THR C 222 -10.27 -5.78 -6.25
C THR C 222 -11.39 -4.77 -6.37
N SER C 223 -12.62 -5.25 -6.32
CA SER C 223 -13.86 -4.42 -6.37
C SER C 223 -15.00 -5.21 -5.72
N ASP C 224 -15.97 -4.51 -5.13
CA ASP C 224 -17.19 -5.16 -4.58
C ASP C 224 -18.32 -5.08 -5.61
N ASP C 225 -18.13 -4.31 -6.69
CA ASP C 225 -19.21 -4.01 -7.68
C ASP C 225 -18.72 -4.12 -9.13
N LEU C 226 -17.46 -4.51 -9.37
CA LEU C 226 -16.85 -4.70 -10.72
C LEU C 226 -16.70 -3.38 -11.47
N TYR C 227 -16.80 -2.23 -10.81
CA TYR C 227 -16.55 -0.90 -11.40
C TYR C 227 -15.55 -0.08 -10.57
N HIS C 228 -15.70 -0.04 -9.24
CA HIS C 228 -14.79 0.69 -8.33
C HIS C 228 -13.62 -0.21 -7.94
N TRP C 229 -12.53 -0.12 -8.71
CA TRP C 229 -11.34 -0.99 -8.57
C TRP C 229 -10.34 -0.32 -7.62
N THR C 230 -9.74 -1.12 -6.75
CA THR C 230 -8.58 -0.72 -5.92
C THR C 230 -7.37 -1.53 -6.41
N ASN C 231 -6.28 -0.87 -6.79
CA ASN C 231 -5.06 -1.57 -7.26
C ASN C 231 -4.42 -2.28 -6.07
N GLN C 232 -3.87 -3.47 -6.31
CA GLN C 232 -3.18 -4.29 -5.28
C GLN C 232 -1.75 -4.53 -5.74
N PRO C 233 -0.86 -4.99 -4.83
CA PRO C 233 0.48 -5.41 -5.21
C PRO C 233 0.40 -6.55 -6.25
N ILE C 234 1.43 -6.71 -7.08
CA ILE C 234 1.53 -7.84 -8.04
C ILE C 234 1.37 -9.15 -7.26
N ALA C 235 0.59 -10.10 -7.78
CA ALA C 235 0.12 -11.29 -7.04
C ALA C 235 1.01 -12.51 -7.35
N ILE C 236 1.39 -12.71 -8.61
CA ILE C 236 2.21 -13.88 -9.02
C ILE C 236 3.38 -13.41 -9.88
N PHE C 237 4.59 -13.83 -9.47
CA PHE C 237 5.90 -13.49 -10.09
C PHE C 237 6.49 -14.73 -10.74
N PRO C 238 7.21 -14.58 -11.87
CA PRO C 238 7.99 -15.68 -12.43
C PRO C 238 9.15 -15.93 -11.48
N PRO C 239 9.70 -17.16 -11.42
CA PRO C 239 10.80 -17.45 -10.49
C PRO C 239 12.14 -16.77 -10.86
N ASN C 240 12.28 -16.26 -12.09
CA ASN C 240 13.52 -15.62 -12.60
C ASN C 240 13.20 -14.75 -13.82
N SER C 241 14.25 -14.22 -14.48
CA SER C 241 14.16 -13.22 -15.57
C SER C 241 13.98 -13.89 -16.94
N THR C 242 14.04 -15.23 -17.01
CA THR C 242 13.93 -16.00 -18.29
C THR C 242 12.68 -16.89 -18.26
N SER C 243 11.66 -16.52 -17.48
CA SER C 243 10.36 -17.23 -17.41
C SER C 243 9.24 -16.21 -17.20
N GLN C 244 8.00 -16.58 -17.55
CA GLN C 244 6.84 -15.66 -17.53
C GLN C 244 5.63 -16.39 -16.95
N VAL C 245 4.80 -15.66 -16.20
CA VAL C 245 3.51 -16.19 -15.66
C VAL C 245 2.43 -15.88 -16.68
N PHE C 246 2.09 -16.87 -17.50
CA PHE C 246 1.05 -16.78 -18.57
C PHE C 246 -0.31 -17.02 -17.92
N SER C 247 -1.38 -17.09 -18.71
CA SER C 247 -2.77 -17.00 -18.23
C SER C 247 -3.12 -18.22 -17.37
N GLY C 248 -4.14 -18.05 -16.55
CA GLY C 248 -4.73 -19.15 -15.77
C GLY C 248 -5.91 -18.66 -14.98
N SER C 249 -6.34 -19.47 -14.03
CA SER C 249 -7.63 -19.31 -13.32
C SER C 249 -7.37 -19.45 -11.82
N ALA C 250 -8.38 -19.18 -11.01
CA ALA C 250 -8.30 -19.37 -9.56
C ALA C 250 -9.64 -19.91 -9.06
N VAL C 251 -9.59 -20.70 -8.00
CA VAL C 251 -10.78 -21.28 -7.35
C VAL C 251 -10.63 -21.11 -5.84
N LEU C 252 -11.75 -20.91 -5.15
CA LEU C 252 -11.84 -21.12 -3.68
C LEU C 252 -11.81 -22.62 -3.40
N ASP C 253 -11.12 -23.03 -2.34
CA ASP C 253 -11.02 -24.45 -1.91
C ASP C 253 -11.50 -24.53 -0.46
N PRO C 254 -12.79 -24.22 -0.18
CA PRO C 254 -13.29 -24.13 1.18
C PRO C 254 -13.21 -25.46 1.98
N ASN C 255 -13.27 -26.60 1.29
CA ASN C 255 -13.24 -27.94 1.94
C ASN C 255 -11.80 -28.46 2.05
N ASN C 256 -10.82 -27.66 1.63
CA ASN C 256 -9.37 -28.00 1.77
C ASN C 256 -9.11 -29.35 1.08
N THR C 257 -9.57 -29.53 -0.16
CA THR C 257 -9.23 -30.70 -1.02
C THR C 257 -7.73 -30.67 -1.34
N SER C 258 -7.11 -29.48 -1.39
CA SER C 258 -5.69 -29.27 -1.78
C SER C 258 -4.74 -29.65 -0.64
N GLY C 259 -5.20 -29.55 0.61
CA GLY C 259 -4.36 -29.76 1.82
C GLY C 259 -3.57 -28.50 2.18
N PHE C 260 -3.72 -27.42 1.41
CA PHE C 260 -2.97 -26.15 1.64
C PHE C 260 -3.58 -25.36 2.81
N PHE C 261 -4.81 -25.69 3.24
CA PHE C 261 -5.67 -24.78 4.03
C PHE C 261 -6.21 -25.46 5.29
N PRO C 262 -5.32 -25.97 6.17
CA PRO C 262 -5.77 -26.63 7.39
C PRO C 262 -6.59 -25.76 8.35
N ASN C 263 -6.40 -24.43 8.35
CA ASN C 263 -7.07 -23.52 9.33
C ASN C 263 -7.74 -22.33 8.62
N THR C 264 -8.19 -22.49 7.36
CA THR C 264 -9.04 -21.47 6.67
C THR C 264 -9.99 -22.16 5.69
N THR C 265 -11.18 -21.59 5.52
CA THR C 265 -12.17 -22.01 4.50
C THR C 265 -12.21 -20.98 3.36
N ASP C 266 -11.27 -20.02 3.36
CA ASP C 266 -11.18 -18.92 2.35
C ASP C 266 -9.91 -19.09 1.50
N GLY C 267 -9.35 -20.29 1.42
CA GLY C 267 -8.14 -20.58 0.64
C GLY C 267 -8.40 -20.37 -0.84
N VAL C 268 -7.46 -19.71 -1.53
CA VAL C 268 -7.48 -19.49 -3.02
C VAL C 268 -6.36 -20.31 -3.65
N VAL C 269 -6.66 -21.08 -4.70
CA VAL C 269 -5.62 -21.78 -5.49
C VAL C 269 -5.62 -21.17 -6.90
N ALA C 270 -4.46 -20.70 -7.35
CA ALA C 270 -4.19 -20.25 -8.74
C ALA C 270 -3.59 -21.42 -9.51
N VAL C 271 -4.12 -21.69 -10.69
CA VAL C 271 -3.58 -22.69 -11.66
C VAL C 271 -3.26 -21.92 -12.94
N TYR C 272 -1.99 -21.90 -13.34
CA TYR C 272 -1.52 -20.99 -14.41
C TYR C 272 -0.43 -21.68 -15.21
N THR C 273 -0.18 -21.14 -16.40
CA THR C 273 0.89 -21.61 -17.32
C THR C 273 2.17 -20.89 -16.95
N LEU C 274 3.24 -21.64 -16.66
CA LEU C 274 4.60 -21.08 -16.62
C LEU C 274 5.24 -21.24 -18.00
N ASN C 275 5.66 -20.12 -18.57
CA ASN C 275 6.27 -20.05 -19.92
C ASN C 275 7.79 -19.94 -19.78
N THR C 276 8.50 -20.88 -20.40
CA THR C 276 9.96 -20.88 -20.62
C THR C 276 10.20 -20.79 -22.13
N PRO C 277 11.42 -20.44 -22.60
CA PRO C 277 11.71 -20.43 -24.03
C PRO C 277 11.40 -21.75 -24.75
N THR C 278 11.44 -22.89 -24.05
CA THR C 278 11.28 -24.25 -24.66
C THR C 278 9.99 -24.95 -24.20
N LEU C 279 9.34 -24.53 -23.11
CA LEU C 279 8.17 -25.26 -22.57
C LEU C 279 7.05 -24.32 -22.11
N GLN C 280 5.83 -24.85 -22.12
CA GLN C 280 4.66 -24.33 -21.37
C GLN C 280 4.14 -25.47 -20.49
N VAL C 281 4.16 -25.26 -19.18
CA VAL C 281 3.71 -26.24 -18.16
C VAL C 281 2.68 -25.56 -17.26
N GLN C 282 1.82 -26.34 -16.61
CA GLN C 282 0.81 -25.82 -15.64
C GLN C 282 1.39 -25.93 -14.24
N GLU C 283 1.27 -24.85 -13.47
CA GLU C 283 1.77 -24.72 -12.08
C GLU C 283 0.62 -24.32 -11.16
N VAL C 284 0.80 -24.55 -9.87
CA VAL C 284 -0.17 -24.21 -8.79
C VAL C 284 0.52 -23.26 -7.82
N ALA C 285 -0.20 -22.25 -7.35
CA ALA C 285 0.20 -21.41 -6.20
C ALA C 285 -1.04 -21.22 -5.34
N TYR C 286 -0.86 -21.05 -4.02
CA TYR C 286 -1.97 -20.95 -3.05
C TYR C 286 -1.78 -19.71 -2.18
N SER C 287 -2.91 -19.12 -1.78
CA SER C 287 -2.99 -17.92 -0.92
C SER C 287 -3.85 -18.24 0.31
N THR C 288 -3.32 -17.95 1.50
CA THR C 288 -4.02 -18.07 2.80
C THR C 288 -4.43 -16.68 3.30
N ASP C 289 -4.16 -15.61 2.54
CA ASP C 289 -4.44 -14.22 2.98
C ASP C 289 -5.55 -13.57 2.12
N GLY C 290 -6.34 -14.37 1.40
CA GLY C 290 -7.48 -13.89 0.60
C GLY C 290 -7.14 -13.60 -0.86
N GLY C 291 -5.97 -14.06 -1.33
CA GLY C 291 -5.55 -13.99 -2.76
C GLY C 291 -4.69 -12.78 -3.08
N TYR C 292 -3.97 -12.23 -2.09
CA TYR C 292 -3.07 -11.05 -2.27
C TYR C 292 -1.64 -11.53 -2.47
N ASN C 293 -1.21 -12.51 -1.67
CA ASN C 293 0.14 -13.12 -1.71
C ASN C 293 -0.03 -14.62 -1.94
N PHE C 294 0.76 -15.18 -2.87
CA PHE C 294 0.71 -16.59 -3.28
C PHE C 294 2.04 -17.27 -2.96
N THR C 295 1.96 -18.52 -2.51
CA THR C 295 3.11 -19.44 -2.33
C THR C 295 3.09 -20.47 -3.45
N PRO C 296 4.18 -20.64 -4.21
CA PRO C 296 4.23 -21.69 -5.22
C PRO C 296 4.14 -23.06 -4.52
N TYR C 297 3.40 -23.98 -5.14
CA TYR C 297 3.35 -25.41 -4.76
C TYR C 297 4.76 -26.00 -4.85
N GLU C 298 5.15 -26.76 -3.82
CA GLU C 298 6.54 -27.28 -3.62
C GLU C 298 6.93 -28.21 -4.78
N ASN C 299 5.98 -28.94 -5.37
CA ASN C 299 6.25 -29.98 -6.39
C ASN C 299 5.73 -29.56 -7.77
N ASN C 300 5.77 -28.26 -8.08
CA ASN C 300 5.52 -27.72 -9.45
C ASN C 300 6.55 -28.28 -10.41
N PRO C 301 6.24 -28.44 -11.72
CA PRO C 301 4.90 -28.21 -12.25
C PRO C 301 3.93 -29.36 -11.95
N VAL C 302 2.62 -29.11 -12.05
CA VAL C 302 1.56 -30.12 -11.77
C VAL C 302 1.15 -30.83 -13.06
N LEU C 303 1.41 -30.24 -14.23
CA LEU C 303 1.02 -30.87 -15.52
C LEU C 303 1.93 -30.39 -16.64
N SER C 304 2.58 -31.33 -17.33
CA SER C 304 3.39 -31.10 -18.55
C SER C 304 3.15 -32.25 -19.52
N VAL C 305 3.16 -31.93 -20.82
CA VAL C 305 3.04 -32.93 -21.93
C VAL C 305 4.28 -32.79 -22.82
N GLY C 306 5.28 -32.01 -22.36
CA GLY C 306 6.54 -31.76 -23.08
C GLY C 306 6.31 -30.93 -24.34
N SER C 307 5.51 -29.87 -24.24
CA SER C 307 5.12 -29.00 -25.37
C SER C 307 5.36 -27.54 -25.02
N ASN C 308 5.63 -26.69 -26.02
N ASN C 308 5.61 -26.70 -26.04
CA ASN C 308 5.73 -25.22 -25.85
CA ASN C 308 5.75 -25.23 -25.88
C ASN C 308 4.44 -24.54 -26.32
C ASN C 308 4.44 -24.55 -26.31
N GLN C 309 3.37 -25.32 -26.53
CA GLN C 309 2.04 -24.80 -26.95
C GLN C 309 0.96 -25.54 -26.13
N PHE C 310 0.88 -25.23 -24.84
CA PHE C 310 0.02 -25.95 -23.85
C PHE C 310 -0.26 -24.97 -22.71
N ARG C 311 -1.40 -24.27 -22.73
CA ARG C 311 -1.55 -23.08 -21.85
C ARG C 311 -3.00 -22.75 -21.54
N ASP C 312 -3.17 -21.90 -20.53
CA ASP C 312 -4.42 -21.19 -20.15
C ASP C 312 -5.38 -22.16 -19.46
N PRO C 313 -4.97 -22.82 -18.35
CA PRO C 313 -5.84 -23.73 -17.64
C PRO C 313 -7.00 -22.99 -16.95
N LYS C 314 -8.23 -23.44 -17.20
CA LYS C 314 -9.45 -22.93 -16.52
C LYS C 314 -9.99 -24.07 -15.65
N VAL C 315 -9.93 -23.89 -14.33
CA VAL C 315 -10.25 -24.96 -13.35
C VAL C 315 -11.58 -24.63 -12.67
N PHE C 316 -12.39 -25.65 -12.41
CA PHE C 316 -13.69 -25.52 -11.70
C PHE C 316 -14.03 -26.86 -11.05
N TRP C 317 -14.90 -26.80 -10.05
CA TRP C 317 -15.39 -28.00 -9.31
C TRP C 317 -16.58 -28.57 -10.06
N TYR C 318 -16.56 -29.88 -10.36
CA TYR C 318 -17.73 -30.62 -10.91
C TYR C 318 -18.10 -31.76 -9.95
N GLU C 319 -19.06 -31.48 -9.06
CA GLU C 319 -19.78 -32.46 -8.20
C GLU C 319 -18.85 -33.05 -7.13
N ASP C 320 -17.82 -33.78 -7.56
CA ASP C 320 -16.94 -34.60 -6.67
C ASP C 320 -15.48 -34.57 -7.14
N HIS C 321 -15.14 -33.74 -8.13
CA HIS C 321 -13.74 -33.58 -8.60
C HIS C 321 -13.55 -32.21 -9.25
N TRP C 322 -12.29 -31.80 -9.36
CA TRP C 322 -11.86 -30.60 -10.12
C TRP C 322 -11.77 -30.97 -11.59
N VAL C 323 -12.10 -30.02 -12.46
CA VAL C 323 -11.93 -30.14 -13.93
C VAL C 323 -10.99 -29.03 -14.39
N MET C 324 -10.08 -29.35 -15.30
CA MET C 324 -9.23 -28.35 -16.01
C MET C 324 -9.55 -28.43 -17.51
N ALA C 325 -9.91 -27.28 -18.11
CA ALA C 325 -9.86 -27.08 -19.58
C ALA C 325 -8.57 -26.32 -19.89
N VAL C 326 -7.75 -26.85 -20.80
CA VAL C 326 -6.43 -26.24 -21.13
C VAL C 326 -6.20 -26.42 -22.64
N ALA C 327 -5.53 -25.46 -23.28
CA ALA C 327 -5.40 -25.39 -24.76
C ALA C 327 -4.07 -26.03 -25.19
N ALA C 328 -4.15 -27.14 -25.93
CA ALA C 328 -3.10 -27.56 -26.89
C ALA C 328 -3.21 -26.63 -28.09
N ALA C 329 -2.64 -25.43 -27.96
CA ALA C 329 -3.02 -24.22 -28.70
C ALA C 329 -2.90 -24.45 -30.21
N ASN C 330 -1.76 -24.97 -30.67
CA ASN C 330 -1.43 -25.07 -32.11
C ASN C 330 -1.95 -26.40 -32.67
N ASP C 331 -2.55 -27.25 -31.85
CA ASP C 331 -3.26 -28.48 -32.28
C ASP C 331 -4.78 -28.24 -32.38
N PHE C 332 -5.25 -27.03 -32.04
CA PHE C 332 -6.70 -26.68 -32.08
C PHE C 332 -7.49 -27.71 -31.26
N THR C 333 -6.99 -27.98 -30.05
CA THR C 333 -7.57 -28.96 -29.12
C THR C 333 -7.66 -28.33 -27.74
N ILE C 334 -8.82 -28.44 -27.12
CA ILE C 334 -8.98 -28.20 -25.66
C ILE C 334 -8.91 -29.56 -25.00
N GLU C 335 -7.91 -29.75 -24.14
CA GLU C 335 -7.75 -30.96 -23.31
C GLU C 335 -8.49 -30.74 -21.98
N ILE C 336 -9.23 -31.74 -21.54
CA ILE C 336 -9.92 -31.76 -20.22
C ILE C 336 -9.22 -32.79 -19.33
N TYR C 337 -8.79 -32.33 -18.16
CA TYR C 337 -8.13 -33.13 -17.10
C TYR C 337 -9.00 -33.06 -15.84
N THR C 338 -8.89 -34.08 -14.97
CA THR C 338 -9.61 -34.15 -13.67
C THR C 338 -8.58 -34.33 -12.55
N SER C 339 -8.95 -33.90 -11.33
CA SER C 339 -8.08 -33.95 -10.13
C SER C 339 -8.93 -33.97 -8.86
N PRO C 340 -8.57 -34.79 -7.86
CA PRO C 340 -9.20 -34.71 -6.55
C PRO C 340 -8.67 -33.55 -5.68
N ASN C 341 -7.47 -33.03 -5.99
CA ASN C 341 -6.74 -32.13 -5.05
C ASN C 341 -6.01 -30.96 -5.76
N LEU C 342 -6.21 -30.76 -7.07
CA LEU C 342 -5.70 -29.59 -7.84
C LEU C 342 -4.20 -29.73 -8.18
N THR C 343 -3.50 -30.76 -7.69
CA THR C 343 -2.04 -30.95 -7.93
C THR C 343 -1.80 -32.21 -8.78
N SER C 344 -2.66 -33.22 -8.68
CA SER C 344 -2.56 -34.50 -9.43
C SER C 344 -3.63 -34.54 -10.53
N TRP C 345 -3.23 -34.42 -11.79
CA TRP C 345 -4.14 -34.27 -12.95
C TRP C 345 -4.09 -35.52 -13.84
N THR C 346 -5.27 -36.03 -14.22
CA THR C 346 -5.47 -37.22 -15.07
C THR C 346 -6.22 -36.80 -16.33
N PHE C 347 -5.71 -37.21 -17.50
CA PHE C 347 -6.34 -36.89 -18.82
C PHE C 347 -7.75 -37.49 -18.84
N ALA C 348 -8.73 -36.72 -19.32
CA ALA C 348 -10.14 -37.16 -19.46
C ALA C 348 -10.56 -37.22 -20.94
N SER C 349 -10.42 -36.12 -21.68
CA SER C 349 -10.92 -36.04 -23.08
C SER C 349 -10.32 -34.87 -23.85
N ASN C 350 -10.48 -34.94 -25.18
CA ASN C 350 -10.05 -33.91 -26.17
C ASN C 350 -11.27 -33.39 -26.93
N PHE C 351 -11.34 -32.07 -27.08
CA PHE C 351 -12.31 -31.33 -27.94
C PHE C 351 -11.50 -30.65 -29.04
N THR C 352 -11.52 -31.17 -30.28
CA THR C 352 -10.55 -30.79 -31.34
C THR C 352 -11.23 -30.34 -32.64
N HIS C 353 -10.66 -29.33 -33.29
CA HIS C 353 -11.01 -28.89 -34.68
C HIS C 353 -12.49 -28.56 -34.75
N HIS C 354 -12.96 -27.72 -33.82
CA HIS C 354 -14.34 -27.19 -33.79
C HIS C 354 -14.32 -25.71 -34.15
N GLY C 355 -15.34 -25.26 -34.90
CA GLY C 355 -15.53 -23.85 -35.26
C GLY C 355 -14.36 -23.31 -36.06
N LEU C 356 -14.07 -22.02 -35.91
CA LEU C 356 -12.96 -21.35 -36.62
C LEU C 356 -11.65 -21.76 -35.94
N LEU C 357 -10.65 -22.16 -36.72
CA LEU C 357 -9.36 -22.61 -36.15
C LEU C 357 -8.51 -21.38 -35.81
N GLY C 358 -8.52 -20.35 -36.67
CA GLY C 358 -7.51 -19.29 -36.64
C GLY C 358 -6.13 -19.92 -36.68
N LEU C 359 -5.18 -19.37 -35.92
CA LEU C 359 -3.79 -19.91 -35.84
C LEU C 359 -3.55 -20.64 -34.51
N ALA C 360 -4.48 -20.53 -33.54
CA ALA C 360 -4.31 -21.13 -32.20
C ALA C 360 -5.60 -20.99 -31.37
N TYR C 361 -5.92 -22.03 -30.60
CA TYR C 361 -6.89 -22.02 -29.48
C TYR C 361 -6.21 -21.43 -28.24
N GLU C 362 -6.87 -20.51 -27.56
CA GLU C 362 -6.36 -19.86 -26.32
C GLU C 362 -7.50 -19.66 -25.32
N CYS C 363 -7.16 -19.55 -24.04
CA CYS C 363 -8.06 -19.11 -22.93
C CYS C 363 -9.41 -19.82 -23.01
N PRO C 364 -9.44 -21.16 -23.01
CA PRO C 364 -10.69 -21.93 -22.96
C PRO C 364 -11.45 -21.68 -21.65
N ASN C 365 -12.76 -21.44 -21.75
CA ASN C 365 -13.68 -21.43 -20.58
C ASN C 365 -14.79 -22.45 -20.81
N LEU C 366 -14.92 -23.42 -19.91
CA LEU C 366 -16.03 -24.40 -19.89
C LEU C 366 -16.96 -24.06 -18.71
N VAL C 367 -18.14 -23.51 -19.02
CA VAL C 367 -19.00 -22.86 -18.00
C VAL C 367 -20.45 -23.22 -18.26
N GLN C 368 -21.22 -23.22 -17.17
CA GLN C 368 -22.67 -23.48 -17.15
C GLN C 368 -23.35 -22.11 -17.20
N VAL C 369 -24.13 -21.85 -18.25
CA VAL C 369 -24.74 -20.51 -18.48
C VAL C 369 -26.26 -20.64 -18.39
N PRO C 370 -26.93 -19.85 -17.55
CA PRO C 370 -28.39 -19.91 -17.43
C PRO C 370 -29.13 -19.30 -18.63
N PHE C 371 -30.35 -19.77 -18.87
CA PHE C 371 -31.22 -19.28 -19.96
C PHE C 371 -31.76 -17.91 -19.58
N GLN C 372 -31.77 -16.96 -20.51
CA GLN C 372 -32.21 -15.56 -20.24
C GLN C 372 -33.68 -15.56 -19.81
N ASP C 373 -34.50 -16.39 -20.45
CA ASP C 373 -35.99 -16.37 -20.27
C ASP C 373 -36.38 -17.25 -19.08
N ASP C 374 -35.48 -18.12 -18.59
CA ASP C 374 -35.79 -19.10 -17.51
C ASP C 374 -34.54 -19.41 -16.69
N PRO C 375 -34.31 -18.68 -15.58
CA PRO C 375 -33.17 -18.91 -14.69
C PRO C 375 -32.94 -20.34 -14.19
N SER C 376 -34.00 -21.16 -14.15
CA SER C 376 -33.97 -22.55 -13.60
C SER C 376 -33.30 -23.49 -14.61
N LYS C 377 -33.15 -23.07 -15.87
CA LYS C 377 -32.52 -23.88 -16.94
C LYS C 377 -31.14 -23.31 -17.28
N SER C 378 -30.24 -24.17 -17.75
CA SER C 378 -28.87 -23.76 -18.17
C SER C 378 -28.36 -24.75 -19.21
N ALA C 379 -27.28 -24.39 -19.91
CA ALA C 379 -26.51 -25.36 -20.72
C ALA C 379 -25.03 -25.07 -20.52
N TRP C 380 -24.20 -26.07 -20.78
CA TRP C 380 -22.73 -25.90 -20.80
C TRP C 380 -22.33 -25.19 -22.08
N LEU C 381 -21.28 -24.39 -21.96
CA LEU C 381 -20.73 -23.59 -23.07
C LEU C 381 -19.22 -23.73 -23.00
N MET C 382 -18.60 -24.13 -24.10
CA MET C 382 -17.14 -24.02 -24.31
C MET C 382 -16.89 -22.70 -25.05
N TYR C 383 -16.19 -21.77 -24.41
CA TYR C 383 -15.74 -20.50 -25.02
C TYR C 383 -14.27 -20.67 -25.37
N ILE C 384 -13.89 -20.38 -26.62
CA ILE C 384 -12.46 -20.47 -27.05
C ILE C 384 -12.08 -19.14 -27.71
N SER C 385 -10.94 -18.59 -27.30
CA SER C 385 -10.33 -17.40 -27.95
C SER C 385 -9.37 -17.89 -29.04
N ILE C 386 -9.36 -17.26 -30.22
CA ILE C 386 -8.41 -17.66 -31.30
C ILE C 386 -7.59 -16.43 -31.71
N ASN C 387 -6.30 -16.67 -31.97
CA ASN C 387 -5.38 -15.59 -32.41
C ASN C 387 -4.09 -16.21 -32.93
N PRO C 388 -3.50 -15.67 -34.01
CA PRO C 388 -4.22 -14.80 -34.95
C PRO C 388 -5.24 -15.59 -35.77
N GLY C 389 -5.69 -15.03 -36.90
CA GLY C 389 -6.48 -15.79 -37.89
C GLY C 389 -7.98 -15.58 -37.75
N ALA C 390 -8.43 -14.65 -36.91
CA ALA C 390 -9.86 -14.27 -36.79
C ALA C 390 -10.31 -13.65 -38.11
N PRO C 391 -11.59 -13.82 -38.51
CA PRO C 391 -12.08 -13.27 -39.78
C PRO C 391 -11.80 -11.78 -39.99
N LEU C 392 -12.01 -10.93 -38.97
CA LEU C 392 -11.78 -9.46 -39.03
C LEU C 392 -10.29 -9.14 -38.89
N GLY C 393 -9.46 -10.16 -38.70
CA GLY C 393 -8.02 -10.00 -38.46
C GLY C 393 -7.70 -10.15 -36.98
N GLY C 394 -6.63 -10.88 -36.68
CA GLY C 394 -6.08 -11.00 -35.31
C GLY C 394 -6.91 -11.92 -34.44
N SER C 395 -7.42 -11.36 -33.34
CA SER C 395 -7.98 -12.08 -32.19
C SER C 395 -9.51 -11.96 -32.15
N VAL C 396 -10.20 -13.02 -31.75
CA VAL C 396 -11.68 -13.03 -31.55
C VAL C 396 -12.06 -14.20 -30.65
N GLY C 397 -13.21 -14.10 -29.99
CA GLY C 397 -13.79 -15.18 -29.18
C GLY C 397 -14.94 -15.88 -29.91
N GLN C 398 -15.06 -17.18 -29.72
CA GLN C 398 -16.17 -18.00 -30.27
C GLN C 398 -16.66 -18.93 -29.18
N TYR C 399 -17.81 -19.57 -29.38
CA TYR C 399 -18.41 -20.44 -28.35
C TYR C 399 -19.19 -21.58 -28.99
N PHE C 400 -19.42 -22.61 -28.18
CA PHE C 400 -20.10 -23.87 -28.55
C PHE C 400 -21.02 -24.23 -27.40
N PRO C 401 -22.35 -24.16 -27.58
CA PRO C 401 -23.29 -24.71 -26.59
C PRO C 401 -23.25 -26.24 -26.66
N GLY C 402 -23.42 -26.91 -25.52
CA GLY C 402 -23.38 -28.38 -25.50
C GLY C 402 -23.62 -28.96 -24.11
N ASP C 403 -23.23 -30.23 -23.96
CA ASP C 403 -23.39 -31.06 -22.74
C ASP C 403 -22.01 -31.33 -22.14
N PHE C 404 -21.88 -31.21 -20.83
CA PHE C 404 -20.68 -31.64 -20.07
C PHE C 404 -21.12 -32.60 -18.96
N ASN C 405 -20.42 -33.72 -18.80
CA ASN C 405 -20.79 -34.79 -17.84
C ASN C 405 -19.68 -35.02 -16.81
N GLY C 406 -18.70 -34.12 -16.71
CA GLY C 406 -17.59 -34.20 -15.74
C GLY C 406 -16.28 -34.64 -16.38
N THR C 407 -16.33 -35.29 -17.54
CA THR C 407 -15.15 -35.80 -18.28
C THR C 407 -15.13 -35.31 -19.74
N HIS C 408 -16.28 -35.28 -20.40
CA HIS C 408 -16.42 -35.00 -21.85
C HIS C 408 -17.39 -33.85 -22.09
N PHE C 409 -16.99 -32.90 -22.93
CA PHE C 409 -17.87 -31.86 -23.51
C PHE C 409 -18.24 -32.28 -24.94
N VAL C 410 -19.54 -32.32 -25.24
CA VAL C 410 -20.10 -32.67 -26.58
C VAL C 410 -20.97 -31.51 -27.04
N ALA C 411 -20.56 -30.83 -28.11
CA ALA C 411 -21.29 -29.71 -28.74
C ALA C 411 -22.64 -30.22 -29.24
N TYR C 412 -23.67 -29.38 -29.21
CA TYR C 412 -25.03 -29.74 -29.68
C TYR C 412 -25.06 -29.89 -31.21
N ASP C 413 -24.19 -29.17 -31.92
CA ASP C 413 -24.10 -29.23 -33.41
C ASP C 413 -22.68 -28.88 -33.85
N SER C 414 -22.46 -28.76 -35.16
CA SER C 414 -21.12 -28.52 -35.78
C SER C 414 -20.96 -27.05 -36.20
N ALA C 415 -21.79 -26.13 -35.67
CA ALA C 415 -21.79 -24.71 -36.08
C ALA C 415 -20.66 -23.96 -35.36
N ALA C 416 -20.21 -22.88 -35.99
CA ALA C 416 -19.29 -21.87 -35.43
C ALA C 416 -20.10 -20.62 -35.12
N ARG C 417 -19.88 -20.02 -33.95
CA ARG C 417 -20.63 -18.84 -33.44
C ARG C 417 -19.64 -17.86 -32.83
N ILE C 418 -19.59 -16.64 -33.38
CA ILE C 418 -18.69 -15.55 -32.93
C ILE C 418 -19.44 -14.73 -31.88
N ALA C 419 -18.76 -14.41 -30.77
CA ALA C 419 -19.34 -13.82 -29.55
C ALA C 419 -19.62 -12.32 -29.72
N ASP C 420 -18.74 -11.59 -30.41
CA ASP C 420 -18.74 -10.10 -30.51
C ASP C 420 -18.56 -9.77 -31.99
N PHE C 421 -19.32 -8.81 -32.53
CA PHE C 421 -19.30 -8.56 -33.99
C PHE C 421 -18.28 -7.46 -34.37
N ALA C 422 -17.49 -6.96 -33.42
CA ALA C 422 -16.34 -6.07 -33.72
C ALA C 422 -15.03 -6.84 -33.46
N LYS C 423 -13.90 -6.16 -33.26
CA LYS C 423 -12.60 -6.88 -33.20
C LYS C 423 -11.85 -6.59 -31.90
N ASP C 424 -12.44 -5.88 -30.94
CA ASP C 424 -11.75 -5.48 -29.67
C ASP C 424 -12.35 -6.19 -28.45
N ASN C 425 -12.60 -7.50 -28.54
CA ASN C 425 -13.06 -8.31 -27.39
C ASN C 425 -12.38 -9.68 -27.44
N TYR C 426 -11.53 -9.99 -26.46
CA TYR C 426 -10.67 -11.19 -26.51
C TYR C 426 -10.40 -11.72 -25.11
N ALA C 427 -10.15 -13.03 -25.02
CA ALA C 427 -9.65 -13.72 -23.82
C ALA C 427 -10.65 -13.55 -22.68
N SER C 428 -11.96 -13.54 -22.99
CA SER C 428 -13.02 -13.56 -21.94
C SER C 428 -12.66 -14.65 -20.92
N GLN C 429 -12.74 -14.30 -19.64
CA GLN C 429 -12.71 -15.29 -18.54
C GLN C 429 -13.93 -15.08 -17.63
N TRP C 430 -14.52 -16.20 -17.19
CA TRP C 430 -15.67 -16.23 -16.25
C TRP C 430 -15.17 -16.27 -14.81
N PHE C 431 -15.78 -15.46 -13.96
CA PHE C 431 -15.52 -15.43 -12.50
C PHE C 431 -15.98 -16.75 -11.88
N ALA C 432 -15.09 -17.38 -11.12
CA ALA C 432 -15.38 -18.56 -10.26
C ALA C 432 -16.12 -18.11 -9.00
N ASP C 433 -16.98 -18.97 -8.46
CA ASP C 433 -17.57 -18.83 -7.10
C ASP C 433 -18.46 -17.59 -7.03
N THR C 434 -19.22 -17.33 -8.09
CA THR C 434 -20.25 -16.26 -8.12
C THR C 434 -21.47 -16.72 -7.29
N GLU C 435 -22.32 -15.77 -6.92
CA GLU C 435 -23.54 -16.01 -6.09
C GLU C 435 -24.74 -16.20 -7.02
N ASN C 436 -25.66 -17.10 -6.66
CA ASN C 436 -27.04 -17.19 -7.23
C ASN C 436 -27.02 -17.63 -8.70
N GLY C 437 -26.15 -18.57 -9.08
CA GLY C 437 -26.00 -19.04 -10.47
C GLY C 437 -25.83 -17.90 -11.46
N GLU C 438 -25.21 -16.80 -11.05
CA GLU C 438 -24.87 -15.64 -11.92
C GLU C 438 -23.68 -16.04 -12.81
N SER C 439 -23.81 -15.88 -14.12
CA SER C 439 -22.70 -16.03 -15.09
C SER C 439 -22.09 -14.65 -15.32
N ILE C 440 -20.88 -14.43 -14.80
CA ILE C 440 -20.19 -13.12 -14.84
C ILE C 440 -18.83 -13.31 -15.52
N SER C 441 -18.54 -12.49 -16.52
CA SER C 441 -17.29 -12.59 -17.31
C SER C 441 -16.73 -11.18 -17.54
N ILE C 442 -15.48 -11.14 -17.95
CA ILE C 442 -14.80 -9.89 -18.37
C ILE C 442 -13.79 -10.28 -19.45
N ALA C 443 -13.56 -9.39 -20.41
CA ALA C 443 -12.64 -9.61 -21.53
C ALA C 443 -11.61 -8.50 -21.57
N TRP C 444 -10.54 -8.75 -22.31
CA TRP C 444 -9.54 -7.74 -22.69
C TRP C 444 -10.08 -7.01 -23.92
N ALA C 445 -10.27 -5.69 -23.82
CA ALA C 445 -10.92 -4.87 -24.87
C ALA C 445 -9.85 -4.37 -25.84
N SER C 446 -9.25 -5.27 -26.59
CA SER C 446 -8.20 -4.93 -27.58
C SER C 446 -8.11 -6.02 -28.64
N ASN C 447 -7.16 -5.87 -29.56
CA ASN C 447 -6.87 -6.85 -30.64
C ASN C 447 -5.34 -6.98 -30.75
N TRP C 448 -4.85 -8.20 -30.82
CA TRP C 448 -3.38 -8.48 -30.87
C TRP C 448 -2.73 -7.80 -32.07
N GLN C 449 -3.48 -7.48 -33.14
CA GLN C 449 -2.89 -6.86 -34.35
C GLN C 449 -2.42 -5.42 -34.06
N TYR C 450 -3.00 -4.69 -33.11
CA TYR C 450 -2.59 -3.28 -32.85
C TYR C 450 -2.50 -2.93 -31.35
N THR C 451 -2.70 -3.88 -30.43
CA THR C 451 -2.75 -3.61 -28.97
C THR C 451 -1.42 -3.00 -28.51
N GLN C 452 -0.29 -3.39 -29.11
CA GLN C 452 1.06 -2.94 -28.68
C GLN C 452 1.41 -1.60 -29.35
N GLN C 453 0.52 -1.05 -30.20
CA GLN C 453 0.84 0.16 -30.99
C GLN C 453 -0.18 1.29 -30.72
N VAL C 454 -1.24 1.04 -29.93
CA VAL C 454 -2.31 2.05 -29.68
C VAL C 454 -1.70 3.27 -28.99
N PRO C 455 -2.22 4.49 -29.26
CA PRO C 455 -1.60 5.74 -28.80
C PRO C 455 -1.97 6.19 -27.37
N THR C 456 -1.72 5.35 -26.37
CA THR C 456 -2.09 5.60 -24.95
C THR C 456 -0.85 5.59 -24.04
N SER C 457 0.32 5.19 -24.55
CA SER C 457 1.56 5.01 -23.74
C SER C 457 1.98 6.34 -23.12
N ALA C 458 1.73 7.47 -23.80
CA ALA C 458 2.00 8.84 -23.29
C ALA C 458 1.04 9.15 -22.13
N GLN C 459 -0.04 8.37 -21.97
CA GLN C 459 -1.03 8.54 -20.88
C GLN C 459 -0.88 7.42 -19.85
N ALA C 460 0.26 6.71 -19.85
CA ALA C 460 0.74 5.84 -18.74
C ALA C 460 0.08 4.46 -18.76
N PHE C 461 -0.41 3.97 -19.91
CA PHE C 461 -0.99 2.61 -19.98
C PHE C 461 -1.19 2.13 -21.41
N ARG C 462 -1.23 0.81 -21.57
CA ARG C 462 -1.76 0.13 -22.79
C ARG C 462 -2.71 -0.97 -22.33
N SER C 463 -3.97 -0.86 -22.76
CA SER C 463 -5.02 -1.90 -22.69
C SER C 463 -5.97 -1.61 -21.54
N ALA C 464 -7.25 -1.92 -21.77
CA ALA C 464 -8.32 -1.87 -20.76
C ALA C 464 -9.15 -3.13 -20.89
N MET C 465 -9.82 -3.53 -19.81
CA MET C 465 -10.81 -4.63 -19.83
C MET C 465 -12.10 -4.08 -20.45
N SER C 466 -12.94 -4.98 -20.97
CA SER C 466 -14.34 -4.67 -21.35
C SER C 466 -15.10 -4.27 -20.09
N LEU C 467 -16.29 -3.71 -20.25
CA LEU C 467 -17.27 -3.71 -19.13
C LEU C 467 -17.36 -5.14 -18.61
N PRO C 468 -17.54 -5.34 -17.30
CA PRO C 468 -17.89 -6.64 -16.74
C PRO C 468 -19.27 -7.02 -17.31
N ARG C 469 -19.49 -8.30 -17.57
CA ARG C 469 -20.66 -8.79 -18.33
C ARG C 469 -21.46 -9.80 -17.51
N ARG C 470 -22.78 -9.67 -17.59
CA ARG C 470 -23.76 -10.72 -17.20
C ARG C 470 -24.05 -11.54 -18.46
N ASN C 471 -23.91 -12.86 -18.38
CA ASN C 471 -24.09 -13.77 -19.54
C ASN C 471 -25.34 -14.62 -19.34
N TYR C 472 -25.98 -14.93 -20.44
CA TYR C 472 -27.11 -15.90 -20.56
C TYR C 472 -27.02 -16.60 -21.90
N LEU C 473 -27.77 -17.68 -22.05
CA LEU C 473 -28.04 -18.32 -23.35
C LEU C 473 -29.50 -18.07 -23.72
N THR C 474 -29.77 -17.81 -24.99
CA THR C 474 -31.14 -17.68 -25.51
C THR C 474 -31.19 -18.26 -26.92
N ASN C 475 -32.39 -18.52 -27.41
CA ASN C 475 -32.63 -18.80 -28.84
C ASN C 475 -33.11 -17.51 -29.49
N ILE C 476 -32.44 -17.07 -30.56
CA ILE C 476 -32.88 -15.89 -31.34
C ILE C 476 -33.55 -16.41 -32.61
N THR C 477 -34.41 -15.60 -33.21
CA THR C 477 -35.18 -15.99 -34.42
C THR C 477 -34.24 -16.55 -35.47
N ARG C 478 -34.56 -17.74 -36.00
CA ARG C 478 -33.91 -18.43 -37.13
C ARG C 478 -32.55 -19.02 -36.73
N LEU C 479 -31.64 -18.19 -36.21
CA LEU C 479 -30.24 -18.60 -35.95
C LEU C 479 -30.19 -19.58 -34.77
N GLY C 480 -31.13 -19.49 -33.84
CA GLY C 480 -31.17 -20.38 -32.65
C GLY C 480 -30.19 -19.95 -31.58
N TRP C 481 -29.26 -20.83 -31.19
CA TRP C 481 -28.40 -20.62 -29.98
C TRP C 481 -27.68 -19.28 -30.06
N ASP C 482 -27.64 -18.55 -28.95
CA ASP C 482 -26.98 -17.23 -28.87
C ASP C 482 -26.43 -16.99 -27.45
N LEU C 483 -25.17 -16.55 -27.37
CA LEU C 483 -24.56 -16.10 -26.10
C LEU C 483 -24.94 -14.64 -25.89
N VAL C 484 -25.74 -14.40 -24.86
CA VAL C 484 -26.19 -13.06 -24.42
C VAL C 484 -25.08 -12.46 -23.55
N SER C 485 -24.80 -11.17 -23.75
CA SER C 485 -23.85 -10.37 -22.94
C SER C 485 -24.50 -9.02 -22.65
N LEU C 486 -24.57 -8.64 -21.37
CA LEU C 486 -25.09 -7.33 -20.92
C LEU C 486 -24.11 -6.76 -19.90
N PRO C 487 -24.01 -5.42 -19.80
CA PRO C 487 -23.16 -4.81 -18.79
C PRO C 487 -23.64 -5.26 -17.40
N TYR C 488 -22.72 -5.69 -16.55
CA TYR C 488 -23.02 -5.98 -15.13
C TYR C 488 -23.56 -4.71 -14.48
N ASP C 489 -24.56 -4.85 -13.62
CA ASP C 489 -25.28 -3.74 -12.93
C ASP C 489 -24.45 -2.46 -12.95
N LEU C 490 -24.82 -1.49 -13.77
CA LEU C 490 -24.09 -0.20 -13.93
C LEU C 490 -24.52 0.82 -12.87
N SER C 491 -25.54 0.54 -12.05
CA SER C 491 -26.13 1.55 -11.13
C SER C 491 -25.07 2.25 -10.30
N PRO C 492 -23.99 1.59 -9.80
CA PRO C 492 -22.99 2.28 -8.99
C PRO C 492 -22.19 3.41 -9.68
N VAL C 493 -22.23 3.50 -11.02
CA VAL C 493 -21.45 4.53 -11.78
C VAL C 493 -22.38 5.48 -12.55
N VAL C 494 -23.69 5.26 -12.49
CA VAL C 494 -24.67 6.08 -13.27
C VAL C 494 -24.85 7.41 -12.54
N GLY C 495 -24.52 8.51 -13.22
CA GLY C 495 -24.64 9.88 -12.68
C GLY C 495 -25.96 10.51 -13.10
N PRO C 496 -26.05 11.86 -13.08
CA PRO C 496 -27.29 12.54 -13.43
C PRO C 496 -27.70 12.37 -14.90
N SER C 497 -29.01 12.42 -15.17
CA SER C 497 -29.62 12.30 -16.50
C SER C 497 -29.16 13.49 -17.34
N LEU C 498 -28.79 13.24 -18.59
CA LEU C 498 -28.50 14.28 -19.60
C LEU C 498 -29.72 14.46 -20.49
N LEU C 499 -30.51 13.39 -20.67
CA LEU C 499 -31.73 13.42 -21.51
C LEU C 499 -32.62 12.24 -21.18
N SER C 500 -33.92 12.51 -21.04
CA SER C 500 -35.04 11.53 -21.01
C SER C 500 -36.08 12.00 -22.03
N SER C 501 -36.32 11.21 -23.09
CA SER C 501 -37.20 11.60 -24.23
C SER C 501 -38.07 10.43 -24.68
N SER C 502 -39.31 10.73 -25.07
CA SER C 502 -40.28 9.80 -25.69
C SER C 502 -40.62 10.25 -27.10
N GLU C 503 -39.81 11.14 -27.68
CA GLU C 503 -40.00 11.66 -29.07
C GLU C 503 -39.58 10.58 -30.08
N ALA C 504 -40.45 10.27 -31.04
CA ALA C 504 -40.17 9.41 -32.22
C ALA C 504 -39.97 10.31 -33.44
N ASN C 505 -39.25 9.82 -34.45
CA ASN C 505 -39.01 10.55 -35.73
C ASN C 505 -38.34 11.90 -35.44
N SER C 506 -37.41 11.97 -34.48
CA SER C 506 -36.73 13.22 -34.05
C SER C 506 -35.22 12.98 -33.96
N THR C 507 -34.45 14.06 -33.85
CA THR C 507 -33.00 14.05 -33.54
C THR C 507 -32.79 14.70 -32.18
N ALA C 508 -32.25 13.94 -31.22
CA ALA C 508 -31.83 14.42 -29.89
C ALA C 508 -30.34 14.77 -29.94
N ASP C 509 -29.98 16.01 -29.61
CA ASP C 509 -28.58 16.47 -29.47
C ASP C 509 -28.25 16.50 -27.97
N VAL C 510 -27.31 15.66 -27.53
CA VAL C 510 -26.93 15.53 -26.09
C VAL C 510 -25.49 16.01 -25.94
N ASP C 511 -25.29 17.16 -25.31
CA ASP C 511 -23.94 17.69 -25.00
C ASP C 511 -23.49 17.10 -23.66
N PHE C 512 -22.25 16.63 -23.56
CA PHE C 512 -21.67 16.13 -22.29
C PHE C 512 -20.24 16.65 -22.10
N THR C 513 -19.99 17.89 -22.53
CA THR C 513 -18.73 18.63 -22.26
C THR C 513 -18.62 18.93 -20.76
N ASN C 514 -19.74 18.99 -20.03
CA ASN C 514 -19.80 19.25 -18.57
C ASN C 514 -19.72 17.94 -17.77
N VAL C 515 -19.62 16.79 -18.43
CA VAL C 515 -19.45 15.46 -17.76
C VAL C 515 -17.95 15.17 -17.71
N THR C 516 -17.31 15.40 -16.56
CA THR C 516 -15.83 15.37 -16.42
C THR C 516 -15.31 13.97 -16.78
N SER C 517 -16.11 12.92 -16.50
CA SER C 517 -15.79 11.50 -16.84
C SER C 517 -15.49 11.36 -18.34
N ASN C 518 -16.14 12.17 -19.18
CA ASN C 518 -16.16 11.97 -20.65
C ASN C 518 -16.66 10.55 -20.93
N ALA C 519 -17.62 10.07 -20.13
CA ALA C 519 -18.24 8.73 -20.28
C ALA C 519 -19.75 8.86 -20.09
N VAL C 520 -20.53 8.17 -20.94
CA VAL C 520 -22.01 8.22 -20.90
C VAL C 520 -22.58 6.81 -21.10
N TRP C 521 -23.74 6.57 -20.52
CA TRP C 521 -24.61 5.39 -20.78
C TRP C 521 -25.83 5.90 -21.54
N PHE C 522 -26.30 5.16 -22.54
CA PHE C 522 -27.57 5.47 -23.23
C PHE C 522 -28.37 4.18 -23.37
N SER C 523 -29.69 4.31 -23.36
CA SER C 523 -30.67 3.23 -23.59
C SER C 523 -31.73 3.76 -24.56
N LEU C 524 -31.97 3.04 -25.65
CA LEU C 524 -32.99 3.39 -26.66
C LEU C 524 -33.92 2.20 -26.81
N ASN C 525 -35.20 2.37 -26.47
CA ASN C 525 -36.26 1.34 -26.67
C ASN C 525 -37.16 1.82 -27.81
N VAL C 526 -37.46 0.93 -28.75
CA VAL C 526 -38.40 1.19 -29.87
C VAL C 526 -39.45 0.08 -29.84
N THR C 527 -40.72 0.44 -29.60
CA THR C 527 -41.84 -0.53 -29.53
C THR C 527 -42.71 -0.30 -30.76
N LEU C 528 -42.59 -1.18 -31.76
CA LEU C 528 -43.41 -1.09 -32.99
C LEU C 528 -44.85 -1.40 -32.61
N PRO C 529 -45.84 -0.84 -33.33
CA PRO C 529 -47.25 -1.17 -33.08
C PRO C 529 -47.52 -2.63 -33.48
N ASP C 530 -48.58 -3.23 -32.94
CA ASP C 530 -48.95 -4.65 -33.21
C ASP C 530 -49.10 -4.85 -34.72
N ALA C 531 -49.62 -3.85 -35.44
CA ALA C 531 -49.84 -3.91 -36.91
C ALA C 531 -48.53 -4.21 -37.64
N ALA C 532 -47.43 -3.56 -37.25
CA ALA C 532 -46.11 -3.66 -37.93
C ALA C 532 -45.39 -4.95 -37.51
N ILE C 533 -45.66 -5.45 -36.30
CA ILE C 533 -45.08 -6.73 -35.79
C ILE C 533 -45.72 -7.90 -36.54
N GLN C 534 -46.98 -7.77 -36.97
CA GLN C 534 -47.69 -8.85 -37.70
C GLN C 534 -47.43 -8.73 -39.21
N ASN C 535 -47.32 -7.49 -39.72
CA ASN C 535 -47.04 -7.22 -41.16
C ASN C 535 -45.84 -6.28 -41.29
N ALA C 536 -44.63 -6.83 -41.39
CA ALA C 536 -43.36 -6.09 -41.48
C ALA C 536 -43.32 -5.25 -42.77
N SER C 537 -44.08 -5.63 -43.80
CA SER C 537 -44.15 -4.90 -45.10
C SER C 537 -44.65 -3.47 -44.88
N LEU C 538 -45.33 -3.20 -43.77
CA LEU C 538 -45.87 -1.85 -43.42
C LEU C 538 -44.73 -0.88 -43.09
N ILE C 539 -43.57 -1.39 -42.67
CA ILE C 539 -42.42 -0.54 -42.22
C ILE C 539 -41.77 0.09 -43.45
N SER C 540 -41.62 1.41 -43.41
CA SER C 540 -41.05 2.24 -44.50
C SER C 540 -39.58 1.85 -44.74
N ALA C 541 -39.14 1.88 -46.00
CA ALA C 541 -37.73 1.69 -46.42
C ALA C 541 -36.82 2.67 -45.68
N ASP C 542 -37.34 3.81 -45.22
CA ASP C 542 -36.57 4.88 -44.56
C ASP C 542 -36.47 4.67 -43.04
N ALA C 543 -37.19 3.69 -42.48
CA ALA C 543 -37.26 3.45 -41.02
C ALA C 543 -35.84 3.10 -40.52
N SER C 544 -35.22 3.99 -39.72
CA SER C 544 -33.80 3.83 -39.35
C SER C 544 -33.48 4.53 -38.03
N ILE C 545 -32.34 4.13 -37.46
CA ILE C 545 -31.72 4.73 -36.25
C ILE C 545 -30.30 5.16 -36.64
N ASN C 546 -29.92 6.41 -36.35
CA ASN C 546 -28.55 6.91 -36.59
C ASN C 546 -28.04 7.55 -35.30
N ILE C 547 -26.96 7.00 -34.74
CA ILE C 547 -26.27 7.55 -33.54
C ILE C 547 -24.86 7.96 -33.99
N THR C 548 -24.45 9.18 -33.64
CA THR C 548 -23.10 9.72 -33.95
C THR C 548 -22.53 10.30 -32.65
N PHE C 549 -21.25 10.05 -32.40
CA PHE C 549 -20.44 10.66 -31.32
C PHE C 549 -19.54 11.70 -31.96
N LEU C 550 -19.71 12.97 -31.56
CA LEU C 550 -19.16 14.14 -32.29
C LEU C 550 -18.06 14.79 -31.47
N PRO C 551 -16.99 15.29 -32.13
CA PRO C 551 -15.85 15.89 -31.42
C PRO C 551 -16.29 17.14 -30.63
N SER C 552 -15.62 17.37 -29.50
CA SER C 552 -15.77 18.58 -28.66
C SER C 552 -15.24 19.79 -29.45
N THR C 553 -15.93 20.92 -29.35
CA THR C 553 -15.48 22.23 -29.92
C THR C 553 -14.51 22.89 -28.92
N LYS C 554 -14.58 22.51 -27.64
CA LYS C 554 -13.87 23.18 -26.52
C LYS C 554 -12.45 22.62 -26.40
N CYS C 555 -12.27 21.30 -26.41
CA CYS C 555 -10.96 20.64 -26.17
C CYS C 555 -10.44 19.98 -27.45
N SER C 556 -10.84 20.49 -28.62
CA SER C 556 -10.35 20.02 -29.95
C SER C 556 -8.82 19.92 -29.93
N SER C 563 -12.18 16.07 -39.29
CA SER C 563 -12.15 17.26 -38.41
C SER C 563 -13.50 17.40 -37.68
N ASP C 564 -14.59 17.53 -38.44
CA ASP C 564 -15.97 17.47 -37.88
C ASP C 564 -16.47 16.03 -37.97
N SER C 565 -15.64 15.10 -38.47
CA SER C 565 -15.95 13.65 -38.56
C SER C 565 -16.40 13.14 -37.19
N PRO C 566 -17.51 12.39 -37.11
CA PRO C 566 -17.83 11.63 -35.90
C PRO C 566 -16.66 10.73 -35.51
N ALA C 567 -16.50 10.46 -34.22
CA ALA C 567 -15.49 9.53 -33.65
C ALA C 567 -16.02 8.10 -33.75
N ALA C 568 -17.34 7.94 -33.73
CA ALA C 568 -18.04 6.63 -33.76
C ALA C 568 -19.46 6.84 -34.26
N THR C 569 -19.97 5.88 -35.03
CA THR C 569 -21.35 5.90 -35.58
C THR C 569 -22.00 4.54 -35.36
N LEU C 570 -23.32 4.53 -35.21
CA LEU C 570 -24.17 3.32 -35.32
C LEU C 570 -25.33 3.68 -36.25
N THR C 571 -25.53 2.89 -37.29
CA THR C 571 -26.64 3.03 -38.27
C THR C 571 -27.38 1.70 -38.33
N TYR C 572 -28.69 1.70 -38.10
CA TYR C 572 -29.53 0.48 -38.21
C TYR C 572 -30.72 0.76 -39.13
N PHE C 573 -31.07 -0.21 -39.97
CA PHE C 573 -32.19 -0.15 -40.94
C PHE C 573 -33.23 -1.23 -40.59
N TYR C 574 -34.49 -0.83 -40.38
CA TYR C 574 -35.62 -1.75 -40.14
C TYR C 574 -35.98 -2.49 -41.44
N ALA C 575 -35.79 -1.84 -42.60
CA ALA C 575 -36.20 -2.38 -43.91
C ALA C 575 -35.26 -1.87 -45.00
N GLY C 576 -35.79 -1.63 -46.21
CA GLY C 576 -34.97 -1.19 -47.36
C GLY C 576 -34.12 -2.32 -47.91
N LEU C 577 -33.07 -1.98 -48.66
CA LEU C 577 -32.22 -2.94 -49.41
C LEU C 577 -31.30 -3.71 -48.46
N THR C 578 -30.96 -3.14 -47.29
CA THR C 578 -30.10 -3.80 -46.26
C THR C 578 -30.92 -3.97 -44.99
N ASN C 579 -32.07 -4.64 -45.10
CA ASN C 579 -33.03 -4.80 -43.98
C ASN C 579 -32.36 -5.49 -42.78
N GLY C 580 -32.47 -4.89 -41.60
CA GLY C 580 -31.97 -5.46 -40.33
C GLY C 580 -30.48 -5.25 -40.14
N ALA C 581 -29.78 -4.66 -41.11
CA ALA C 581 -28.32 -4.42 -41.04
C ALA C 581 -28.00 -3.31 -40.02
N LEU C 582 -27.10 -3.60 -39.09
CA LEU C 582 -26.59 -2.62 -38.09
C LEU C 582 -25.11 -2.40 -38.39
N ALA C 583 -24.71 -1.17 -38.65
CA ALA C 583 -23.30 -0.79 -38.89
C ALA C 583 -22.78 -0.06 -37.65
N LEU C 584 -21.60 -0.45 -37.19
CA LEU C 584 -20.86 0.22 -36.10
C LEU C 584 -19.52 0.67 -36.69
N THR C 585 -19.20 1.97 -36.65
CA THR C 585 -18.03 2.50 -37.40
C THR C 585 -17.21 3.42 -36.50
N ARG C 586 -15.90 3.46 -36.78
CA ARG C 586 -14.93 4.43 -36.23
C ARG C 586 -14.28 5.10 -37.44
N PRO C 587 -14.84 6.23 -37.94
CA PRO C 587 -14.38 6.80 -39.20
C PRO C 587 -12.87 7.08 -39.18
N ALA C 588 -12.15 6.65 -40.22
CA ALA C 588 -10.70 6.88 -40.41
C ALA C 588 -10.41 8.39 -40.32
N ALA C 589 -11.32 9.22 -40.82
CA ALA C 589 -11.17 10.70 -40.90
C ALA C 589 -11.04 11.32 -39.49
N SER C 590 -11.53 10.65 -38.45
CA SER C 590 -11.57 11.17 -37.06
C SER C 590 -10.24 10.95 -36.34
N SER C 591 -9.34 10.12 -36.88
CA SER C 591 -8.12 9.62 -36.18
C SER C 591 -6.95 9.41 -37.17
N SER C 592 -5.92 10.24 -37.08
CA SER C 592 -4.66 10.11 -37.87
C SER C 592 -4.01 8.76 -37.57
N TRP C 593 -3.93 8.38 -36.29
CA TRP C 593 -3.35 7.08 -35.87
C TRP C 593 -4.19 5.93 -36.46
N GLY C 594 -5.52 6.00 -36.29
CA GLY C 594 -6.44 4.96 -36.78
C GLY C 594 -6.32 4.75 -38.28
N ALA C 595 -6.43 5.83 -39.06
CA ALA C 595 -6.32 5.80 -40.54
C ALA C 595 -5.01 5.12 -40.96
N GLU C 596 -3.90 5.42 -40.29
CA GLU C 596 -2.54 4.95 -40.68
C GLU C 596 -2.34 3.48 -40.28
N ASN C 597 -2.90 3.02 -39.16
CA ASN C 597 -2.66 1.62 -38.71
C ASN C 597 -3.33 0.65 -39.69
N PRO C 598 -2.56 -0.26 -40.32
CA PRO C 598 -3.10 -1.11 -41.39
C PRO C 598 -4.16 -2.13 -40.94
N PHE C 599 -4.28 -2.40 -39.63
CA PHE C 599 -5.16 -3.44 -39.05
C PHE C 599 -6.36 -2.83 -38.32
N PHE C 600 -6.41 -1.51 -38.17
CA PHE C 600 -7.44 -0.79 -37.37
C PHE C 600 -8.71 -0.57 -38.22
N THR C 601 -9.43 -1.67 -38.45
CA THR C 601 -10.64 -1.74 -39.33
C THR C 601 -11.64 -0.65 -38.92
N ASP C 602 -12.23 0.04 -39.89
CA ASP C 602 -13.09 1.23 -39.63
C ASP C 602 -14.55 0.81 -39.38
N LYS C 603 -15.02 -0.32 -39.93
CA LYS C 603 -16.48 -0.62 -40.02
C LYS C 603 -16.74 -2.10 -39.68
N PHE C 604 -17.79 -2.31 -38.88
CA PHE C 604 -18.25 -3.64 -38.39
C PHE C 604 -19.75 -3.70 -38.59
N SER C 605 -20.32 -4.88 -38.75
CA SER C 605 -21.79 -4.98 -38.86
C SER C 605 -22.30 -6.32 -38.34
N TYR C 606 -23.57 -6.30 -37.97
CA TYR C 606 -24.38 -7.46 -37.58
C TYR C 606 -25.74 -7.28 -38.23
N THR C 607 -26.34 -8.34 -38.77
CA THR C 607 -27.68 -8.27 -39.38
C THR C 607 -28.70 -9.01 -38.51
N LEU C 608 -29.70 -8.28 -38.02
CA LEU C 608 -30.82 -8.81 -37.19
C LEU C 608 -31.83 -9.48 -38.12
N VAL C 609 -32.60 -10.41 -37.57
CA VAL C 609 -33.83 -10.96 -38.22
C VAL C 609 -35.04 -10.22 -37.61
N ASP C 610 -35.17 -10.25 -36.29
CA ASP C 610 -36.21 -9.48 -35.55
C ASP C 610 -35.92 -7.99 -35.68
N PRO C 611 -36.94 -7.11 -35.63
CA PRO C 611 -36.68 -5.68 -35.55
C PRO C 611 -35.86 -5.34 -34.29
N LEU C 612 -35.04 -4.29 -34.37
CA LEU C 612 -34.37 -3.71 -33.17
C LEU C 612 -35.44 -3.13 -32.24
N THR C 613 -35.54 -3.64 -31.01
CA THR C 613 -36.49 -3.13 -29.99
C THR C 613 -35.76 -2.55 -28.78
N SER C 614 -34.48 -2.89 -28.57
CA SER C 614 -33.67 -2.29 -27.48
C SER C 614 -32.19 -2.16 -27.88
N LEU C 615 -31.55 -1.11 -27.38
CA LEU C 615 -30.14 -0.77 -27.65
C LEU C 615 -29.60 -0.05 -26.41
N VAL C 616 -28.52 -0.59 -25.85
CA VAL C 616 -27.80 0.01 -24.69
C VAL C 616 -26.36 0.24 -25.16
N GLY C 617 -25.75 1.33 -24.71
CA GLY C 617 -24.38 1.66 -25.09
C GLY C 617 -23.64 2.33 -23.95
N VAL C 618 -22.33 2.08 -23.88
CA VAL C 618 -21.44 2.84 -22.97
C VAL C 618 -20.30 3.40 -23.83
N PHE C 619 -20.12 4.71 -23.78
CA PHE C 619 -18.92 5.40 -24.30
C PHE C 619 -18.06 5.82 -23.11
N ASP C 620 -16.76 5.47 -23.13
CA ASP C 620 -15.82 5.77 -22.03
C ASP C 620 -14.47 6.21 -22.61
N ARG C 621 -14.42 7.46 -23.08
CA ARG C 621 -13.22 8.21 -23.56
C ARG C 621 -12.67 7.62 -24.86
N SER C 622 -12.31 6.33 -24.89
CA SER C 622 -11.60 5.69 -26.02
C SER C 622 -12.23 4.32 -26.36
N MET C 623 -13.47 4.08 -25.94
CA MET C 623 -14.14 2.76 -26.11
C MET C 623 -15.64 2.99 -26.25
N LEU C 624 -16.27 2.19 -27.08
CA LEU C 624 -17.74 2.14 -27.20
C LEU C 624 -18.15 0.67 -27.21
N GLU C 625 -19.06 0.29 -26.30
CA GLU C 625 -19.68 -1.07 -26.25
C GLU C 625 -21.17 -0.90 -26.50
N VAL C 626 -21.73 -1.72 -27.40
CA VAL C 626 -23.18 -1.69 -27.69
C VAL C 626 -23.77 -3.09 -27.50
N PHE C 627 -25.03 -3.10 -27.08
CA PHE C 627 -25.80 -4.30 -26.69
C PHE C 627 -27.17 -4.14 -27.34
N VAL C 628 -27.53 -5.07 -28.22
CA VAL C 628 -28.75 -4.98 -29.07
C VAL C 628 -29.72 -6.08 -28.64
N ASN C 629 -31.00 -5.73 -28.46
CA ASN C 629 -32.12 -6.67 -28.16
C ASN C 629 -31.79 -7.46 -26.90
N GLU C 630 -31.74 -6.77 -25.76
CA GLU C 630 -31.44 -7.36 -24.43
C GLU C 630 -30.15 -8.18 -24.51
N GLY C 631 -29.12 -7.65 -25.16
CA GLY C 631 -27.77 -8.25 -25.18
C GLY C 631 -27.66 -9.46 -26.10
N ALA C 632 -28.64 -9.68 -26.99
CA ALA C 632 -28.58 -10.79 -27.98
C ALA C 632 -27.31 -10.64 -28.83
N HIS C 633 -26.96 -9.40 -29.19
CA HIS C 633 -25.82 -9.05 -30.07
C HIS C 633 -25.02 -7.95 -29.39
N SER C 634 -23.70 -8.05 -29.37
CA SER C 634 -22.84 -7.08 -28.65
C SER C 634 -21.54 -6.87 -29.42
N ALA C 635 -20.99 -5.67 -29.30
CA ALA C 635 -19.72 -5.28 -29.95
C ALA C 635 -18.94 -4.38 -29.00
N THR C 636 -17.63 -4.57 -29.00
CA THR C 636 -16.65 -3.79 -28.22
C THR C 636 -15.70 -3.13 -29.22
N MET C 637 -15.56 -1.80 -29.20
CA MET C 637 -14.81 -1.08 -30.25
C MET C 637 -13.99 0.05 -29.63
N LEU C 638 -12.67 -0.01 -29.80
CA LEU C 638 -11.75 1.08 -29.39
C LEU C 638 -11.88 2.24 -30.37
N VAL C 639 -11.77 3.48 -29.87
CA VAL C 639 -11.70 4.70 -30.73
C VAL C 639 -10.59 5.60 -30.16
N PHE C 640 -9.76 6.15 -31.04
CA PHE C 640 -8.66 7.08 -30.70
C PHE C 640 -8.81 8.34 -31.55
N PRO C 641 -9.90 9.11 -31.37
CA PRO C 641 -10.11 10.32 -32.15
C PRO C 641 -9.04 11.38 -31.80
N ASP C 642 -8.67 12.18 -32.80
CA ASP C 642 -7.69 13.30 -32.66
C ASP C 642 -8.21 14.26 -31.58
N SER C 643 -9.51 14.55 -31.59
CA SER C 643 -10.20 15.42 -30.58
C SER C 643 -11.12 14.57 -29.72
N PRO C 644 -11.17 14.80 -28.39
CA PRO C 644 -12.11 14.09 -27.54
C PRO C 644 -13.57 14.33 -27.95
N VAL C 645 -14.42 13.33 -27.70
CA VAL C 645 -15.88 13.38 -27.98
C VAL C 645 -16.53 14.36 -26.99
N GLY C 646 -17.41 15.22 -27.48
CA GLY C 646 -18.08 16.27 -26.69
C GLY C 646 -19.60 16.09 -26.62
N SER C 647 -20.19 15.38 -27.58
CA SER C 647 -21.67 15.24 -27.70
C SER C 647 -22.03 13.97 -28.48
N MET C 648 -23.32 13.62 -28.46
CA MET C 648 -23.88 12.54 -29.32
C MET C 648 -25.23 12.99 -29.88
N LYS C 649 -25.49 12.65 -31.15
CA LYS C 649 -26.80 12.82 -31.81
C LYS C 649 -27.46 11.44 -31.92
N VAL C 650 -28.72 11.34 -31.51
CA VAL C 650 -29.58 10.12 -31.65
C VAL C 650 -30.78 10.51 -32.52
N ALA C 651 -30.82 10.02 -33.75
CA ALA C 651 -31.90 10.28 -34.73
C ALA C 651 -32.67 8.98 -35.04
N THR C 652 -34.00 9.02 -34.95
CA THR C 652 -34.91 7.99 -35.48
C THR C 652 -35.74 8.65 -36.59
N GLY C 653 -36.13 7.86 -37.60
CA GLY C 653 -36.90 8.37 -38.75
C GLY C 653 -37.72 7.26 -39.39
N GLY C 654 -38.79 7.63 -40.09
CA GLY C 654 -39.57 6.74 -40.96
C GLY C 654 -40.29 5.64 -40.19
N LEU C 655 -40.51 5.81 -38.89
CA LEU C 655 -41.11 4.76 -38.01
C LEU C 655 -42.61 4.68 -38.25
N PRO C 656 -43.22 3.48 -38.20
CA PRO C 656 -44.67 3.32 -38.35
C PRO C 656 -45.51 4.14 -37.36
N GLU C 657 -46.69 4.58 -37.80
CA GLU C 657 -47.79 5.11 -36.94
C GLU C 657 -47.90 4.25 -35.66
N GLY C 658 -47.84 4.87 -34.49
CA GLY C 658 -48.05 4.20 -33.20
C GLY C 658 -46.77 3.73 -32.53
N THR C 659 -45.63 3.82 -33.23
CA THR C 659 -44.31 3.37 -32.70
C THR C 659 -43.95 4.23 -31.47
N GLN C 660 -43.60 3.58 -30.36
CA GLN C 660 -43.11 4.25 -29.13
C GLN C 660 -41.57 4.25 -29.14
N VAL C 661 -40.96 5.40 -28.87
CA VAL C 661 -39.49 5.55 -28.70
C VAL C 661 -39.25 6.09 -27.28
N ASN C 662 -38.31 5.48 -26.53
CA ASN C 662 -37.87 6.00 -25.22
C ASN C 662 -36.34 6.03 -25.21
N LEU C 663 -35.76 7.24 -25.06
CA LEU C 663 -34.30 7.45 -25.00
C LEU C 663 -33.92 8.01 -23.63
N GLN C 664 -32.95 7.37 -22.98
CA GLN C 664 -32.36 7.84 -21.70
C GLN C 664 -30.84 7.90 -21.90
N VAL C 665 -30.23 9.02 -21.51
CA VAL C 665 -28.75 9.23 -21.59
C VAL C 665 -28.31 9.82 -20.24
N ASN C 666 -27.33 9.17 -19.61
CA ASN C 666 -26.78 9.57 -18.29
C ASN C 666 -25.27 9.69 -18.43
N GLY C 667 -24.70 10.75 -17.83
CA GLY C 667 -23.26 10.81 -17.58
C GLY C 667 -22.88 9.76 -16.58
N LEU C 668 -21.68 9.20 -16.69
CA LEU C 668 -21.15 8.24 -15.70
C LEU C 668 -20.14 8.96 -14.81
N GLU C 669 -20.04 8.51 -13.56
CA GLU C 669 -19.13 9.08 -12.54
C GLU C 669 -17.84 8.25 -12.55
N SER C 670 -16.69 8.91 -12.63
CA SER C 670 -15.35 8.27 -12.66
C SER C 670 -15.17 7.41 -11.41
N THR C 671 -14.52 6.26 -11.57
CA THR C 671 -14.24 5.28 -10.49
C THR C 671 -12.89 5.57 -9.84
N TRP C 672 -12.11 6.49 -10.43
CA TRP C 672 -10.71 6.77 -10.00
C TRP C 672 -10.71 8.07 -9.18
N CYS D 143 -8.54 10.01 -71.31
CA CYS D 143 -9.05 9.48 -70.01
C CYS D 143 -10.34 8.69 -70.22
N ALA D 144 -10.45 7.53 -69.57
CA ALA D 144 -11.69 6.71 -69.54
C ALA D 144 -12.83 7.55 -68.99
N PRO D 145 -14.02 7.54 -69.63
CA PRO D 145 -15.16 8.33 -69.17
C PRO D 145 -15.69 7.91 -67.79
N THR D 146 -16.19 8.89 -67.04
CA THR D 146 -16.89 8.72 -65.74
C THR D 146 -18.40 8.91 -65.95
N SER D 147 -18.78 9.42 -67.13
CA SER D 147 -20.18 9.53 -67.62
C SER D 147 -20.26 8.89 -69.01
N LEU D 148 -21.33 8.16 -69.27
CA LEU D 148 -21.60 7.59 -70.62
C LEU D 148 -22.82 8.29 -71.23
N PRO D 149 -22.95 8.27 -72.57
CA PRO D 149 -24.15 8.75 -73.24
C PRO D 149 -25.43 8.14 -72.63
N ALA D 150 -26.55 8.85 -72.70
CA ALA D 150 -27.86 8.43 -72.17
C ALA D 150 -28.26 7.07 -72.77
N SER D 151 -27.99 6.86 -74.06
CA SER D 151 -28.34 5.61 -74.80
C SER D 151 -27.60 4.40 -74.21
N ALA D 152 -26.39 4.61 -73.65
CA ALA D 152 -25.55 3.54 -73.08
C ALA D 152 -26.11 3.06 -71.73
N THR D 153 -26.71 3.94 -70.93
CA THR D 153 -27.14 3.66 -69.53
C THR D 153 -28.65 3.46 -69.44
N GLU D 154 -29.44 4.03 -70.36
CA GLU D 154 -30.93 3.92 -70.31
C GLU D 154 -31.30 2.44 -70.50
N LEU D 155 -32.12 1.91 -69.59
CA LEU D 155 -32.57 0.50 -69.60
C LEU D 155 -33.94 0.44 -70.29
N PRO D 156 -34.22 -0.61 -71.10
CA PRO D 156 -35.51 -0.73 -71.77
C PRO D 156 -36.59 -1.00 -70.71
N THR D 157 -37.86 -0.68 -71.04
CA THR D 157 -39.03 -0.85 -70.12
C THR D 157 -39.64 -2.24 -70.31
N THR D 158 -39.30 -2.93 -71.40
CA THR D 158 -39.66 -4.35 -71.65
C THR D 158 -38.38 -5.15 -71.91
N VAL D 159 -38.35 -6.40 -71.46
CA VAL D 159 -37.15 -7.29 -71.55
C VAL D 159 -36.96 -7.66 -73.02
N PRO D 160 -35.75 -7.47 -73.61
CA PRO D 160 -35.48 -7.93 -74.97
C PRO D 160 -35.41 -9.47 -75.03
N THR D 161 -36.06 -10.06 -76.04
CA THR D 161 -36.05 -11.53 -76.33
C THR D 161 -35.36 -11.80 -77.66
N GLY D 162 -34.44 -12.77 -77.69
CA GLY D 162 -33.77 -13.29 -78.90
C GLY D 162 -32.76 -12.33 -79.50
N THR D 163 -32.38 -11.25 -78.79
CA THR D 163 -31.42 -10.22 -79.26
C THR D 163 -30.39 -9.93 -78.17
N VAL D 164 -29.13 -9.72 -78.58
CA VAL D 164 -27.99 -9.37 -77.67
C VAL D 164 -28.23 -7.94 -77.18
N ILE D 165 -28.04 -7.70 -75.87
CA ILE D 165 -28.09 -6.34 -75.28
C ILE D 165 -26.70 -5.71 -75.49
N THR D 166 -26.67 -4.57 -76.20
CA THR D 166 -25.41 -3.88 -76.57
C THR D 166 -24.85 -3.19 -75.32
N GLY D 167 -23.53 -3.25 -75.15
CA GLY D 167 -22.83 -2.73 -73.95
C GLY D 167 -21.73 -1.76 -74.32
N ASP D 168 -21.63 -0.66 -73.56
CA ASP D 168 -20.48 0.27 -73.54
C ASP D 168 -19.58 -0.10 -72.36
N TYR D 169 -18.39 -0.64 -72.65
CA TYR D 169 -17.42 -1.21 -71.68
C TYR D 169 -16.23 -0.27 -71.49
N THR D 170 -16.43 1.05 -71.61
CA THR D 170 -15.34 2.07 -71.60
C THR D 170 -15.25 2.80 -70.25
N GLY D 171 -16.23 2.66 -69.36
CA GLY D 171 -16.28 3.34 -68.05
C GLY D 171 -14.99 3.20 -67.25
N SER D 172 -14.64 4.22 -66.45
CA SER D 172 -13.40 4.28 -65.64
C SER D 172 -13.37 3.17 -64.58
N TYR D 173 -14.54 2.62 -64.21
CA TYR D 173 -14.68 1.52 -63.22
C TYR D 173 -14.99 0.18 -63.91
N ARG D 174 -15.19 0.15 -65.23
CA ARG D 174 -15.56 -1.09 -65.96
C ARG D 174 -14.33 -1.99 -66.05
N PRO D 175 -14.34 -3.20 -65.42
CA PRO D 175 -13.23 -4.13 -65.54
C PRO D 175 -13.05 -4.60 -66.99
N GLN D 176 -11.81 -4.77 -67.43
CA GLN D 176 -11.48 -5.06 -68.85
C GLN D 176 -11.10 -6.53 -69.05
N VAL D 177 -10.85 -7.30 -67.98
CA VAL D 177 -10.57 -8.76 -68.09
C VAL D 177 -11.51 -9.58 -67.19
N HIS D 178 -12.48 -8.93 -66.51
CA HIS D 178 -13.56 -9.62 -65.74
C HIS D 178 -14.89 -9.49 -66.49
N TYR D 179 -15.78 -10.49 -66.36
CA TYR D 179 -17.14 -10.39 -66.93
C TYR D 179 -17.99 -9.40 -66.12
N SER D 180 -18.72 -8.56 -66.85
CA SER D 180 -19.79 -7.68 -66.34
C SER D 180 -20.88 -7.61 -67.41
N PRO D 181 -22.15 -7.39 -67.05
CA PRO D 181 -23.23 -7.42 -68.04
C PRO D 181 -23.23 -6.15 -68.89
N PRO D 182 -23.68 -6.21 -70.16
CA PRO D 182 -23.62 -5.03 -71.03
C PRO D 182 -24.36 -3.84 -70.41
N LYS D 183 -25.55 -4.08 -69.83
CA LYS D 183 -26.32 -3.09 -69.01
C LYS D 183 -27.03 -3.81 -67.87
N GLY D 184 -27.43 -3.07 -66.84
CA GLY D 184 -28.32 -3.58 -65.77
C GLY D 184 -27.54 -4.13 -64.58
N PHE D 185 -28.22 -4.92 -63.74
CA PHE D 185 -27.69 -5.44 -62.45
C PHE D 185 -27.52 -6.95 -62.54
N MET D 186 -26.34 -7.45 -62.16
CA MET D 186 -25.99 -8.89 -62.20
C MET D 186 -25.70 -9.34 -60.75
N ASN D 187 -26.01 -10.59 -60.41
CA ASN D 187 -25.48 -11.20 -59.16
C ASN D 187 -24.92 -12.58 -59.51
N ALA D 188 -25.41 -13.66 -58.89
CA ALA D 188 -24.73 -14.97 -58.82
C ALA D 188 -24.53 -15.57 -60.22
N PRO D 189 -23.39 -16.25 -60.45
CA PRO D 189 -23.18 -17.04 -61.65
C PRO D 189 -24.09 -18.27 -61.61
N ASN D 190 -24.61 -18.66 -62.78
CA ASN D 190 -25.56 -19.78 -62.93
C ASN D 190 -25.21 -20.60 -64.17
N GLY D 191 -25.62 -21.87 -64.18
CA GLY D 191 -25.59 -22.76 -65.36
C GLY D 191 -24.20 -22.98 -65.91
N CYS D 192 -23.15 -22.71 -65.13
CA CYS D 192 -21.74 -22.73 -65.58
C CYS D 192 -21.39 -24.13 -66.10
N HIS D 193 -21.01 -24.24 -67.37
CA HIS D 193 -20.60 -25.53 -67.99
C HIS D 193 -19.78 -25.28 -69.25
N ARG D 194 -19.04 -26.30 -69.68
CA ARG D 194 -18.24 -26.30 -70.93
C ARG D 194 -18.91 -27.24 -71.93
N ASP D 195 -19.22 -26.77 -73.14
CA ASP D 195 -19.82 -27.64 -74.19
C ASP D 195 -18.70 -28.48 -74.82
N ARG D 196 -19.06 -29.49 -75.61
CA ARG D 196 -18.10 -30.49 -76.16
C ARG D 196 -17.14 -29.82 -77.15
N ASN D 197 -17.52 -28.66 -77.70
CA ASN D 197 -16.67 -27.86 -78.63
C ASN D 197 -15.65 -27.01 -77.86
N GLY D 198 -15.74 -26.97 -76.53
CA GLY D 198 -14.78 -26.26 -75.66
C GLY D 198 -15.23 -24.86 -75.29
N THR D 199 -16.44 -24.46 -75.68
CA THR D 199 -17.02 -23.13 -75.31
C THR D 199 -17.52 -23.21 -73.87
N TYR D 200 -17.03 -22.31 -73.02
CA TYR D 200 -17.53 -22.11 -71.64
C TYR D 200 -18.79 -21.25 -71.71
N HIS D 201 -19.87 -21.74 -71.09
CA HIS D 201 -21.15 -20.99 -70.95
C HIS D 201 -21.28 -20.45 -69.53
N LEU D 202 -21.29 -19.13 -69.40
CA LEU D 202 -21.57 -18.43 -68.12
C LEU D 202 -23.00 -17.89 -68.20
N TYR D 203 -23.89 -18.35 -67.31
CA TYR D 203 -25.19 -17.67 -67.10
C TYR D 203 -25.09 -16.90 -65.78
N TYR D 204 -25.97 -15.95 -65.59
CA TYR D 204 -25.93 -15.08 -64.38
C TYR D 204 -27.31 -14.53 -64.06
N GLN D 205 -27.57 -14.37 -62.77
CA GLN D 205 -28.76 -13.68 -62.23
C GLN D 205 -28.73 -12.25 -62.76
N TYR D 206 -29.82 -11.83 -63.42
CA TYR D 206 -29.83 -10.63 -64.26
C TYR D 206 -31.17 -9.90 -64.10
N ASN D 207 -31.11 -8.64 -63.69
CA ASN D 207 -32.24 -7.68 -63.78
C ASN D 207 -31.98 -6.82 -65.01
N PRO D 208 -32.68 -7.08 -66.15
CA PRO D 208 -32.46 -6.29 -67.37
C PRO D 208 -33.12 -4.90 -67.30
N LEU D 209 -33.95 -4.64 -66.28
CA LEU D 209 -34.84 -3.46 -66.21
C LEU D 209 -34.34 -2.42 -65.21
N GLU D 210 -33.42 -2.78 -64.31
CA GLU D 210 -32.98 -1.88 -63.21
C GLU D 210 -31.49 -2.10 -62.90
N TYR D 211 -30.91 -1.17 -62.11
CA TYR D 211 -29.53 -1.27 -61.58
C TYR D 211 -29.57 -1.76 -60.13
N VAL D 212 -30.66 -2.43 -59.72
CA VAL D 212 -30.81 -3.11 -58.40
C VAL D 212 -31.35 -4.52 -58.64
N ALA D 213 -31.39 -5.34 -57.59
CA ALA D 213 -31.89 -6.74 -57.65
C ALA D 213 -33.39 -6.75 -57.97
N GLY D 214 -33.83 -7.71 -58.78
CA GLY D 214 -35.25 -7.95 -59.09
C GLY D 214 -35.43 -8.52 -60.48
N ASN D 215 -36.67 -8.87 -60.83
CA ASN D 215 -37.06 -9.33 -62.20
C ASN D 215 -36.03 -10.34 -62.71
N GLN D 216 -35.60 -11.31 -61.89
CA GLN D 216 -34.40 -12.12 -62.23
C GLN D 216 -34.66 -12.98 -63.47
N HIS D 217 -33.75 -12.87 -64.44
CA HIS D 217 -33.61 -13.73 -65.62
C HIS D 217 -32.23 -14.38 -65.55
N TRP D 218 -31.96 -15.40 -66.37
CA TRP D 218 -30.57 -15.85 -66.63
C TRP D 218 -30.04 -15.11 -67.87
N GLY D 219 -29.10 -14.20 -67.65
CA GLY D 219 -28.22 -13.69 -68.72
C GLY D 219 -27.28 -14.78 -69.19
N HIS D 220 -26.62 -14.58 -70.34
CA HIS D 220 -25.74 -15.58 -70.98
C HIS D 220 -24.56 -14.89 -71.66
N ALA D 221 -23.34 -15.39 -71.43
CA ALA D 221 -22.11 -15.02 -72.14
C ALA D 221 -21.29 -16.28 -72.40
N THR D 222 -20.52 -16.30 -73.49
CA THR D 222 -19.70 -17.45 -73.91
C THR D 222 -18.24 -17.00 -74.08
N SER D 223 -17.31 -17.93 -73.87
CA SER D 223 -15.84 -17.73 -73.99
C SER D 223 -15.18 -19.09 -74.22
N ASP D 224 -14.06 -19.11 -74.95
CA ASP D 224 -13.25 -20.34 -75.12
C ASP D 224 -12.11 -20.35 -74.10
N ASP D 225 -11.85 -19.23 -73.42
CA ASP D 225 -10.66 -19.08 -72.54
C ASP D 225 -11.01 -18.45 -71.18
N LEU D 226 -12.29 -18.14 -70.93
CA LEU D 226 -12.81 -17.58 -69.65
C LEU D 226 -12.37 -16.13 -69.45
N TYR D 227 -11.86 -15.44 -70.49
CA TYR D 227 -11.56 -13.99 -70.42
C TYR D 227 -12.20 -13.22 -71.58
N HIS D 228 -12.16 -13.75 -72.80
CA HIS D 228 -12.76 -13.11 -74.00
C HIS D 228 -14.24 -13.52 -74.09
N TRP D 229 -15.13 -12.68 -73.55
CA TRP D 229 -16.57 -12.97 -73.41
C TRP D 229 -17.34 -12.39 -74.59
N THR D 230 -18.28 -13.17 -75.13
CA THR D 230 -19.26 -12.71 -76.12
C THR D 230 -20.64 -12.76 -75.47
N ASN D 231 -21.29 -11.60 -75.40
CA ASN D 231 -22.65 -11.44 -74.84
C ASN D 231 -23.62 -12.20 -75.76
N GLN D 232 -24.66 -12.77 -75.14
CA GLN D 232 -25.65 -13.62 -75.83
C GLN D 232 -27.03 -13.11 -75.45
N PRO D 233 -28.09 -13.49 -76.19
CA PRO D 233 -29.45 -13.17 -75.77
C PRO D 233 -29.74 -13.80 -74.39
N ILE D 234 -30.67 -13.22 -73.64
CA ILE D 234 -31.14 -13.77 -72.33
C ILE D 234 -31.57 -15.22 -72.57
N ALA D 235 -31.18 -16.13 -71.69
CA ALA D 235 -31.29 -17.60 -71.88
C ALA D 235 -32.56 -18.15 -71.24
N ILE D 236 -32.92 -17.69 -70.03
CA ILE D 236 -34.12 -18.19 -69.29
C ILE D 236 -34.93 -17.01 -68.77
N PHE D 237 -36.22 -17.02 -69.11
CA PHE D 237 -37.21 -15.98 -68.75
C PHE D 237 -38.18 -16.57 -67.73
N PRO D 238 -38.69 -15.75 -66.78
CA PRO D 238 -39.78 -16.18 -65.92
C PRO D 238 -41.03 -16.33 -66.78
N PRO D 239 -42.01 -17.17 -66.38
CA PRO D 239 -43.22 -17.36 -67.19
C PRO D 239 -44.16 -16.14 -67.22
N ASN D 240 -44.02 -15.20 -66.27
CA ASN D 240 -44.84 -13.96 -66.21
C ASN D 240 -44.09 -12.86 -65.45
N SER D 241 -44.75 -11.74 -65.17
CA SER D 241 -44.17 -10.53 -64.54
C SER D 241 -44.15 -10.63 -63.01
N THR D 242 -44.79 -11.64 -62.41
CA THR D 242 -44.90 -11.82 -60.93
C THR D 242 -44.13 -13.06 -60.48
N SER D 243 -43.08 -13.45 -61.21
CA SER D 243 -42.20 -14.59 -60.87
C SER D 243 -40.78 -14.29 -61.37
N GLN D 244 -39.77 -14.99 -60.83
CA GLN D 244 -38.34 -14.70 -61.11
C GLN D 244 -37.58 -16.01 -61.26
N VAL D 245 -36.60 -16.04 -62.15
CA VAL D 245 -35.69 -17.20 -62.37
C VAL D 245 -34.49 -16.99 -61.44
N PHE D 246 -34.48 -17.67 -60.30
CA PHE D 246 -33.40 -17.60 -59.29
C PHE D 246 -32.30 -18.57 -59.72
N SER D 247 -31.29 -18.76 -58.88
CA SER D 247 -30.02 -19.43 -59.24
C SER D 247 -30.27 -20.90 -59.52
N GLY D 248 -29.32 -21.49 -60.22
CA GLY D 248 -29.34 -22.92 -60.56
C GLY D 248 -28.12 -23.26 -61.38
N SER D 249 -28.15 -24.46 -61.94
CA SER D 249 -26.97 -25.11 -62.54
C SER D 249 -27.37 -25.72 -63.89
N ALA D 250 -26.39 -26.17 -64.64
CA ALA D 250 -26.64 -26.80 -65.96
C ALA D 250 -25.64 -27.94 -66.15
N VAL D 251 -26.09 -28.97 -66.84
CA VAL D 251 -25.26 -30.16 -67.16
C VAL D 251 -25.51 -30.54 -68.61
N LEU D 252 -24.51 -31.12 -69.24
CA LEU D 252 -24.68 -31.82 -70.53
C LEU D 252 -25.35 -33.16 -70.23
N ASP D 253 -26.25 -33.59 -71.11
CA ASP D 253 -26.92 -34.92 -71.02
C ASP D 253 -26.66 -35.66 -72.32
N PRO D 254 -25.39 -35.98 -72.66
CA PRO D 254 -25.05 -36.61 -73.94
C PRO D 254 -25.72 -37.97 -74.18
N ASN D 255 -26.06 -38.66 -73.10
CA ASN D 255 -26.61 -40.05 -73.11
C ASN D 255 -28.15 -39.98 -73.09
N ASN D 256 -28.73 -38.79 -73.10
CA ASN D 256 -30.21 -38.58 -73.16
C ASN D 256 -30.88 -39.35 -72.02
N THR D 257 -30.34 -39.28 -70.80
CA THR D 257 -30.99 -39.83 -69.58
C THR D 257 -32.33 -39.11 -69.35
N SER D 258 -32.44 -37.83 -69.77
CA SER D 258 -33.64 -36.98 -69.55
C SER D 258 -34.78 -37.35 -70.50
N GLY D 259 -34.47 -37.90 -71.68
CA GLY D 259 -35.47 -38.13 -72.73
C GLY D 259 -35.72 -36.89 -73.57
N PHE D 260 -35.09 -35.76 -73.27
CA PHE D 260 -35.30 -34.48 -73.99
C PHE D 260 -34.57 -34.46 -75.34
N PHE D 261 -33.64 -35.39 -75.59
CA PHE D 261 -32.60 -35.27 -76.65
C PHE D 261 -32.54 -36.52 -77.53
N PRO D 262 -33.65 -36.90 -78.20
CA PRO D 262 -33.63 -38.05 -79.09
C PRO D 262 -32.67 -37.87 -80.29
N ASN D 263 -32.39 -36.64 -80.73
CA ASN D 263 -31.61 -36.37 -81.97
C ASN D 263 -30.42 -35.45 -81.71
N THR D 264 -29.86 -35.44 -80.49
CA THR D 264 -28.61 -34.70 -80.19
C THR D 264 -27.90 -35.34 -78.99
N THR D 265 -26.56 -35.31 -79.02
CA THR D 265 -25.67 -35.71 -77.91
C THR D 265 -25.06 -34.45 -77.29
N ASP D 266 -25.53 -33.26 -77.68
CA ASP D 266 -25.09 -31.95 -77.13
C ASP D 266 -26.19 -31.28 -76.30
N GLY D 267 -27.19 -32.03 -75.83
CA GLY D 267 -28.30 -31.49 -75.03
C GLY D 267 -27.79 -30.88 -73.71
N VAL D 268 -28.33 -29.73 -73.34
CA VAL D 268 -28.06 -29.02 -72.05
C VAL D 268 -29.35 -29.04 -71.23
N VAL D 269 -29.26 -29.40 -69.94
CA VAL D 269 -30.39 -29.28 -68.99
C VAL D 269 -30.06 -28.24 -67.93
N ALA D 270 -30.93 -27.25 -67.77
CA ALA D 270 -30.88 -26.27 -66.66
C ALA D 270 -31.80 -26.75 -65.54
N VAL D 271 -31.31 -26.69 -64.30
CA VAL D 271 -32.12 -26.94 -63.09
C VAL D 271 -32.00 -25.70 -62.22
N TYR D 272 -33.11 -25.05 -61.92
CA TYR D 272 -33.10 -23.69 -61.32
C TYR D 272 -34.30 -23.54 -60.38
N THR D 273 -34.21 -22.54 -59.52
CA THR D 273 -35.29 -22.16 -58.60
C THR D 273 -36.21 -21.17 -59.29
N LEU D 274 -37.51 -21.44 -59.30
CA LEU D 274 -38.55 -20.47 -59.69
C LEU D 274 -39.07 -19.80 -58.42
N ASN D 275 -38.92 -18.48 -58.36
CA ASN D 275 -39.34 -17.66 -57.20
C ASN D 275 -40.71 -17.05 -57.49
N THR D 276 -41.66 -17.27 -56.60
CA THR D 276 -42.95 -16.57 -56.54
C THR D 276 -43.02 -15.87 -55.17
N PRO D 277 -43.95 -14.91 -54.98
CA PRO D 277 -44.08 -14.25 -53.69
C PRO D 277 -44.25 -15.24 -52.53
N THR D 278 -44.86 -16.41 -52.74
CA THR D 278 -45.19 -17.38 -51.66
C THR D 278 -44.32 -18.64 -51.71
N LEU D 279 -43.65 -18.95 -52.82
CA LEU D 279 -42.94 -20.26 -52.95
C LEU D 279 -41.61 -20.11 -53.68
N GLN D 280 -40.71 -21.05 -53.38
CA GLN D 280 -39.48 -21.31 -54.15
C GLN D 280 -39.50 -22.80 -54.49
N VAL D 281 -39.51 -23.11 -55.78
CA VAL D 281 -39.59 -24.52 -56.27
C VAL D 281 -38.47 -24.75 -57.27
N GLN D 282 -38.10 -26.01 -57.49
CA GLN D 282 -37.07 -26.36 -58.49
C GLN D 282 -37.75 -26.74 -59.79
N GLU D 283 -37.24 -26.21 -60.90
CA GLU D 283 -37.79 -26.44 -62.24
C GLU D 283 -36.66 -26.89 -63.16
N VAL D 284 -37.03 -27.50 -64.27
CA VAL D 284 -36.07 -27.99 -65.30
C VAL D 284 -36.43 -27.33 -66.62
N ALA D 285 -35.42 -26.95 -67.39
CA ALA D 285 -35.58 -26.49 -68.79
C ALA D 285 -34.45 -27.12 -69.60
N TYR D 286 -34.65 -27.30 -70.90
CA TYR D 286 -33.66 -28.01 -71.76
C TYR D 286 -33.43 -27.23 -73.05
N SER D 287 -32.23 -27.39 -73.61
CA SER D 287 -31.78 -26.68 -74.83
C SER D 287 -31.20 -27.69 -75.80
N THR D 288 -31.67 -27.65 -77.05
CA THR D 288 -31.18 -28.48 -78.18
C THR D 288 -30.28 -27.65 -79.10
N ASP D 289 -30.09 -26.35 -78.83
CA ASP D 289 -29.32 -25.43 -79.71
C ASP D 289 -28.01 -25.01 -79.05
N GLY D 290 -27.49 -25.78 -78.09
CA GLY D 290 -26.17 -25.54 -77.48
C GLY D 290 -26.23 -24.65 -76.24
N GLY D 291 -27.41 -24.34 -75.73
CA GLY D 291 -27.60 -23.61 -74.45
C GLY D 291 -27.95 -22.14 -74.63
N TYR D 292 -28.49 -21.76 -75.79
CA TYR D 292 -28.87 -20.35 -76.08
C TYR D 292 -30.36 -20.15 -75.83
N ASN D 293 -31.18 -21.15 -76.16
CA ASN D 293 -32.66 -21.08 -76.02
C ASN D 293 -33.11 -22.31 -75.23
N PHE D 294 -33.98 -22.12 -74.24
CA PHE D 294 -34.39 -23.21 -73.31
C PHE D 294 -35.91 -23.40 -73.38
N THR D 295 -36.32 -24.65 -73.40
CA THR D 295 -37.74 -25.04 -73.36
C THR D 295 -38.04 -25.54 -71.96
N PRO D 296 -39.06 -24.99 -71.28
CA PRO D 296 -39.46 -25.47 -69.97
C PRO D 296 -39.99 -26.91 -70.05
N TYR D 297 -39.64 -27.73 -69.06
CA TYR D 297 -40.16 -29.11 -68.89
C TYR D 297 -41.67 -29.04 -68.66
N GLU D 298 -42.43 -29.90 -69.36
CA GLU D 298 -43.91 -29.88 -69.36
C GLU D 298 -44.49 -30.17 -67.98
N ASN D 299 -43.79 -30.90 -67.10
CA ASN D 299 -44.34 -31.33 -65.79
C ASN D 299 -43.60 -30.66 -64.64
N ASN D 300 -43.13 -29.42 -64.85
CA ASN D 300 -42.61 -28.55 -63.77
C ASN D 300 -43.74 -28.19 -62.81
N PRO D 301 -43.44 -27.90 -61.52
CA PRO D 301 -42.09 -28.03 -60.97
C PRO D 301 -41.73 -29.48 -60.64
N VAL D 302 -40.44 -29.77 -60.49
CA VAL D 302 -39.93 -31.15 -60.24
C VAL D 302 -39.72 -31.35 -58.73
N LEU D 303 -39.59 -30.27 -57.94
CA LEU D 303 -39.29 -30.44 -56.49
C LEU D 303 -39.82 -29.23 -55.71
N SER D 304 -40.59 -29.51 -54.66
CA SER D 304 -41.10 -28.48 -53.72
C SER D 304 -41.16 -29.09 -52.32
N VAL D 305 -41.04 -28.23 -51.30
CA VAL D 305 -41.24 -28.61 -49.87
C VAL D 305 -42.30 -27.70 -49.26
N GLY D 306 -43.06 -26.98 -50.09
CA GLY D 306 -44.06 -25.98 -49.66
C GLY D 306 -43.42 -24.86 -48.87
N SER D 307 -42.23 -24.41 -49.27
CA SER D 307 -41.43 -23.35 -48.60
C SER D 307 -41.13 -22.20 -49.58
N ASN D 308 -40.87 -21.00 -49.05
CA ASN D 308 -40.31 -19.86 -49.84
C ASN D 308 -38.83 -19.68 -49.48
N GLN D 309 -38.18 -20.72 -48.95
CA GLN D 309 -36.73 -20.71 -48.61
C GLN D 309 -36.13 -22.07 -49.00
N PHE D 310 -36.07 -22.32 -50.30
CA PHE D 310 -35.70 -23.65 -50.87
C PHE D 310 -35.11 -23.39 -52.26
N ARG D 311 -33.78 -23.27 -52.41
CA ARG D 311 -33.26 -22.73 -53.68
C ARG D 311 -31.81 -23.10 -53.98
N ASP D 312 -31.42 -22.83 -55.24
CA ASP D 312 -30.02 -22.86 -55.75
C ASP D 312 -29.56 -24.29 -55.98
N PRO D 313 -30.31 -25.08 -56.79
CA PRO D 313 -29.96 -26.47 -57.07
C PRO D 313 -28.65 -26.58 -57.88
N LYS D 314 -27.71 -27.37 -57.38
CA LYS D 314 -26.44 -27.66 -58.10
C LYS D 314 -26.45 -29.15 -58.43
N VAL D 315 -26.46 -29.46 -59.73
CA VAL D 315 -26.68 -30.85 -60.21
C VAL D 315 -25.39 -31.36 -60.84
N PHE D 316 -25.08 -32.65 -60.64
CA PHE D 316 -23.89 -33.29 -61.24
C PHE D 316 -24.10 -34.79 -61.30
N TRP D 317 -23.33 -35.46 -62.16
CA TRP D 317 -23.35 -36.93 -62.36
C TRP D 317 -22.39 -37.59 -61.37
N TYR D 318 -22.87 -38.62 -60.68
CA TYR D 318 -22.03 -39.47 -59.78
C TYR D 318 -22.24 -40.93 -60.18
N GLU D 319 -21.34 -41.46 -61.00
CA GLU D 319 -21.22 -42.91 -61.34
C GLU D 319 -22.41 -43.35 -62.21
N ASP D 320 -23.60 -43.51 -61.60
CA ASP D 320 -24.79 -44.12 -62.24
C ASP D 320 -26.04 -43.30 -61.96
N HIS D 321 -25.93 -42.09 -61.42
CA HIS D 321 -27.13 -41.25 -61.12
C HIS D 321 -26.76 -39.78 -61.07
N TRP D 322 -27.78 -38.93 -61.20
CA TRP D 322 -27.68 -37.47 -60.98
C TRP D 322 -27.81 -37.18 -59.49
N VAL D 323 -27.07 -36.19 -59.00
CA VAL D 323 -27.14 -35.68 -57.60
C VAL D 323 -27.51 -34.20 -57.67
N MET D 324 -28.39 -33.76 -56.78
CA MET D 324 -28.73 -32.33 -56.60
C MET D 324 -28.39 -31.94 -55.15
N ALA D 325 -27.60 -30.89 -54.96
CA ALA D 325 -27.42 -30.18 -53.68
C ALA D 325 -28.26 -28.91 -53.74
N VAL D 326 -29.16 -28.72 -52.77
CA VAL D 326 -30.09 -27.56 -52.79
C VAL D 326 -30.27 -27.05 -51.37
N ALA D 327 -30.44 -25.74 -51.19
CA ALA D 327 -30.43 -25.10 -49.86
C ALA D 327 -31.86 -24.96 -49.30
N ALA D 328 -32.13 -25.57 -48.16
CA ALA D 328 -33.24 -25.18 -47.26
C ALA D 328 -32.70 -24.00 -46.46
N ALA D 329 -32.70 -22.83 -47.10
CA ALA D 329 -31.77 -21.70 -46.84
C ALA D 329 -31.85 -21.26 -45.38
N ASN D 330 -33.06 -21.06 -44.85
CA ASN D 330 -33.24 -20.47 -43.49
C ASN D 330 -33.25 -21.57 -42.42
N ASP D 331 -33.10 -22.83 -42.82
CA ASP D 331 -32.94 -23.99 -41.91
C ASP D 331 -31.46 -24.36 -41.80
N PHE D 332 -30.58 -23.66 -42.50
CA PHE D 332 -29.12 -23.95 -42.53
C PHE D 332 -28.91 -25.44 -42.84
N THR D 333 -29.57 -25.92 -43.89
CA THR D 333 -29.50 -27.32 -44.34
C THR D 333 -29.28 -27.36 -45.86
N ILE D 334 -28.29 -28.14 -46.29
CA ILE D 334 -28.16 -28.55 -47.71
C ILE D 334 -28.82 -29.92 -47.83
N GLU D 335 -29.87 -30.00 -48.65
CA GLU D 335 -30.56 -31.26 -48.95
C GLU D 335 -29.92 -31.86 -50.20
N ILE D 336 -29.65 -33.17 -50.16
CA ILE D 336 -29.14 -33.93 -51.32
C ILE D 336 -30.25 -34.83 -51.83
N TYR D 337 -30.52 -34.75 -53.13
CA TYR D 337 -31.51 -35.58 -53.87
C TYR D 337 -30.77 -36.34 -54.97
N THR D 338 -31.34 -37.47 -55.41
CA THR D 338 -30.79 -38.29 -56.52
C THR D 338 -31.88 -38.50 -57.58
N SER D 339 -31.46 -38.73 -58.82
CA SER D 339 -32.37 -38.89 -59.98
C SER D 339 -31.68 -39.70 -61.08
N PRO D 340 -32.39 -40.63 -61.73
CA PRO D 340 -31.87 -41.27 -62.94
C PRO D 340 -31.97 -40.40 -64.21
N ASN D 341 -32.86 -39.38 -64.22
CA ASN D 341 -33.26 -38.69 -65.46
C ASN D 341 -33.43 -37.16 -65.32
N LEU D 342 -33.07 -36.57 -64.19
CA LEU D 342 -33.09 -35.10 -63.92
C LEU D 342 -34.49 -34.54 -63.67
N THR D 343 -35.55 -35.33 -63.83
CA THR D 343 -36.94 -34.85 -63.59
C THR D 343 -37.54 -35.54 -62.35
N SER D 344 -37.24 -36.82 -62.11
CA SER D 344 -37.75 -37.62 -60.95
C SER D 344 -36.69 -37.64 -59.84
N TRP D 345 -36.91 -36.86 -58.78
CA TRP D 345 -35.94 -36.68 -57.68
C TRP D 345 -36.41 -37.44 -56.43
N THR D 346 -35.46 -38.05 -55.73
CA THR D 346 -35.67 -38.79 -54.45
C THR D 346 -34.75 -38.20 -53.39
N PHE D 347 -35.29 -37.91 -52.21
CA PHE D 347 -34.50 -37.36 -51.07
C PHE D 347 -33.43 -38.39 -50.70
N ALA D 348 -32.19 -37.95 -50.49
CA ALA D 348 -31.07 -38.82 -50.06
C ALA D 348 -30.65 -38.48 -48.63
N SER D 349 -30.27 -37.22 -48.35
CA SER D 349 -29.66 -36.87 -47.04
C SER D 349 -29.65 -35.35 -46.80
N ASN D 350 -29.45 -34.99 -45.54
CA ASN D 350 -29.30 -33.60 -45.06
C ASN D 350 -27.89 -33.36 -44.52
N PHE D 351 -27.35 -32.18 -44.79
CA PHE D 351 -26.12 -31.61 -44.19
C PHE D 351 -26.53 -30.31 -43.48
N THR D 352 -26.63 -30.31 -42.14
CA THR D 352 -27.28 -29.19 -41.39
C THR D 352 -26.36 -28.59 -40.31
N HIS D 353 -26.45 -27.27 -40.13
CA HIS D 353 -25.83 -26.53 -39.00
C HIS D 353 -24.32 -26.84 -38.94
N HIS D 354 -23.64 -26.70 -40.08
CA HIS D 354 -22.16 -26.80 -40.17
C HIS D 354 -21.56 -25.41 -40.39
N GLY D 355 -20.39 -25.18 -39.80
CA GLY D 355 -19.62 -23.93 -39.96
C GLY D 355 -20.41 -22.71 -39.51
N LEU D 356 -20.17 -21.57 -40.15
CA LEU D 356 -20.89 -20.32 -39.83
C LEU D 356 -22.30 -20.41 -40.42
N LEU D 357 -23.31 -20.04 -39.64
CA LEU D 357 -24.71 -20.10 -40.11
C LEU D 357 -25.00 -18.86 -40.96
N GLY D 358 -24.50 -17.69 -40.56
CA GLY D 358 -25.01 -16.38 -41.01
C GLY D 358 -26.53 -16.37 -40.87
N LEU D 359 -27.25 -15.83 -41.85
CA LEU D 359 -28.74 -15.74 -41.81
C LEU D 359 -29.39 -16.72 -42.78
N ALA D 360 -28.60 -17.37 -43.64
CA ALA D 360 -29.10 -18.33 -44.66
C ALA D 360 -27.92 -19.05 -45.35
N TYR D 361 -28.13 -20.31 -45.70
CA TYR D 361 -27.30 -21.09 -46.65
C TYR D 361 -27.79 -20.81 -48.08
N GLU D 362 -26.87 -20.55 -49.00
CA GLU D 362 -27.18 -20.28 -50.43
C GLU D 362 -26.15 -20.96 -51.33
N CYS D 363 -26.52 -21.19 -52.59
CA CYS D 363 -25.60 -21.56 -53.69
C CYS D 363 -24.65 -22.67 -53.28
N PRO D 364 -25.18 -23.82 -52.78
CA PRO D 364 -24.33 -24.95 -52.42
C PRO D 364 -23.66 -25.54 -53.67
N ASN D 365 -22.37 -25.85 -53.54
CA ASN D 365 -21.62 -26.62 -54.57
C ASN D 365 -20.97 -27.83 -53.88
N LEU D 366 -21.25 -29.03 -54.39
CA LEU D 366 -20.62 -30.28 -53.93
C LEU D 366 -19.75 -30.81 -55.07
N VAL D 367 -18.44 -30.71 -54.92
CA VAL D 367 -17.47 -30.88 -56.03
C VAL D 367 -16.26 -31.69 -55.56
N GLN D 368 -15.68 -32.43 -56.49
CA GLN D 368 -14.44 -33.22 -56.29
C GLN D 368 -13.27 -32.33 -56.70
N VAL D 369 -12.38 -32.00 -55.77
CA VAL D 369 -11.27 -31.03 -56.00
C VAL D 369 -9.95 -31.78 -55.87
N PRO D 370 -9.06 -31.70 -56.89
CA PRO D 370 -7.77 -32.39 -56.84
C PRO D 370 -6.77 -31.72 -55.90
N PHE D 371 -5.81 -32.49 -55.38
CA PHE D 371 -4.71 -32.01 -54.50
C PHE D 371 -3.71 -31.22 -55.36
N GLN D 372 -3.22 -30.09 -54.88
CA GLN D 372 -2.29 -29.19 -55.62
C GLN D 372 -0.99 -29.96 -55.94
N ASP D 373 -0.51 -30.75 -54.98
CA ASP D 373 0.83 -31.38 -55.01
C ASP D 373 0.73 -32.81 -55.55
N ASP D 374 -0.46 -33.29 -55.93
CA ASP D 374 -0.67 -34.65 -56.48
C ASP D 374 -1.99 -34.73 -57.24
N PRO D 375 -1.99 -34.45 -58.56
CA PRO D 375 -3.20 -34.54 -59.39
C PRO D 375 -4.01 -35.85 -59.33
N SER D 376 -3.37 -36.96 -58.96
CA SER D 376 -4.00 -38.31 -58.90
C SER D 376 -4.89 -38.45 -57.67
N LYS D 377 -4.76 -37.55 -56.70
CA LYS D 377 -5.56 -37.54 -55.44
C LYS D 377 -6.56 -36.37 -55.46
N SER D 378 -7.68 -36.56 -54.78
CA SER D 378 -8.75 -35.53 -54.67
C SER D 378 -9.55 -35.78 -53.39
N ALA D 379 -10.34 -34.80 -52.98
CA ALA D 379 -11.36 -34.97 -51.94
C ALA D 379 -12.62 -34.21 -52.34
N TRP D 380 -13.75 -34.62 -51.80
CA TRP D 380 -15.03 -33.90 -51.97
C TRP D 380 -15.02 -32.66 -51.10
N LEU D 381 -15.68 -31.61 -51.59
CA LEU D 381 -15.78 -30.30 -50.91
C LEU D 381 -17.22 -29.84 -51.02
N MET D 382 -17.84 -29.51 -49.90
CA MET D 382 -19.13 -28.76 -49.85
C MET D 382 -18.80 -27.28 -49.69
N TYR D 383 -19.12 -26.46 -50.70
CA TYR D 383 -18.96 -24.99 -50.65
C TYR D 383 -20.34 -24.40 -50.40
N ILE D 384 -20.46 -23.54 -49.39
CA ILE D 384 -21.76 -22.89 -49.05
C ILE D 384 -21.52 -21.38 -48.93
N SER D 385 -22.37 -20.60 -49.60
CA SER D 385 -22.43 -19.13 -49.49
C SER D 385 -23.44 -18.78 -48.38
N ILE D 386 -23.11 -17.82 -47.52
CA ILE D 386 -24.05 -17.36 -46.46
C ILE D 386 -24.27 -15.87 -46.59
N ASN D 387 -25.51 -15.43 -46.37
CA ASN D 387 -25.88 -14.00 -46.42
C ASN D 387 -27.29 -13.80 -45.88
N PRO D 388 -27.52 -12.72 -45.09
CA PRO D 388 -26.45 -11.97 -44.45
C PRO D 388 -25.74 -12.76 -43.32
N GLY D 389 -25.02 -12.05 -42.45
CA GLY D 389 -24.50 -12.62 -41.18
C GLY D 389 -23.04 -13.02 -41.24
N ALA D 390 -22.34 -12.77 -42.36
CA ALA D 390 -20.88 -13.06 -42.48
C ALA D 390 -20.11 -12.22 -41.46
N PRO D 391 -18.97 -12.73 -40.94
CA PRO D 391 -18.19 -12.00 -39.94
C PRO D 391 -17.81 -10.56 -40.33
N LEU D 392 -17.35 -10.33 -41.56
CA LEU D 392 -16.99 -8.97 -42.08
C LEU D 392 -18.25 -8.16 -42.42
N GLY D 393 -19.43 -8.79 -42.33
CA GLY D 393 -20.71 -8.16 -42.70
C GLY D 393 -21.21 -8.70 -44.03
N GLY D 394 -22.51 -8.96 -44.12
CA GLY D 394 -23.17 -9.37 -45.37
C GLY D 394 -22.84 -10.79 -45.77
N SER D 395 -22.22 -10.95 -46.94
CA SER D 395 -22.11 -12.22 -47.70
C SER D 395 -20.67 -12.75 -47.65
N VAL D 396 -20.52 -14.07 -47.61
CA VAL D 396 -19.18 -14.73 -47.66
C VAL D 396 -19.35 -16.20 -48.03
N GLY D 397 -18.30 -16.79 -48.62
CA GLY D 397 -18.24 -18.21 -48.96
C GLY D 397 -17.43 -18.97 -47.92
N GLN D 398 -17.84 -20.19 -47.62
CA GLN D 398 -17.11 -21.10 -46.71
C GLN D 398 -17.14 -22.50 -47.31
N TYR D 399 -16.33 -23.41 -46.79
CA TYR D 399 -16.21 -24.77 -47.39
C TYR D 399 -15.89 -25.80 -46.30
N PHE D 400 -16.14 -27.04 -46.66
CA PHE D 400 -15.99 -28.25 -45.80
C PHE D 400 -15.38 -29.34 -46.65
N PRO D 401 -14.10 -29.75 -46.41
CA PRO D 401 -13.56 -30.94 -47.04
C PRO D 401 -14.16 -32.20 -46.40
N GLY D 402 -14.45 -33.22 -47.22
CA GLY D 402 -15.07 -34.45 -46.70
C GLY D 402 -15.20 -35.54 -47.73
N ASP D 403 -16.02 -36.53 -47.39
CA ASP D 403 -16.29 -37.75 -48.18
C ASP D 403 -17.71 -37.65 -48.75
N PHE D 404 -17.89 -37.97 -50.02
CA PHE D 404 -19.22 -38.13 -50.67
C PHE D 404 -19.28 -39.51 -51.32
N ASN D 405 -20.38 -40.24 -51.11
CA ASN D 405 -20.52 -41.65 -51.55
C ASN D 405 -21.72 -41.79 -52.50
N GLY D 406 -22.23 -40.68 -53.05
CA GLY D 406 -23.36 -40.67 -54.00
C GLY D 406 -24.68 -40.30 -53.35
N THR D 407 -24.82 -40.46 -52.03
CA THR D 407 -26.05 -40.14 -51.26
C THR D 407 -25.75 -39.19 -50.10
N HIS D 408 -24.61 -39.35 -49.43
CA HIS D 408 -24.27 -38.67 -48.15
C HIS D 408 -22.91 -37.97 -48.23
N PHE D 409 -22.85 -36.70 -47.84
CA PHE D 409 -21.58 -35.96 -47.60
C PHE D 409 -21.31 -35.93 -46.10
N VAL D 410 -20.09 -36.31 -45.71
CA VAL D 410 -19.62 -36.29 -44.29
C VAL D 410 -18.32 -35.50 -44.25
N ALA D 411 -18.34 -34.36 -43.57
CA ALA D 411 -17.16 -33.48 -43.35
C ALA D 411 -16.12 -34.24 -42.53
N TYR D 412 -14.83 -34.01 -42.81
CA TYR D 412 -13.71 -34.70 -42.11
C TYR D 412 -13.62 -34.26 -40.65
N ASP D 413 -14.06 -33.04 -40.33
CA ASP D 413 -14.06 -32.51 -38.93
C ASP D 413 -15.19 -31.49 -38.79
N SER D 414 -15.25 -30.80 -37.64
CA SER D 414 -16.33 -29.85 -37.28
C SER D 414 -15.85 -28.40 -37.47
N ALA D 415 -14.76 -28.18 -38.21
CA ALA D 415 -14.17 -26.84 -38.38
C ALA D 415 -14.98 -26.03 -39.41
N ALA D 416 -14.94 -24.71 -39.27
CA ALA D 416 -15.42 -23.69 -40.23
C ALA D 416 -14.22 -23.10 -40.95
N ARG D 417 -14.29 -22.97 -42.27
CA ARG D 417 -13.16 -22.46 -43.10
C ARG D 417 -13.71 -21.45 -44.12
N ILE D 418 -13.24 -20.20 -44.05
CA ILE D 418 -13.64 -19.09 -44.96
C ILE D 418 -12.72 -19.09 -46.18
N ALA D 419 -13.30 -18.94 -47.37
CA ALA D 419 -12.64 -19.17 -48.68
C ALA D 419 -11.78 -17.96 -49.09
N ASP D 420 -12.17 -16.76 -48.68
CA ASP D 420 -11.61 -15.47 -49.17
C ASP D 420 -11.51 -14.55 -47.96
N PHE D 421 -10.38 -13.87 -47.74
CA PHE D 421 -10.18 -13.07 -46.51
C PHE D 421 -10.63 -11.61 -46.67
N ALA D 422 -11.24 -11.22 -47.79
CA ALA D 422 -11.91 -9.92 -47.90
C ALA D 422 -13.43 -10.12 -48.01
N LYS D 423 -14.15 -9.14 -48.55
CA LYS D 423 -15.62 -9.01 -48.40
C LYS D 423 -16.35 -9.24 -49.73
N ASP D 424 -15.65 -9.31 -50.87
CA ASP D 424 -16.26 -9.17 -52.21
C ASP D 424 -16.09 -10.44 -53.03
N ASN D 425 -16.39 -11.60 -52.45
CA ASN D 425 -16.38 -12.91 -53.17
C ASN D 425 -17.56 -13.74 -52.68
N TYR D 426 -18.53 -13.99 -53.54
CA TYR D 426 -19.80 -14.64 -53.14
C TYR D 426 -20.36 -15.50 -54.27
N ALA D 427 -21.11 -16.53 -53.88
CA ALA D 427 -21.93 -17.36 -54.79
C ALA D 427 -21.05 -18.05 -55.85
N SER D 428 -19.83 -18.44 -55.48
CA SER D 428 -18.95 -19.26 -56.34
C SER D 428 -19.78 -20.41 -56.92
N GLN D 429 -19.68 -20.64 -58.23
CA GLN D 429 -20.20 -21.88 -58.85
C GLN D 429 -19.08 -22.55 -59.66
N TRP D 430 -19.05 -23.88 -59.62
CA TRP D 430 -18.08 -24.71 -60.39
C TRP D 430 -18.67 -25.04 -61.76
N PHE D 431 -17.84 -24.98 -62.80
CA PHE D 431 -18.21 -25.35 -64.19
C PHE D 431 -18.36 -26.86 -64.26
N ALA D 432 -19.51 -27.31 -64.77
CA ALA D 432 -19.79 -28.73 -65.12
C ALA D 432 -19.04 -29.09 -66.41
N ASP D 433 -18.68 -30.37 -66.56
CA ASP D 433 -18.20 -30.94 -67.85
C ASP D 433 -16.87 -30.27 -68.26
N THR D 434 -16.01 -29.95 -67.30
CA THR D 434 -14.63 -29.44 -67.59
C THR D 434 -13.81 -30.63 -68.12
N GLU D 435 -12.76 -30.34 -68.89
CA GLU D 435 -11.87 -31.38 -69.45
C GLU D 435 -10.72 -31.62 -68.46
N ASN D 436 -10.18 -32.84 -68.46
CA ASN D 436 -9.16 -33.29 -67.49
C ASN D 436 -9.79 -33.19 -66.10
N GLY D 437 -8.99 -33.27 -65.04
CA GLY D 437 -9.48 -33.03 -63.67
C GLY D 437 -9.31 -31.57 -63.29
N GLU D 438 -9.70 -30.64 -64.16
CA GLU D 438 -9.64 -29.19 -63.87
C GLU D 438 -10.86 -28.82 -63.02
N SER D 439 -10.61 -28.35 -61.80
CA SER D 439 -11.63 -27.72 -60.93
C SER D 439 -11.65 -26.22 -61.27
N ILE D 440 -12.69 -25.78 -61.98
CA ILE D 440 -12.81 -24.38 -62.47
C ILE D 440 -14.08 -23.77 -61.87
N SER D 441 -13.95 -22.59 -61.28
CA SER D 441 -15.06 -21.88 -60.60
C SER D 441 -14.99 -20.40 -60.95
N ILE D 442 -16.07 -19.69 -60.68
CA ILE D 442 -16.17 -18.22 -60.81
C ILE D 442 -17.16 -17.74 -59.76
N ALA D 443 -16.92 -16.56 -59.20
CA ALA D 443 -17.76 -15.97 -58.13
C ALA D 443 -18.29 -14.63 -58.62
N TRP D 444 -19.30 -14.13 -57.92
CA TRP D 444 -19.78 -12.73 -58.00
C TRP D 444 -18.89 -11.87 -57.09
N ALA D 445 -18.21 -10.88 -57.67
CA ALA D 445 -17.19 -10.07 -56.95
C ALA D 445 -17.87 -8.85 -56.33
N SER D 446 -18.74 -9.09 -55.34
CA SER D 446 -19.47 -8.03 -54.62
C SER D 446 -19.92 -8.54 -53.25
N ASN D 447 -20.66 -7.70 -52.54
CA ASN D 447 -21.20 -7.98 -51.20
C ASN D 447 -22.63 -7.44 -51.14
N TRP D 448 -23.58 -8.23 -50.65
CA TRP D 448 -25.01 -7.84 -50.60
C TRP D 448 -25.23 -6.57 -49.77
N GLN D 449 -24.31 -6.19 -48.88
CA GLN D 449 -24.52 -4.98 -48.05
C GLN D 449 -24.42 -3.70 -48.90
N TYR D 450 -23.68 -3.69 -50.01
CA TYR D 450 -23.51 -2.44 -50.80
C TYR D 450 -23.60 -2.67 -52.32
N THR D 451 -23.82 -3.89 -52.81
CA THR D 451 -23.79 -4.21 -54.27
C THR D 451 -24.79 -3.32 -55.02
N GLN D 452 -25.91 -2.95 -54.41
CA GLN D 452 -27.01 -2.20 -55.06
C GLN D 452 -26.77 -0.69 -54.96
N GLN D 453 -25.67 -0.26 -54.33
CA GLN D 453 -25.39 1.17 -54.03
C GLN D 453 -24.05 1.60 -54.64
N VAL D 454 -23.27 0.68 -55.22
CA VAL D 454 -21.91 0.98 -55.76
C VAL D 454 -22.05 1.99 -56.91
N PRO D 455 -21.07 2.93 -57.06
CA PRO D 455 -21.19 4.04 -58.02
C PRO D 455 -20.77 3.70 -59.46
N THR D 456 -21.37 2.66 -60.06
CA THR D 456 -21.03 2.18 -61.42
C THR D 456 -22.24 2.28 -62.36
N SER D 457 -23.41 2.68 -61.84
CA SER D 457 -24.68 2.73 -62.61
C SER D 457 -24.54 3.74 -63.76
N ALA D 458 -23.83 4.84 -63.53
CA ALA D 458 -23.57 5.88 -64.56
C ALA D 458 -22.65 5.33 -65.65
N GLN D 459 -21.96 4.22 -65.41
CA GLN D 459 -21.10 3.54 -66.42
C GLN D 459 -21.84 2.32 -66.97
N ALA D 460 -23.17 2.26 -66.80
CA ALA D 460 -24.08 1.31 -67.47
C ALA D 460 -24.02 -0.10 -66.87
N PHE D 461 -23.63 -0.27 -65.60
CA PHE D 461 -23.62 -1.63 -65.00
C PHE D 461 -23.53 -1.59 -63.48
N ARG D 462 -24.01 -2.67 -62.87
CA ARG D 462 -23.75 -3.00 -61.44
C ARG D 462 -23.37 -4.47 -61.36
N SER D 463 -22.15 -4.73 -60.90
CA SER D 463 -21.60 -6.04 -60.50
C SER D 463 -20.71 -6.61 -61.60
N ALA D 464 -19.63 -7.25 -61.19
CA ALA D 464 -18.73 -8.03 -62.06
C ALA D 464 -18.47 -9.38 -61.41
N MET D 465 -18.05 -10.36 -62.22
CA MET D 465 -17.57 -11.67 -61.71
C MET D 465 -16.13 -11.49 -61.25
N SER D 466 -15.67 -12.39 -60.38
CA SER D 466 -14.24 -12.56 -60.03
C SER D 466 -13.48 -12.98 -61.28
N LEU D 467 -12.15 -12.98 -61.24
CA LEU D 467 -11.35 -13.77 -62.21
C LEU D 467 -11.82 -15.21 -62.14
N PRO D 468 -11.85 -15.93 -63.28
CA PRO D 468 -12.11 -17.36 -63.27
C PRO D 468 -10.98 -18.02 -62.49
N ARG D 469 -11.29 -19.09 -61.74
CA ARG D 469 -10.34 -19.68 -60.77
C ARG D 469 -10.08 -21.13 -61.13
N ARG D 470 -8.82 -21.51 -60.97
CA ARG D 470 -8.36 -22.92 -60.88
C ARG D 470 -8.32 -23.26 -59.39
N ASN D 471 -8.97 -24.34 -58.97
CA ASN D 471 -9.09 -24.73 -57.54
C ASN D 471 -8.30 -26.02 -57.29
N TYR D 472 -7.70 -26.10 -56.10
CA TYR D 472 -7.06 -27.31 -55.57
C TYR D 472 -7.34 -27.40 -54.07
N LEU D 473 -7.10 -28.56 -53.49
CA LEU D 473 -6.98 -28.72 -52.02
C LEU D 473 -5.50 -28.95 -51.66
N THR D 474 -5.05 -28.38 -50.56
CA THR D 474 -3.70 -28.63 -50.00
C THR D 474 -3.78 -28.59 -48.47
N ASN D 475 -2.74 -29.10 -47.81
CA ASN D 475 -2.51 -28.91 -46.36
C ASN D 475 -1.51 -27.77 -46.20
N ILE D 476 -1.88 -26.73 -45.46
CA ILE D 476 -0.95 -25.62 -45.11
C ILE D 476 -0.46 -25.88 -43.68
N THR D 477 0.69 -25.29 -43.33
CA THR D 477 1.36 -25.52 -42.02
C THR D 477 0.38 -25.21 -40.89
N ARG D 478 0.20 -26.18 -39.98
CA ARG D 478 -0.57 -26.07 -38.71
C ARG D 478 -2.08 -26.17 -38.99
N LEU D 479 -2.61 -25.28 -39.84
CA LEU D 479 -4.08 -25.13 -40.08
C LEU D 479 -4.61 -26.37 -40.80
N GLY D 480 -3.78 -27.02 -41.63
CA GLY D 480 -4.16 -28.24 -42.36
C GLY D 480 -4.96 -27.88 -43.62
N TRP D 481 -6.17 -28.43 -43.74
CA TRP D 481 -7.00 -28.34 -44.98
C TRP D 481 -7.12 -26.91 -45.47
N ASP D 482 -6.97 -26.69 -46.77
CA ASP D 482 -7.05 -25.35 -47.38
C ASP D 482 -7.57 -25.48 -48.82
N LEU D 483 -8.55 -24.63 -49.16
CA LEU D 483 -9.02 -24.48 -50.55
C LEU D 483 -8.11 -23.48 -51.26
N VAL D 484 -7.34 -23.97 -52.22
CA VAL D 484 -6.46 -23.16 -53.11
C VAL D 484 -7.32 -22.55 -54.22
N SER D 485 -7.08 -21.28 -54.51
CA SER D 485 -7.69 -20.55 -55.64
C SER D 485 -6.57 -19.79 -56.37
N LEU D 486 -6.43 -20.01 -57.68
CA LEU D 486 -5.48 -19.28 -58.56
C LEU D 486 -6.22 -18.78 -59.79
N PRO D 487 -5.80 -17.65 -60.38
CA PRO D 487 -6.43 -17.18 -61.62
C PRO D 487 -6.27 -18.26 -62.68
N TYR D 488 -7.35 -18.60 -63.39
CA TYR D 488 -7.29 -19.49 -64.56
C TYR D 488 -6.34 -18.87 -65.59
N ASP D 489 -5.57 -19.71 -66.29
CA ASP D 489 -4.53 -19.33 -67.29
C ASP D 489 -4.78 -17.93 -67.83
N LEU D 490 -3.99 -16.94 -67.38
CA LEU D 490 -4.11 -15.52 -67.78
C LEU D 490 -3.37 -15.23 -69.09
N SER D 491 -2.65 -16.20 -69.67
CA SER D 491 -1.76 -15.98 -70.84
C SER D 491 -2.50 -15.27 -71.98
N PRO D 492 -3.81 -15.52 -72.25
CA PRO D 492 -4.51 -14.82 -73.33
C PRO D 492 -4.70 -13.30 -73.15
N VAL D 493 -4.48 -12.76 -71.94
CA VAL D 493 -4.71 -11.30 -71.68
C VAL D 493 -3.40 -10.63 -71.22
N VAL D 494 -2.30 -11.37 -71.06
CA VAL D 494 -1.00 -10.83 -70.55
C VAL D 494 -0.31 -10.08 -71.70
N GLY D 495 -0.13 -8.76 -71.52
CA GLY D 495 0.55 -7.86 -72.47
C GLY D 495 2.04 -7.75 -72.19
N PRO D 496 2.72 -6.70 -72.71
CA PRO D 496 4.16 -6.56 -72.56
C PRO D 496 4.60 -6.28 -71.12
N SER D 497 5.82 -6.69 -70.77
CA SER D 497 6.47 -6.45 -69.45
C SER D 497 6.52 -4.95 -69.18
N LEU D 498 6.14 -4.53 -67.96
CA LEU D 498 6.28 -3.14 -67.46
C LEU D 498 7.48 -3.06 -66.52
N LEU D 499 7.87 -4.18 -65.89
CA LEU D 499 9.05 -4.23 -65.00
C LEU D 499 9.46 -5.68 -64.74
N SER D 500 10.78 -5.92 -64.72
CA SER D 500 11.42 -7.18 -64.26
C SER D 500 12.59 -6.78 -63.34
N SER D 501 12.54 -7.16 -62.06
CA SER D 501 13.52 -6.71 -61.04
C SER D 501 13.87 -7.83 -60.07
N SER D 502 15.08 -7.77 -59.52
CA SER D 502 15.56 -8.61 -58.39
C SER D 502 16.23 -7.71 -57.35
N GLU D 503 15.81 -6.45 -57.29
CA GLU D 503 16.33 -5.41 -56.36
C GLU D 503 15.65 -5.57 -54.99
N ALA D 504 16.44 -5.93 -53.97
CA ALA D 504 15.99 -6.07 -52.56
C ALA D 504 16.21 -4.73 -51.83
N ASN D 505 15.42 -4.48 -50.78
CA ASN D 505 15.48 -3.24 -49.94
C ASN D 505 15.29 -1.99 -50.80
N SER D 506 14.43 -2.06 -51.81
CA SER D 506 14.18 -0.96 -52.77
C SER D 506 12.68 -0.73 -52.93
N THR D 507 12.30 0.41 -53.52
CA THR D 507 10.94 0.68 -54.03
C THR D 507 11.00 0.68 -55.56
N ALA D 508 10.36 -0.31 -56.20
CA ALA D 508 10.11 -0.34 -57.66
C ALA D 508 8.85 0.47 -57.96
N ASP D 509 8.98 1.52 -58.78
CA ASP D 509 7.87 2.41 -59.18
C ASP D 509 7.46 2.05 -60.61
N VAL D 510 6.24 1.56 -60.81
CA VAL D 510 5.73 1.11 -62.14
C VAL D 510 4.59 2.04 -62.54
N ASP D 511 4.81 2.90 -63.54
CA ASP D 511 3.74 3.75 -64.14
C ASP D 511 3.04 2.92 -65.21
N PHE D 512 1.70 2.90 -65.21
CA PHE D 512 0.88 2.22 -66.25
C PHE D 512 -0.28 3.12 -66.69
N THR D 513 -0.06 4.45 -66.71
CA THR D 513 -1.00 5.44 -67.28
C THR D 513 -1.17 5.22 -68.79
N ASN D 514 -0.18 4.64 -69.47
CA ASN D 514 -0.18 4.39 -70.94
C ASN D 514 -0.59 2.93 -71.24
N VAL D 515 -1.01 2.17 -70.22
CA VAL D 515 -1.69 0.85 -70.39
C VAL D 515 -3.20 1.13 -70.45
N THR D 516 -3.77 1.11 -71.66
CA THR D 516 -5.16 1.58 -71.95
C THR D 516 -6.18 0.76 -71.14
N SER D 517 -5.93 -0.53 -70.91
CA SER D 517 -6.78 -1.41 -70.06
C SER D 517 -6.94 -0.81 -68.66
N ASN D 518 -5.87 -0.21 -68.12
CA ASN D 518 -5.81 0.23 -66.71
C ASN D 518 -5.90 -1.03 -65.83
N ALA D 519 -5.27 -2.12 -66.29
CA ALA D 519 -5.25 -3.44 -65.63
C ALA D 519 -3.84 -4.02 -65.73
N VAL D 520 -3.32 -4.51 -64.60
CA VAL D 520 -1.95 -5.10 -64.52
C VAL D 520 -1.99 -6.41 -63.74
N TRP D 521 -1.09 -7.32 -64.12
CA TRP D 521 -0.72 -8.53 -63.36
C TRP D 521 0.67 -8.31 -62.76
N PHE D 522 0.89 -8.74 -61.53
CA PHE D 522 2.23 -8.73 -60.90
C PHE D 522 2.47 -10.08 -60.21
N SER D 523 3.73 -10.48 -60.15
CA SER D 523 4.23 -11.70 -59.48
C SER D 523 5.47 -11.32 -58.67
N LEU D 524 5.48 -11.62 -57.36
CA LEU D 524 6.62 -11.38 -56.46
C LEU D 524 7.00 -12.72 -55.80
N ASN D 525 8.25 -13.16 -55.99
CA ASN D 525 8.82 -14.33 -55.28
C ASN D 525 9.86 -13.79 -54.30
N VAL D 526 9.88 -14.33 -53.07
CA VAL D 526 10.90 -14.04 -52.03
C VAL D 526 11.35 -15.38 -51.44
N THR D 527 12.65 -15.69 -51.50
CA THR D 527 13.23 -16.97 -51.02
C THR D 527 14.34 -16.65 -50.00
N LEU D 528 14.05 -16.83 -48.71
CA LEU D 528 14.99 -16.50 -47.61
C LEU D 528 16.15 -17.49 -47.61
N PRO D 529 17.28 -17.17 -46.94
CA PRO D 529 18.39 -18.10 -46.78
C PRO D 529 17.96 -19.27 -45.88
N ASP D 530 18.49 -20.47 -46.12
CA ASP D 530 18.04 -21.71 -45.43
C ASP D 530 18.26 -21.58 -43.91
N ALA D 531 19.11 -20.66 -43.45
CA ALA D 531 19.35 -20.40 -42.01
C ALA D 531 18.15 -19.66 -41.41
N ALA D 532 17.83 -18.46 -41.93
CA ALA D 532 16.70 -17.59 -41.49
C ALA D 532 15.41 -18.42 -41.41
N ILE D 533 15.18 -19.25 -42.43
CA ILE D 533 14.05 -20.24 -42.44
C ILE D 533 14.09 -21.04 -41.15
N GLN D 534 15.29 -21.52 -40.75
CA GLN D 534 15.47 -22.41 -39.59
C GLN D 534 15.43 -21.61 -38.28
N ASN D 535 15.67 -20.29 -38.32
CA ASN D 535 15.75 -19.43 -37.11
C ASN D 535 15.26 -18.01 -37.45
N ALA D 536 13.94 -17.79 -37.38
CA ALA D 536 13.29 -16.49 -37.72
C ALA D 536 13.76 -15.40 -36.75
N SER D 537 14.37 -15.81 -35.64
CA SER D 537 15.07 -14.93 -34.66
C SER D 537 16.05 -14.01 -35.39
N LEU D 538 16.66 -14.48 -36.49
CA LEU D 538 17.62 -13.68 -37.32
C LEU D 538 16.91 -12.45 -37.90
N ILE D 539 15.68 -12.64 -38.40
CA ILE D 539 14.98 -11.70 -39.32
C ILE D 539 14.64 -10.42 -38.54
N SER D 540 14.91 -9.25 -39.12
CA SER D 540 14.64 -7.94 -38.50
C SER D 540 13.13 -7.78 -38.27
N ALA D 541 12.74 -7.03 -37.24
CA ALA D 541 11.34 -6.62 -36.97
C ALA D 541 10.83 -5.78 -38.15
N ASP D 542 11.72 -5.38 -39.06
CA ASP D 542 11.44 -4.43 -40.17
C ASP D 542 11.22 -5.19 -41.48
N ALA D 543 11.54 -6.49 -41.55
CA ALA D 543 11.40 -7.29 -42.78
C ALA D 543 9.93 -7.20 -43.23
N SER D 544 9.69 -6.53 -44.35
CA SER D 544 8.33 -6.20 -44.83
C SER D 544 8.27 -6.23 -46.36
N ILE D 545 7.07 -6.38 -46.88
CA ILE D 545 6.71 -6.21 -48.33
C ILE D 545 5.56 -5.21 -48.32
N ASN D 546 5.73 -4.07 -48.99
CA ASN D 546 4.72 -3.00 -49.06
C ASN D 546 4.41 -2.69 -50.53
N ILE D 547 3.17 -2.94 -50.96
CA ILE D 547 2.68 -2.67 -52.35
C ILE D 547 1.58 -1.61 -52.25
N THR D 548 1.62 -0.58 -53.09
CA THR D 548 0.62 0.53 -53.09
C THR D 548 0.17 0.85 -54.51
N PHE D 549 -1.12 1.13 -54.69
CA PHE D 549 -1.74 1.54 -55.97
C PHE D 549 -2.10 3.01 -55.85
N LEU D 550 -1.44 3.87 -56.65
CA LEU D 550 -1.45 5.34 -56.48
C LEU D 550 -2.27 5.99 -57.58
N PRO D 551 -2.98 7.09 -57.27
CA PRO D 551 -3.83 7.77 -58.25
C PRO D 551 -2.99 8.35 -59.40
N SER D 552 -3.56 8.40 -60.61
CA SER D 552 -2.97 9.06 -61.80
C SER D 552 -3.07 10.57 -61.61
N THR D 553 -1.99 11.31 -61.93
CA THR D 553 -1.98 12.80 -61.94
C THR D 553 -2.62 13.31 -63.24
N LYS D 554 -2.67 12.46 -64.28
CA LYS D 554 -3.11 12.84 -65.65
C LYS D 554 -4.65 12.85 -65.73
N CYS D 555 -5.31 11.83 -65.19
CA CYS D 555 -6.78 11.61 -65.33
C CYS D 555 -7.53 11.91 -64.02
N SER D 556 -6.96 12.74 -63.14
CA SER D 556 -7.59 13.14 -61.86
C SER D 556 -8.73 14.13 -62.12
N SER D 563 -6.57 13.34 -51.70
CA SER D 563 -6.45 13.12 -53.17
C SER D 563 -5.26 12.22 -53.50
N ASP D 564 -4.15 12.34 -52.76
CA ASP D 564 -2.90 11.57 -52.99
C ASP D 564 -2.93 10.23 -52.27
N SER D 565 -4.00 9.92 -51.52
CA SER D 565 -4.18 8.61 -50.84
C SER D 565 -4.07 7.47 -51.85
N PRO D 566 -3.30 6.39 -51.55
CA PRO D 566 -3.38 5.17 -52.35
C PRO D 566 -4.83 4.68 -52.44
N ALA D 567 -5.19 4.08 -53.58
CA ALA D 567 -6.52 3.46 -53.83
C ALA D 567 -6.59 2.09 -53.12
N ALA D 568 -5.45 1.41 -53.02
CA ALA D 568 -5.33 0.07 -52.41
C ALA D 568 -3.90 -0.12 -51.91
N THR D 569 -3.74 -0.87 -50.83
CA THR D 569 -2.42 -1.17 -50.23
C THR D 569 -2.40 -2.64 -49.83
N LEU D 570 -1.23 -3.27 -49.93
CA LEU D 570 -0.95 -4.60 -49.33
C LEU D 570 0.34 -4.46 -48.51
N THR D 571 0.28 -4.76 -47.23
CA THR D 571 1.45 -4.73 -46.32
C THR D 571 1.59 -6.10 -45.65
N TYR D 572 2.76 -6.72 -45.75
CA TYR D 572 3.08 -8.00 -45.07
C TYR D 572 4.35 -7.84 -44.22
N PHE D 573 4.36 -8.45 -43.03
CA PHE D 573 5.49 -8.45 -42.08
C PHE D 573 5.99 -9.88 -41.88
N TYR D 574 7.29 -10.12 -42.09
CA TYR D 574 7.92 -11.46 -41.94
C TYR D 574 8.12 -11.78 -40.44
N ALA D 575 8.20 -10.75 -39.60
CA ALA D 575 8.56 -10.87 -38.17
C ALA D 575 7.92 -9.72 -37.38
N GLY D 576 8.55 -9.27 -36.29
CA GLY D 576 8.07 -8.13 -35.49
C GLY D 576 6.86 -8.48 -34.64
N LEU D 577 6.11 -7.46 -34.22
CA LEU D 577 5.01 -7.59 -33.22
C LEU D 577 3.76 -8.20 -33.88
N THR D 578 3.62 -8.09 -35.21
CA THR D 578 2.53 -8.71 -36.00
C THR D 578 3.13 -9.65 -37.04
N ASN D 579 3.90 -10.65 -36.59
CA ASN D 579 4.64 -11.59 -37.46
C ASN D 579 3.67 -12.37 -38.35
N GLY D 580 3.91 -12.37 -39.66
CA GLY D 580 3.13 -13.13 -40.65
C GLY D 580 1.84 -12.42 -41.05
N ALA D 581 1.55 -11.22 -40.51
CA ALA D 581 0.29 -10.50 -40.77
C ALA D 581 0.35 -9.84 -42.14
N LEU D 582 -0.66 -10.11 -42.99
CA LEU D 582 -0.84 -9.44 -44.30
C LEU D 582 -2.10 -8.58 -44.24
N ALA D 583 -1.95 -7.28 -44.43
CA ALA D 583 -3.04 -6.29 -44.48
C ALA D 583 -3.32 -5.94 -45.95
N LEU D 584 -4.60 -5.95 -46.32
CA LEU D 584 -5.11 -5.52 -47.64
C LEU D 584 -6.13 -4.41 -47.39
N THR D 585 -5.89 -3.20 -47.90
CA THR D 585 -6.68 -2.02 -47.52
C THR D 585 -7.15 -1.26 -48.76
N ARG D 586 -8.30 -0.60 -48.62
CA ARG D 586 -8.86 0.38 -49.57
C ARG D 586 -9.12 1.65 -48.77
N PRO D 587 -8.12 2.57 -48.68
CA PRO D 587 -8.23 3.71 -47.78
C PRO D 587 -9.50 4.52 -48.00
N ALA D 588 -10.22 4.84 -46.92
CA ALA D 588 -11.45 5.66 -46.93
C ALA D 588 -11.15 7.02 -47.58
N ALA D 589 -9.92 7.53 -47.40
CA ALA D 589 -9.48 8.85 -47.90
C ALA D 589 -9.50 8.90 -49.44
N SER D 590 -9.34 7.75 -50.11
CA SER D 590 -9.23 7.65 -51.59
C SER D 590 -10.60 7.69 -52.28
N SER D 591 -11.71 7.57 -51.53
CA SER D 591 -13.07 7.38 -52.09
C SER D 591 -14.12 8.05 -51.20
N SER D 592 -14.76 9.10 -51.71
CA SER D 592 -15.89 9.82 -51.04
C SER D 592 -17.05 8.85 -50.84
N TRP D 593 -17.35 8.06 -51.87
CA TRP D 593 -18.44 7.05 -51.81
C TRP D 593 -18.09 5.99 -50.75
N GLY D 594 -16.90 5.39 -50.86
CA GLY D 594 -16.42 4.33 -49.94
C GLY D 594 -16.43 4.76 -48.48
N ALA D 595 -15.92 5.95 -48.18
CA ALA D 595 -15.88 6.52 -46.81
C ALA D 595 -17.30 6.63 -46.26
N GLU D 596 -18.26 7.07 -47.07
CA GLU D 596 -19.64 7.38 -46.62
C GLU D 596 -20.46 6.10 -46.47
N ASN D 597 -20.24 5.06 -47.29
CA ASN D 597 -21.06 3.82 -47.21
C ASN D 597 -20.74 3.11 -45.89
N PRO D 598 -21.75 2.90 -45.01
CA PRO D 598 -21.52 2.37 -43.66
C PRO D 598 -20.99 0.92 -43.63
N PHE D 599 -21.13 0.17 -44.72
CA PHE D 599 -20.76 -1.27 -44.80
C PHE D 599 -19.48 -1.49 -45.62
N PHE D 600 -18.92 -0.45 -46.24
CA PHE D 600 -17.75 -0.58 -47.16
C PHE D 600 -16.47 -0.54 -46.33
N THR D 601 -16.17 -1.67 -45.69
CA THR D 601 -15.00 -1.91 -44.80
C THR D 601 -13.69 -1.57 -45.51
N ASP D 602 -12.78 -0.87 -44.82
CA ASP D 602 -11.53 -0.31 -45.40
C ASP D 602 -10.39 -1.33 -45.34
N LYS D 603 -10.35 -2.22 -44.34
CA LYS D 603 -9.15 -3.04 -44.04
C LYS D 603 -9.50 -4.50 -43.79
N PHE D 604 -8.73 -5.39 -44.40
CA PHE D 604 -8.84 -6.87 -44.32
C PHE D 604 -7.47 -7.40 -43.97
N SER D 605 -7.38 -8.58 -43.37
CA SER D 605 -6.08 -9.20 -43.10
C SER D 605 -6.18 -10.72 -43.05
N TYR D 606 -5.05 -11.35 -43.32
CA TYR D 606 -4.82 -12.80 -43.17
C TYR D 606 -3.44 -12.94 -42.55
N THR D 607 -3.29 -13.84 -41.59
CA THR D 607 -2.00 -14.05 -40.89
C THR D 607 -1.44 -15.40 -41.30
N LEU D 608 -0.24 -15.38 -41.91
CA LEU D 608 0.46 -16.61 -42.38
C LEU D 608 1.21 -17.24 -41.20
N VAL D 609 1.43 -18.56 -41.26
CA VAL D 609 2.39 -19.30 -40.39
C VAL D 609 3.74 -19.38 -41.12
N ASP D 610 3.76 -19.96 -42.32
CA ASP D 610 4.97 -20.00 -43.20
C ASP D 610 5.30 -18.58 -43.64
N PRO D 611 6.57 -18.30 -43.99
CA PRO D 611 6.91 -16.99 -44.56
C PRO D 611 6.25 -16.86 -45.94
N LEU D 612 5.96 -15.63 -46.35
CA LEU D 612 5.43 -15.35 -47.71
C LEU D 612 6.56 -15.67 -48.70
N THR D 613 6.34 -16.67 -49.57
CA THR D 613 7.32 -17.09 -50.61
C THR D 613 6.85 -16.64 -52.01
N SER D 614 5.55 -16.44 -52.23
CA SER D 614 4.98 -16.07 -53.56
C SER D 614 3.75 -15.20 -53.38
N LEU D 615 3.61 -14.18 -54.24
CA LEU D 615 2.44 -13.27 -54.29
C LEU D 615 2.15 -12.95 -55.76
N VAL D 616 0.90 -13.19 -56.18
CA VAL D 616 0.36 -12.85 -57.53
C VAL D 616 -0.86 -11.95 -57.30
N GLY D 617 -0.98 -10.90 -58.12
CA GLY D 617 -2.09 -9.95 -58.03
C GLY D 617 -2.57 -9.52 -59.41
N VAL D 618 -3.85 -9.21 -59.52
CA VAL D 618 -4.45 -8.57 -60.72
C VAL D 618 -5.23 -7.35 -60.24
N PHE D 619 -4.90 -6.19 -60.78
CA PHE D 619 -5.70 -4.95 -60.65
C PHE D 619 -6.44 -4.73 -61.97
N ASP D 620 -7.74 -4.42 -61.92
CA ASP D 620 -8.57 -4.22 -63.14
C ASP D 620 -9.56 -3.08 -62.86
N ARG D 621 -9.08 -1.85 -62.95
CA ARG D 621 -9.84 -0.57 -62.87
C ARG D 621 -10.49 -0.35 -61.49
N SER D 622 -11.34 -1.28 -61.02
CA SER D 622 -12.15 -1.12 -59.79
C SER D 622 -12.09 -2.37 -58.92
N MET D 623 -11.10 -3.24 -59.13
CA MET D 623 -10.99 -4.55 -58.45
C MET D 623 -9.51 -4.91 -58.24
N LEU D 624 -9.21 -5.49 -57.08
CA LEU D 624 -7.89 -6.10 -56.81
C LEU D 624 -8.11 -7.50 -56.24
N GLU D 625 -7.52 -8.50 -56.89
CA GLU D 625 -7.44 -9.90 -56.38
C GLU D 625 -5.98 -10.23 -56.11
N VAL D 626 -5.69 -10.79 -54.94
CA VAL D 626 -4.32 -11.23 -54.57
C VAL D 626 -4.36 -12.71 -54.19
N PHE D 627 -3.28 -13.42 -54.48
CA PHE D 627 -3.11 -14.87 -54.28
C PHE D 627 -1.74 -15.08 -53.62
N VAL D 628 -1.70 -15.69 -52.44
CA VAL D 628 -0.50 -15.78 -51.58
C VAL D 628 -0.05 -17.23 -51.50
N ASN D 629 1.25 -17.48 -51.68
CA ASN D 629 1.88 -18.81 -51.50
C ASN D 629 1.16 -19.80 -52.40
N GLU D 630 1.25 -19.61 -53.72
CA GLU D 630 0.66 -20.49 -54.75
C GLU D 630 -0.84 -20.67 -54.48
N GLY D 631 -1.53 -19.56 -54.18
CA GLY D 631 -3.00 -19.50 -54.05
C GLY D 631 -3.53 -20.11 -52.76
N ALA D 632 -2.67 -20.40 -51.79
CA ALA D 632 -3.07 -20.93 -50.45
C ALA D 632 -4.10 -19.98 -49.83
N HIS D 633 -3.87 -18.68 -49.95
CA HIS D 633 -4.72 -17.60 -49.39
C HIS D 633 -5.04 -16.64 -50.53
N SER D 634 -6.30 -16.17 -50.61
CA SER D 634 -6.75 -15.27 -51.70
C SER D 634 -7.79 -14.30 -51.16
N ALA D 635 -7.87 -13.13 -51.79
CA ALA D 635 -8.82 -12.05 -51.43
C ALA D 635 -9.25 -11.34 -52.71
N THR D 636 -10.53 -10.95 -52.72
CA THR D 636 -11.21 -10.20 -53.78
C THR D 636 -11.72 -8.91 -53.16
N MET D 637 -11.29 -7.76 -53.66
CA MET D 637 -11.63 -6.46 -53.06
C MET D 637 -11.97 -5.45 -54.15
N LEU D 638 -13.18 -4.87 -54.06
CA LEU D 638 -13.61 -3.75 -54.93
C LEU D 638 -12.97 -2.45 -54.43
N VAL D 639 -12.62 -1.55 -55.36
CA VAL D 639 -12.14 -0.18 -55.03
C VAL D 639 -12.84 0.80 -55.98
N PHE D 640 -13.33 1.91 -55.43
CA PHE D 640 -14.00 2.99 -56.19
C PHE D 640 -13.31 4.32 -55.91
N PRO D 641 -12.01 4.44 -56.24
CA PRO D 641 -11.26 5.67 -55.96
C PRO D 641 -11.83 6.84 -56.77
N ASP D 642 -11.82 8.03 -56.16
CA ASP D 642 -12.27 9.31 -56.79
C ASP D 642 -11.52 9.52 -58.11
N SER D 643 -10.22 9.21 -58.11
CA SER D 643 -9.32 9.32 -59.29
C SER D 643 -8.86 7.93 -59.69
N PRO D 644 -8.79 7.60 -61.00
CA PRO D 644 -8.27 6.31 -61.44
C PRO D 644 -6.80 6.09 -61.02
N VAL D 645 -6.46 4.82 -60.78
CA VAL D 645 -5.08 4.38 -60.42
C VAL D 645 -4.18 4.58 -61.65
N GLY D 646 -2.98 5.14 -61.44
CA GLY D 646 -2.01 5.45 -62.51
C GLY D 646 -0.73 4.64 -62.39
N SER D 647 -0.35 4.23 -61.18
CA SER D 647 0.93 3.54 -60.90
C SER D 647 0.83 2.64 -59.67
N MET D 648 1.83 1.77 -59.50
CA MET D 648 2.00 0.96 -58.26
C MET D 648 3.46 1.02 -57.81
N LYS D 649 3.67 1.09 -56.50
CA LYS D 649 5.00 0.96 -55.85
C LYS D 649 5.07 -0.39 -55.15
N VAL D 650 6.13 -1.16 -55.41
CA VAL D 650 6.45 -2.43 -54.70
C VAL D 650 7.76 -2.19 -53.92
N ALA D 651 7.66 -2.09 -52.59
CA ALA D 651 8.78 -1.86 -51.66
C ALA D 651 9.02 -3.13 -50.84
N THR D 652 10.27 -3.52 -50.68
CA THR D 652 10.70 -4.59 -49.75
C THR D 652 11.76 -3.97 -48.83
N GLY D 653 12.05 -4.60 -47.70
CA GLY D 653 12.97 -4.02 -46.70
C GLY D 653 13.27 -4.95 -45.54
N GLY D 654 14.41 -4.75 -44.88
CA GLY D 654 14.80 -5.45 -43.64
C GLY D 654 15.01 -6.94 -43.86
N LEU D 655 15.30 -7.38 -45.08
CA LEU D 655 15.34 -8.82 -45.42
C LEU D 655 16.71 -9.38 -45.09
N PRO D 656 16.81 -10.68 -44.73
CA PRO D 656 18.11 -11.33 -44.52
C PRO D 656 19.05 -11.16 -45.72
N GLU D 657 20.33 -11.46 -45.52
CA GLU D 657 21.36 -11.49 -46.60
C GLU D 657 21.33 -12.87 -47.26
N GLY D 658 21.32 -12.91 -48.59
CA GLY D 658 21.30 -14.16 -49.37
C GLY D 658 19.90 -14.53 -49.82
N THR D 659 18.91 -13.67 -49.51
CA THR D 659 17.48 -13.88 -49.87
C THR D 659 17.28 -13.54 -51.36
N GLN D 660 16.66 -14.45 -52.11
CA GLN D 660 16.38 -14.29 -53.55
C GLN D 660 15.00 -13.64 -53.71
N VAL D 661 14.96 -12.48 -54.37
CA VAL D 661 13.72 -11.69 -54.66
C VAL D 661 13.58 -11.54 -56.18
N ASN D 662 12.36 -11.73 -56.71
CA ASN D 662 12.07 -11.59 -58.16
C ASN D 662 10.67 -10.99 -58.35
N LEU D 663 10.59 -9.79 -58.93
CA LEU D 663 9.34 -9.10 -59.30
C LEU D 663 9.17 -9.11 -60.84
N GLN D 664 7.97 -9.43 -61.33
CA GLN D 664 7.55 -9.27 -62.74
C GLN D 664 6.18 -8.58 -62.77
N VAL D 665 6.06 -7.47 -63.51
CA VAL D 665 4.78 -6.75 -63.76
C VAL D 665 4.53 -6.73 -65.28
N ASN D 666 3.33 -7.08 -65.72
CA ASN D 666 2.91 -7.00 -67.14
C ASN D 666 1.57 -6.26 -67.22
N GLY D 667 1.42 -5.37 -68.22
CA GLY D 667 0.11 -4.78 -68.54
C GLY D 667 -0.83 -5.85 -69.06
N LEU D 668 -2.14 -5.65 -68.90
CA LEU D 668 -3.15 -6.61 -69.45
C LEU D 668 -3.87 -5.96 -70.62
N GLU D 669 -4.24 -6.77 -71.62
CA GLU D 669 -4.95 -6.31 -72.84
C GLU D 669 -6.45 -6.50 -72.62
N SER D 670 -7.22 -5.43 -72.81
CA SER D 670 -8.69 -5.40 -72.68
C SER D 670 -9.32 -6.48 -73.56
N THR D 671 -10.35 -7.16 -73.04
CA THR D 671 -11.06 -8.26 -73.74
C THR D 671 -12.27 -7.69 -74.47
N TRP D 672 -12.62 -6.42 -74.24
CA TRP D 672 -13.79 -5.76 -74.87
C TRP D 672 -13.31 -4.93 -76.07
C1 NAG E . 22.39 -14.78 32.78
C2 NAG E . 22.46 -16.07 33.58
C3 NAG E . 21.12 -16.77 33.53
C4 NAG E . 20.00 -15.85 33.96
C5 NAG E . 20.02 -14.57 33.13
C6 NAG E . 18.97 -13.55 33.58
C7 NAG E . 24.71 -17.08 33.51
C8 NAG E . 25.62 -18.01 32.77
N2 NAG E . 23.47 -16.95 33.02
O3 NAG E . 21.14 -17.91 34.39
O4 NAG E . 18.75 -16.51 33.80
O5 NAG E . 21.31 -13.99 33.27
O6 NAG E . 19.23 -13.12 34.92
O7 NAG E . 25.12 -16.49 34.49
C1 NAG E . 17.92 -16.49 34.85
C2 NAG E . 16.42 -16.63 34.68
C3 NAG E . 15.61 -16.48 35.96
C4 NAG E . 16.28 -17.25 37.09
C5 NAG E . 17.74 -16.89 37.23
C6 NAG E . 18.44 -17.69 38.33
C7 NAG E . 15.95 -15.91 32.43
C8 NAG E . 15.35 -14.84 31.58
N2 NAG E . 15.94 -15.66 33.73
O3 NAG E . 14.29 -16.98 35.68
O4 NAG E . 15.60 -16.89 38.30
O5 NAG E . 18.40 -17.18 36.01
O6 NAG E . 19.63 -17.00 38.72
O7 NAG E . 16.40 -16.94 31.96
C1 BMA E . 14.90 -17.82 38.95
C2 BMA E . 14.63 -17.53 40.42
C3 BMA E . 13.85 -18.63 41.10
C4 BMA E . 12.60 -18.93 40.29
C5 BMA E . 12.97 -19.28 38.85
C6 BMA E . 11.72 -19.51 38.00
O2 BMA E . 13.88 -16.30 40.51
O3 BMA E . 13.52 -18.26 42.44
O4 BMA E . 11.89 -20.00 40.90
O5 BMA E . 13.72 -18.23 38.24
O6 BMA E . 10.91 -18.32 37.96
C1 MAN E . 14.41 -18.32 43.42
C2 MAN E . 13.64 -18.11 44.72
C3 MAN E . 13.30 -16.65 44.94
C4 MAN E . 14.54 -15.78 44.81
C5 MAN E . 15.26 -16.08 43.49
C6 MAN E . 16.53 -15.23 43.31
O2 MAN E . 14.42 -18.62 45.82
O3 MAN E . 12.71 -16.46 46.23
O4 MAN E . 14.19 -14.39 44.87
O5 MAN E . 15.56 -17.48 43.44
O6 MAN E . 17.42 -15.42 44.41
C1 NAG F . 41.28 7.21 48.70
C2 NAG F . 42.64 7.21 48.02
C3 NAG F . 43.26 8.61 48.11
C4 NAG F . 42.30 9.64 47.53
C5 NAG F . 40.98 9.55 48.28
C6 NAG F . 39.92 10.53 47.79
C7 NAG F . 43.74 5.01 48.06
C8 NAG F . 44.69 4.10 48.79
N2 NAG F . 43.53 6.21 48.62
O3 NAG F . 44.50 8.64 47.38
O4 NAG F . 42.85 10.95 47.66
O5 NAG F . 40.49 8.25 48.11
O6 NAG F . 39.57 10.27 46.42
O7 NAG F . 43.20 4.63 47.04
C1 NAG F . 42.75 11.78 46.60
C2 NAG F . 42.71 13.30 46.69
C3 NAG F . 42.58 14.00 45.34
C4 NAG F . 43.53 13.39 44.32
C5 NAG F . 43.29 11.89 44.22
C6 NAG F . 44.22 11.24 43.18
C7 NAG F . 41.73 13.85 48.88
C8 NAG F . 40.49 14.31 49.60
N2 NAG F . 41.62 13.75 47.55
O3 NAG F . 42.91 15.39 45.53
O4 NAG F . 43.29 14.03 43.05
O5 NAG F . 43.53 11.31 45.49
O6 NAG F . 43.68 9.96 42.81
O7 NAG F . 42.74 13.58 49.50
C1 BMA F . 44.30 14.85 42.69
C2 BMA F . 45.30 14.55 41.59
C3 BMA F . 46.61 15.34 41.74
C4 BMA F . 46.29 16.81 41.93
C5 BMA F . 45.32 17.02 43.09
C6 BMA F . 44.96 18.50 43.26
O2 BMA F . 44.69 14.86 40.33
O3 BMA F . 47.43 15.17 40.58
O4 BMA F . 47.50 17.54 42.14
O5 BMA F . 44.12 16.25 42.88
O6 BMA F . 43.85 18.86 42.43
C1 NAG G . 17.23 -10.92 49.82
C2 NAG G . 17.73 -11.32 51.19
C3 NAG G . 19.19 -11.75 51.12
C4 NAG G . 19.37 -12.81 50.04
C5 NAG G . 18.82 -12.29 48.71
C6 NAG G . 18.96 -13.31 47.58
C7 NAG G . 16.54 -9.97 52.84
C8 NAG G . 16.53 -8.66 53.57
N2 NAG G . 17.60 -10.18 52.08
O3 NAG G . 19.61 -12.26 52.39
O4 NAG G . 20.76 -13.08 49.91
O5 NAG G . 17.44 -11.96 48.88
O6 NAG G . 18.12 -14.43 47.88
O7 NAG G . 15.63 -10.77 52.94
C1 NAG G . 21.23 -14.32 50.13
C2 NAG G . 22.73 -14.53 49.98
C3 NAG G . 23.15 -15.99 50.10
C4 NAG G . 22.55 -16.58 51.36
C5 NAG G . 21.03 -16.43 51.33
C6 NAG G . 20.37 -17.00 52.58
C7 NAG G . 22.82 -14.20 47.53
C8 NAG G . 23.41 -13.36 46.43
N2 NAG G . 23.22 -13.88 48.76
O3 NAG G . 24.58 -16.09 50.15
O4 NAG G . 22.94 -17.95 51.48
O5 NAG G . 20.67 -15.06 51.21
O6 NAG G . 18.96 -17.12 52.39
O7 NAG G . 22.03 -15.10 47.28
C1 NAG H . -5.35 -35.12 -27.17
C2 NAG H . -4.57 -36.36 -27.65
C3 NAG H . -3.08 -36.09 -27.74
C4 NAG H . -2.82 -34.82 -28.53
C5 NAG H . -3.60 -33.66 -27.93
C6 NAG H . -3.41 -32.35 -28.70
C7 NAG H . -5.67 -38.45 -26.95
C8 NAG H . -5.77 -39.47 -25.86
N2 NAG H . -4.80 -37.47 -26.73
O3 NAG H . -2.43 -37.21 -28.35
O4 NAG H . -1.43 -34.50 -28.49
O5 NAG H . -4.98 -33.98 -27.94
O6 NAG H . -3.77 -32.54 -30.07
O7 NAG H . -6.36 -38.53 -27.95
C1 NAG H . -0.81 -34.29 -29.66
C2 NAG H . 0.47 -33.48 -29.63
C3 NAG H . 1.07 -33.26 -31.00
C4 NAG H . 1.14 -34.57 -31.79
C5 NAG H . -0.16 -35.36 -31.74
C6 NAG H . 0.06 -36.77 -32.29
C7 NAG H . 0.45 -32.06 -27.63
C8 NAG H . 0.41 -30.64 -27.12
N2 NAG H . 0.27 -32.21 -28.94
O3 NAG H . 2.37 -32.72 -30.82
O4 NAG H . 1.42 -34.27 -33.17
O5 NAG H . -0.64 -35.49 -30.41
O6 NAG H . -1.15 -37.24 -32.89
O7 NAG H . 0.70 -33.00 -26.87
C1 BMA H . 2.49 -34.71 -33.84
C2 BMA H . 2.41 -34.64 -35.36
C3 BMA H . 3.66 -35.19 -36.02
C4 BMA H . 4.86 -34.43 -35.48
C5 BMA H . 4.96 -34.54 -33.97
C6 BMA H . 6.09 -33.65 -33.44
O2 BMA H . 2.21 -33.27 -35.72
O3 BMA H . 3.62 -35.03 -37.44
O4 BMA H . 6.03 -34.90 -36.13
O5 BMA H . 3.73 -34.16 -33.35
O6 BMA H . 5.80 -32.25 -33.61
C1 MAN H . 6.64 -31.31 -34.07
C2 MAN H . 6.08 -29.91 -34.29
C3 MAN H . 5.54 -29.70 -35.70
C4 MAN H . 6.54 -30.17 -36.74
C5 MAN H . 6.81 -31.64 -36.46
C6 MAN H . 7.62 -32.31 -37.56
O2 MAN H . 7.11 -28.94 -34.03
O3 MAN H . 5.21 -28.31 -35.94
O4 MAN H . 6.02 -29.98 -38.07
O5 MAN H . 7.45 -31.73 -35.18
O6 MAN H . 6.77 -32.56 -38.70
C1 MAN H . 3.91 -28.19 -36.21
C2 MAN H . 3.60 -26.88 -36.92
C3 MAN H . 3.67 -25.69 -35.95
C4 MAN H . 2.83 -25.97 -34.70
C5 MAN H . 3.25 -27.30 -34.07
C6 MAN H . 2.45 -27.62 -32.80
O2 MAN H . 2.31 -26.99 -37.52
O3 MAN H . 3.23 -24.50 -36.61
O4 MAN H . 3.02 -24.93 -33.74
O5 MAN H . 3.08 -28.34 -35.04
O6 MAN H . 1.98 -28.97 -32.78
C1 MAN H . 3.07 -36.00 -38.18
C2 MAN H . 3.58 -35.88 -39.60
C3 MAN H . 3.04 -34.61 -40.28
C4 MAN H . 1.53 -34.48 -40.10
C5 MAN H . 1.08 -34.71 -38.65
C6 MAN H . -0.44 -34.76 -38.49
O2 MAN H . 3.19 -37.05 -40.34
O3 MAN H . 3.33 -34.65 -41.67
O4 MAN H . 1.14 -33.16 -40.51
O5 MAN H . 1.63 -35.94 -38.16
O6 MAN H . -1.09 -34.12 -39.59
C1 NAG I . -33.20 -23.50 -27.95
C2 NAG I . -33.29 -23.90 -26.50
C3 NAG I . -32.92 -25.37 -26.32
C4 NAG I . -33.76 -26.23 -27.25
C5 NAG I . -33.59 -25.72 -28.69
C6 NAG I . -34.37 -26.55 -29.70
C7 NAG I . -32.79 -21.96 -25.11
C8 NAG I . -31.72 -21.12 -24.51
N2 NAG I . -32.39 -23.06 -25.74
O3 NAG I . -33.12 -25.70 -24.94
O4 NAG I . -33.34 -27.60 -27.19
O5 NAG I . -34.03 -24.36 -28.74
O6 NAG I . -35.76 -26.45 -29.39
O7 NAG I . -33.96 -21.63 -25.06
C1 NAG I . -33.82 -28.52 -26.32
C2 NAG I . -33.80 -29.99 -26.73
C3 NAG I . -34.42 -30.90 -25.69
C4 NAG I . -33.80 -30.62 -24.33
C5 NAG I . -34.00 -29.15 -23.96
C6 NAG I . -33.37 -28.81 -22.61
C7 NAG I . -33.83 -30.15 -29.17
C8 NAG I . -34.71 -30.20 -30.38
N2 NAG I . -34.48 -30.15 -28.00
O3 NAG I . -34.17 -32.25 -26.06
O4 NAG I . -34.37 -31.50 -23.35
O5 NAG I . -33.40 -28.31 -24.96
O6 NAG I . -33.88 -27.56 -22.11
O7 NAG I . -32.61 -30.08 -29.27
C1 NAG J . -29.44 7.11 -41.37
C2 NAG J . -30.66 7.67 -42.07
C3 NAG J . -30.96 6.82 -43.30
C4 NAG J . -29.73 6.77 -44.19
C5 NAG J . -28.49 6.32 -43.40
C6 NAG J . -27.26 6.38 -44.30
C7 NAG J . -32.02 8.63 -40.28
C8 NAG J . -33.15 8.37 -39.32
N2 NAG J . -31.80 7.66 -41.16
O3 NAG J . -32.07 7.39 -44.01
O4 NAG J . -29.97 5.88 -45.29
O5 NAG J . -28.30 7.14 -42.23
O6 NAG J . -26.15 5.73 -43.67
O7 NAG J . -31.34 9.64 -40.21
C1 NAG J . -30.48 6.14 -46.49
C2 NAG J . -30.09 5.30 -47.71
C3 NAG J . -30.56 5.92 -49.01
C4 NAG J . -32.04 6.21 -48.94
C5 NAG J . -32.37 7.06 -47.71
C6 NAG J . -33.89 7.20 -47.65
C7 NAG J . -28.13 3.88 -47.41
C8 NAG J . -26.63 3.84 -47.29
N2 NAG J . -28.66 5.08 -47.68
O3 NAG J . -30.33 5.02 -50.10
O4 NAG J . -32.45 6.89 -50.14
O5 NAG J . -31.88 6.45 -46.51
O6 NAG J . -34.32 7.68 -46.38
O7 NAG J . -28.80 2.87 -47.24
C1 NAG K . -33.97 -32.54 -43.89
C2 NAG K . -35.02 -33.22 -43.01
C3 NAG K . -36.38 -32.60 -43.24
C4 NAG K . -36.33 -31.09 -43.07
C5 NAG K . -35.23 -30.52 -43.95
C6 NAG K . -35.07 -29.01 -43.78
C7 NAG K . -34.47 -35.55 -42.56
C8 NAG K . -34.62 -36.97 -43.01
N2 NAG K . -35.10 -34.64 -43.30
O3 NAG K . -37.31 -33.15 -42.29
O4 NAG K . -37.58 -30.52 -43.47
O5 NAG K . -33.99 -31.14 -43.61
O6 NAG K . -34.69 -28.73 -42.43
O7 NAG K . -33.78 -35.26 -41.59
C1 NAG K . -38.52 -30.01 -42.66
C2 NAG K . -39.57 -29.12 -43.31
C3 NAG K . -40.64 -28.60 -42.36
C4 NAG K . -41.14 -29.72 -41.47
C5 NAG K . -40.00 -30.47 -40.80
C6 NAG K . -40.51 -31.59 -39.91
C7 NAG K . -38.58 -28.09 -45.28
C8 NAG K . -37.78 -26.93 -45.80
N2 NAG K . -38.90 -28.03 -43.99
O3 NAG K . -41.73 -28.11 -43.14
O4 NAG K . -41.98 -29.12 -40.45
O5 NAG K . -39.11 -31.00 -41.78
O6 NAG K . -41.43 -32.44 -40.62
O7 NAG K . -38.88 -29.05 -45.98
C1 BMA K . -43.31 -29.30 -40.50
C2 BMA K . -44.10 -28.77 -39.32
C3 BMA K . -45.58 -29.13 -39.40
C4 BMA K . -46.12 -28.68 -40.75
C5 BMA K . -45.34 -29.39 -41.87
C6 BMA K . -45.86 -29.05 -43.26
O2 BMA K . -43.93 -27.34 -39.27
O3 BMA K . -46.30 -28.54 -38.30
O4 BMA K . -47.52 -28.98 -40.83
O5 BMA K . -43.96 -29.04 -41.77
O6 BMA K . -45.57 -27.68 -43.63
C1 NAG L . -3.96 -33.42 -45.37
C2 NAG L . -4.17 -34.33 -46.57
C3 NAG L . -5.11 -35.47 -46.20
C4 NAG L . -4.61 -36.17 -44.95
C5 NAG L . -4.38 -35.18 -43.83
C6 NAG L . -3.75 -35.84 -42.61
C7 NAG L . -4.01 -32.95 -48.58
C8 NAG L . -4.79 -32.11 -49.55
N2 NAG L . -4.75 -33.57 -47.66
O3 NAG L . -5.23 -36.40 -47.28
O4 NAG L . -5.59 -37.14 -44.56
O5 NAG L . -3.50 -34.15 -44.24
O6 NAG L . -2.41 -36.24 -42.93
O7 NAG L . -2.80 -33.03 -48.62
C1 NAG L . -5.43 -38.42 -44.95
C2 NAG L . -5.78 -39.57 -44.01
C3 NAG L . -5.41 -40.94 -44.59
C4 NAG L . -5.94 -41.07 -46.01
C5 NAG L . -5.42 -39.93 -46.87
C6 NAG L . -5.98 -40.02 -48.30
C7 NAG L . -5.76 -38.83 -41.67
C8 NAG L . -4.91 -38.60 -40.46
N2 NAG L . -5.13 -39.37 -42.73
O3 NAG L . -5.98 -41.96 -43.76
O4 NAG L . -5.54 -42.33 -46.56
O5 NAG L . -5.81 -38.67 -46.31
O6 NAG L . -5.06 -39.46 -49.23
O7 NAG L . -6.94 -38.53 -41.69
C1 MAN M . -9.79 23.33 19.53
C2 MAN M . -11.11 23.89 19.00
C3 MAN M . -11.01 25.40 18.76
C4 MAN M . -10.55 26.11 20.03
C5 MAN M . -9.26 25.50 20.54
C6 MAN M . -8.85 26.13 21.86
O2 MAN M . -12.17 23.62 19.92
O3 MAN M . -12.27 25.92 18.32
O4 MAN M . -10.30 27.48 19.74
O5 MAN M . -9.36 24.07 20.68
O6 MAN M . -8.05 25.23 22.64
C1 MAN N . -11.14 11.00 14.94
C2 MAN N . -12.66 10.93 14.84
C3 MAN N . -13.26 12.26 15.29
C4 MAN N . -12.83 12.53 16.72
C5 MAN N . -11.30 12.56 16.77
C6 MAN N . -10.79 12.81 18.18
O2 MAN N . -13.15 9.86 15.66
O3 MAN N . -14.69 12.23 15.19
O4 MAN N . -13.36 13.79 17.17
O5 MAN N . -10.78 11.31 16.29
O6 MAN N . -11.26 11.80 19.08
C1 MAN O . -2.58 -6.65 4.52
C2 MAN O . -3.84 -6.42 5.37
C3 MAN O . -3.52 -6.55 6.85
C4 MAN O . -2.83 -7.89 7.12
C5 MAN O . -1.63 -8.06 6.19
C6 MAN O . -0.90 -9.38 6.40
O2 MAN O . -4.88 -7.37 5.01
O3 MAN O . -4.74 -6.42 7.60
O4 MAN O . -2.39 -7.91 8.47
O5 MAN O . -2.07 -7.96 4.83
O6 MAN O . -0.45 -9.49 7.76
C1 NAG P . -0.24 -16.73 16.52
C2 NAG P . -0.55 -18.18 16.81
C3 NAG P . 0.22 -18.64 18.04
C4 NAG P . 1.71 -18.37 17.87
C5 NAG P . 1.92 -16.92 17.48
C6 NAG P . 3.39 -16.59 17.24
C7 NAG P . -2.78 -18.80 15.98
C8 NAG P . -4.02 -19.56 16.38
N2 NAG P . -1.97 -18.49 17.00
O3 NAG P . -0.02 -20.04 18.22
O4 NAG P . 2.38 -18.65 19.10
O5 NAG P . 1.17 -16.63 16.30
O6 NAG P . 3.83 -17.24 16.05
O7 NAG P . -2.52 -18.59 14.79
C1 NAG Q . 24.67 -20.82 11.34
C2 NAG Q . 24.15 -21.97 10.48
C3 NAG Q . 23.99 -23.24 11.32
C4 NAG Q . 25.23 -23.54 12.14
C5 NAG Q . 25.73 -22.32 12.89
C6 NAG Q . 27.06 -22.57 13.61
C7 NAG Q . 22.66 -21.40 8.60
C8 NAG Q . 21.22 -21.33 8.16
N2 NAG Q . 22.85 -21.67 9.88
O3 NAG Q . 23.71 -24.35 10.46
O4 NAG Q . 24.90 -24.56 13.09
O5 NAG Q . 25.88 -21.22 12.00
O6 NAG Q . 27.28 -21.55 14.59
O7 NAG Q . 23.57 -21.25 7.79
C1 NAG R . 36.63 -10.67 27.28
C2 NAG R . 37.31 -11.99 26.95
C3 NAG R . 36.87 -13.09 27.90
C4 NAG R . 37.18 -12.66 29.32
C5 NAG R . 36.46 -11.34 29.58
C6 NAG R . 36.74 -10.87 31.00
C7 NAG R . 37.90 -12.30 24.60
C8 NAG R . 37.37 -12.58 23.22
N2 NAG R . 37.00 -12.37 25.58
O3 NAG R . 37.54 -14.31 27.62
O4 NAG R . 36.74 -13.66 30.23
O5 NAG R . 36.88 -10.33 28.65
O6 NAG R . 36.00 -9.67 31.24
O7 NAG R . 39.07 -12.00 24.79
C1 NAG S . 38.07 10.81 31.07
C2 NAG S . 38.58 10.29 29.74
C3 NAG S . 39.14 8.88 29.88
C4 NAG S . 40.20 8.86 30.98
C5 NAG S . 39.62 9.44 32.28
C6 NAG S . 40.66 9.48 33.40
C7 NAG S . 37.32 11.28 27.92
C8 NAG S . 36.10 11.16 27.06
N2 NAG S . 37.50 10.28 28.78
O3 NAG S . 39.72 8.49 28.63
O4 NAG S . 40.65 7.51 31.20
O5 NAG S . 39.14 10.77 32.02
O6 NAG S . 41.74 10.34 33.00
O7 NAG S . 38.07 12.23 27.85
C1 NAG T . 25.67 44.01 33.93
C2 NAG T . 26.73 45.03 33.58
C3 NAG T . 27.93 44.94 34.50
C4 NAG T . 27.45 45.04 35.93
C5 NAG T . 26.37 43.99 36.19
C6 NAG T . 25.90 43.98 37.63
C7 NAG T . 26.49 45.64 31.22
C8 NAG T . 26.84 45.28 29.82
N2 NAG T . 27.09 44.89 32.17
O3 NAG T . 28.84 45.99 34.20
O4 NAG T . 28.58 44.91 36.80
O5 NAG T . 25.27 44.23 35.29
O6 NAG T . 25.15 45.17 37.88
O7 NAG T . 25.68 46.54 31.47
C1 NAG U . 8.24 38.04 10.87
C2 NAG U . 8.51 39.35 10.13
C3 NAG U . 9.96 39.81 10.37
C4 NAG U . 10.25 39.87 11.86
C5 NAG U . 9.95 38.52 12.50
C6 NAG U . 10.24 38.51 14.00
C7 NAG U . 7.12 39.51 8.10
C8 NAG U . 7.13 39.44 6.61
N2 NAG U . 8.30 39.24 8.69
O3 NAG U . 10.19 41.09 9.77
O4 NAG U . 11.63 40.23 12.04
O5 NAG U . 8.58 38.16 12.27
O6 NAG U . 9.37 39.40 14.70
O7 NAG U . 6.12 39.83 8.72
C1 NAG V . 28.53 29.71 20.11
C2 NAG V . 28.90 29.98 18.65
C3 NAG V . 29.11 28.68 17.88
C4 NAG V . 29.94 27.66 18.66
C5 NAG V . 29.38 27.52 20.08
C6 NAG V . 30.12 26.49 20.93
C7 NAG V . 27.90 32.02 17.83
C8 NAG V . 29.20 32.57 17.31
N2 NAG V . 27.78 30.72 18.12
O3 NAG V . 29.77 28.97 16.66
O4 NAG V . 29.88 26.39 17.97
O5 NAG V . 29.43 28.79 20.72
O6 NAG V . 29.10 25.74 21.63
O7 NAG V . 26.97 32.78 18.13
C1 NAG W . 38.96 36.67 44.81
C2 NAG W . 40.18 35.95 45.39
C3 NAG W . 40.27 36.09 46.89
C4 NAG W . 40.23 37.56 47.26
C5 NAG W . 38.99 38.21 46.64
C6 NAG W . 38.97 39.68 46.99
C7 NAG W . 40.82 34.00 44.08
C8 NAG W . 40.35 32.67 43.58
N2 NAG W . 40.07 34.55 45.03
O3 NAG W . 41.49 35.52 47.36
O4 NAG W . 40.20 37.66 48.68
O5 NAG W . 38.96 38.04 45.23
O6 NAG W . 37.87 40.29 46.31
O7 NAG W . 41.79 34.57 43.60
C1 NAG X . 15.69 35.30 36.53
C2 NAG X . 16.22 36.62 37.07
C3 NAG X . 16.65 36.40 38.51
C4 NAG X . 15.45 35.86 39.29
C5 NAG X . 14.93 34.57 38.66
C6 NAG X . 13.71 34.03 39.40
C7 NAG X . 17.19 37.74 35.03
C8 NAG X . 15.88 38.42 34.76
N2 NAG X . 17.32 37.03 36.18
O3 NAG X . 17.10 37.64 39.07
O4 NAG X . 15.81 35.63 40.67
O5 NAG X . 14.58 34.81 37.29
O6 NAG X . 14.12 33.00 40.31
O7 NAG X . 18.09 37.79 34.19
C1 BTB Y . 6.73 -3.20 28.85
O1 BTB Y . 7.66 -3.53 27.84
C2 BTB Y . 6.07 -1.83 28.54
C3 BTB Y . 7.13 -0.72 28.58
O3 BTB Y . 7.88 -0.75 29.78
C4 BTB Y . 5.43 -1.91 27.14
O4 BTB Y . 4.29 -2.76 27.17
N BTB Y . 4.95 -1.52 29.53
C5 BTB Y . 4.35 -0.16 29.32
C6 BTB Y . 2.91 -0.09 29.72
O6 BTB Y . 2.21 -1.26 29.32
C7 BTB Y . 5.35 -1.73 30.97
C8 BTB Y . 4.26 -2.38 31.79
O8 BTB Y . 3.76 -3.55 31.18
C1 FRU Z . 6.81 -2.68 23.14
C2 FRU Z . 8.16 -2.10 23.58
C3 FRU Z . 9.17 -3.17 24.04
C4 FRU Z . 10.19 -2.36 24.84
C5 FRU Z . 9.34 -1.20 25.36
C6 FRU Z . 10.02 0.15 25.05
O1 FRU Z . 6.13 -1.73 22.29
O2 FRU Z . 8.70 -1.31 22.52
O3 FRU Z . 9.77 -3.89 22.95
O4 FRU Z . 10.80 -3.08 25.93
O5 FRU Z . 8.06 -1.25 24.71
O6 FRU Z . 9.08 1.22 25.20
C1 MAN AA . 10.78 38.69 62.14
C2 MAN AA . 12.04 39.51 61.82
C3 MAN AA . 12.02 40.85 62.54
C4 MAN AA . 10.74 41.60 62.22
C5 MAN AA . 9.56 40.70 62.56
C6 MAN AA . 8.21 41.37 62.32
O2 MAN AA . 12.08 39.73 60.39
O3 MAN AA . 13.17 41.63 62.19
O4 MAN AA . 10.67 42.82 62.97
O5 MAN AA . 9.64 39.48 61.79
O6 MAN AA . 7.15 40.53 62.79
C1 MAN BA . 29.23 32.66 74.60
C2 MAN BA . 28.96 33.90 73.74
C3 MAN BA . 29.08 33.55 72.26
C4 MAN BA . 30.46 32.97 71.99
C5 MAN BA . 30.66 31.77 72.91
C6 MAN BA . 32.03 31.13 72.70
O2 MAN BA . 29.92 34.91 74.11
O3 MAN BA . 28.82 34.70 71.45
O4 MAN BA . 30.55 32.59 70.62
O5 MAN BA . 30.53 32.18 74.27
O6 MAN BA . 32.13 29.91 73.46
C1 NAG CA . 40.09 30.04 63.78
C2 NAG CA . 41.55 30.23 63.38
C3 NAG CA . 42.02 29.05 62.51
C4 NAG CA . 41.86 27.76 63.27
C5 NAG CA . 40.39 27.64 63.65
C6 NAG CA . 40.17 26.32 64.38
C7 NAG CA . 42.09 32.61 63.28
C8 NAG CA . 42.19 33.81 62.39
N2 NAG CA . 41.75 31.47 62.67
O3 NAG CA . 43.39 29.20 62.15
O4 NAG CA . 42.27 26.64 62.48
O5 NAG CA . 40.00 28.76 64.44
O6 NAG CA . 40.80 26.20 65.67
O7 NAG CA . 42.29 32.68 64.47
C1 NAG DA . 46.08 6.92 70.49
C2 NAG DA . 47.04 7.56 71.48
C3 NAG DA . 48.39 7.82 70.81
C4 NAG DA . 48.92 6.58 70.13
C5 NAG DA . 47.87 5.95 69.23
C6 NAG DA . 48.34 4.60 68.68
C7 NAG DA . 46.09 9.03 73.22
C8 NAG DA . 45.85 10.47 73.56
N2 NAG DA . 46.60 8.85 71.99
O3 NAG DA . 49.32 8.29 71.79
O4 NAG DA . 50.08 6.95 69.37
O5 NAG DA . 46.67 5.73 69.96
O6 NAG DA . 48.46 3.68 69.76
O7 NAG DA . 45.86 8.12 74.01
C1 NAG EA . 38.26 -7.08 54.66
C2 NAG EA . 39.60 -7.74 55.01
C3 NAG EA . 40.70 -7.36 54.03
C4 NAG EA . 40.26 -7.57 52.61
C5 NAG EA . 38.88 -6.95 52.34
C6 NAG EA . 38.36 -7.43 50.99
C7 NAG EA . 39.89 -8.14 57.40
C8 NAG EA . 40.16 -7.47 58.72
N2 NAG EA . 39.99 -7.34 56.34
O3 NAG EA . 41.84 -8.17 54.29
O4 NAG EA . 41.22 -6.97 51.73
O5 NAG EA . 37.94 -7.39 53.32
O6 NAG EA . 37.17 -6.73 50.65
O7 NAG EA . 39.53 -9.30 57.32
C1 NAG FA . -16.86 -1.60 43.62
C2 NAG FA . -17.48 -2.95 44.04
C3 NAG FA . -17.50 -3.94 42.89
C4 NAG FA . -18.05 -3.34 41.61
C5 NAG FA . -17.30 -2.04 41.29
C6 NAG FA . -17.83 -1.37 40.03
C7 NAG FA . -17.02 -3.33 46.43
C8 NAG FA . -16.03 -3.94 47.38
N2 NAG FA . -16.73 -3.53 45.15
O3 NAG FA . -18.33 -5.04 43.28
O4 NAG FA . -17.90 -4.29 40.55
O5 NAG FA . -17.44 -1.16 42.40
O6 NAG FA . -19.19 -0.96 40.26
O7 NAG FA . -17.99 -2.68 46.82
C1 NAG GA . -3.77 -2.32 59.06
C2 NAG GA . -4.45 -1.78 60.33
C3 NAG GA . -3.57 -2.02 61.55
C4 NAG GA . -2.91 -3.38 61.60
C5 NAG GA . -2.20 -3.68 60.28
C6 NAG GA . -1.63 -5.10 60.24
C7 NAG GA . -5.80 0.14 59.87
C8 NAG GA . -5.98 0.58 58.45
N2 NAG GA . -4.57 -0.32 60.16
O3 NAG GA . -4.33 -1.88 62.77
O4 NAG GA . -1.96 -3.34 62.67
O5 NAG GA . -3.15 -3.59 59.22
O6 NAG GA . -0.62 -5.21 61.26
O7 NAG GA . -6.79 -0.09 60.58
C1 NAG HA . -9.04 8.73 41.18
C2 NAG HA . -10.39 8.14 40.75
C3 NAG HA . -10.26 7.55 39.36
C4 NAG HA . -9.72 8.60 38.40
C5 NAG HA . -8.36 9.09 38.92
C6 NAG HA . -7.76 10.10 37.96
C7 NAG HA . -11.31 7.37 42.90
C8 NAG HA . -11.23 6.25 43.89
N2 NAG HA . -10.74 7.11 41.71
O3 NAG HA . -11.53 7.08 38.87
O4 NAG HA . -9.60 8.05 37.08
O5 NAG HA . -8.52 9.66 40.22
O6 NAG HA . -6.49 10.55 38.44
O7 NAG HA . -11.77 8.47 43.20
C1 BTB IA . 28.05 21.78 50.76
O1 BTB IA . 28.36 20.98 51.88
C2 BTB IA . 26.63 22.36 50.89
C3 BTB IA . 25.60 21.22 50.80
O3 BTB IA . 25.91 20.33 49.74
C4 BTB IA . 26.53 23.05 52.25
O4 BTB IA . 27.38 24.19 52.27
N BTB IA . 26.37 23.39 49.81
C5 BTB IA . 25.03 24.06 49.96
C6 BTB IA . 24.94 25.39 49.27
O6 BTB IA . 25.89 26.29 49.83
C7 BTB IA . 26.60 22.90 48.41
C8 BTB IA . 27.97 23.20 47.85
O8 BTB IA . 28.46 24.46 48.25
C1 FRU JA . 27.25 22.03 56.48
C2 FRU JA . 26.82 20.61 56.08
C3 FRU JA . 28.00 19.69 55.75
C4 FRU JA . 27.34 18.60 54.91
C5 FRU JA . 26.16 19.31 54.26
C6 FRU JA . 24.89 18.49 54.47
O1 FRU JA . 26.16 22.72 57.15
O2 FRU JA . 26.00 20.00 57.09
O3 FRU JA . 28.62 19.18 56.93
O4 FRU JA . 28.19 18.01 53.91
O5 FRU JA . 26.05 20.61 54.88
O6 FRU JA . 23.68 19.27 54.47
C1 MAN KA . -1.76 15.96 -26.65
C2 MAN KA . -0.27 15.71 -26.84
C3 MAN KA . 0.56 16.70 -26.02
C4 MAN KA . 0.14 18.12 -26.33
C5 MAN KA . -1.38 18.26 -26.16
C6 MAN KA . -1.88 19.67 -26.46
O2 MAN KA . 0.06 15.84 -28.23
O3 MAN KA . 1.95 16.53 -26.28
O4 MAN KA . 0.81 19.03 -25.46
O5 MAN KA . -2.03 17.32 -27.01
O6 MAN KA . -1.52 20.54 -25.38
C1 MAN LA . 4.99 12.01 -10.16
C2 MAN LA . 3.48 12.21 -10.01
C3 MAN LA . 3.00 13.43 -10.80
C4 MAN LA . 3.81 14.66 -10.42
C5 MAN LA . 5.29 14.35 -10.57
C6 MAN LA . 6.16 15.54 -10.22
O2 MAN LA . 3.14 12.37 -8.63
O3 MAN LA . 1.61 13.69 -10.55
O4 MAN LA . 3.44 15.75 -11.28
O5 MAN LA . 5.65 13.22 -9.76
O6 MAN LA . 6.00 16.56 -11.22
C1 MAN MA . 6.87 8.62 -19.77
C2 MAN MA . 8.25 9.18 -19.41
C3 MAN MA . 8.16 10.70 -19.45
C4 MAN MA . 7.74 11.18 -20.84
C5 MAN MA . 6.42 10.48 -21.20
C6 MAN MA . 5.95 10.86 -22.59
O2 MAN MA . 9.25 8.68 -20.33
O3 MAN MA . 9.38 11.34 -19.03
O4 MAN MA . 7.58 12.60 -20.78
O5 MAN MA . 6.55 9.06 -21.10
O6 MAN MA . 5.84 9.69 -23.41
C1 MAN NA . 10.01 -8.17 -5.88
C2 MAN NA . 10.48 -8.71 -7.25
C3 MAN NA . 10.25 -10.21 -7.35
C4 MAN NA . 10.84 -10.95 -6.16
C5 MAN NA . 10.30 -10.35 -4.88
C6 MAN NA . 10.85 -11.04 -3.63
O2 MAN NA . 11.86 -8.42 -7.43
O3 MAN NA . 10.81 -10.71 -8.56
O4 MAN NA . 10.47 -12.33 -6.23
O5 MAN NA . 10.61 -8.95 -4.83
O6 MAN NA . 12.28 -10.95 -3.59
C1 MAN OA . 4.26 0.44 -1.94
C2 MAN OA . 3.55 1.79 -2.17
C3 MAN OA . 4.51 2.78 -2.84
C4 MAN OA . 5.80 2.90 -2.03
C5 MAN OA . 6.40 1.51 -1.84
C6 MAN OA . 7.65 1.55 -0.98
O2 MAN OA . 3.07 2.33 -0.93
O3 MAN OA . 3.91 4.07 -2.99
O4 MAN OA . 6.76 3.71 -2.73
O5 MAN OA . 5.45 0.67 -1.19
O6 MAN OA . 8.08 0.19 -0.76
C1 NAG PA . 14.14 -20.04 -14.56
C2 NAG PA . 15.39 -20.89 -14.81
C3 NAG PA . 15.07 -22.07 -15.69
C4 NAG PA . 13.90 -22.86 -15.10
C5 NAG PA . 12.72 -21.95 -14.78
C6 NAG PA . 11.62 -22.69 -14.03
C7 NAG PA . 17.64 -19.89 -14.87
C8 NAG PA . 18.55 -18.99 -15.65
N2 NAG PA . 16.44 -20.10 -15.43
O3 NAG PA . 16.24 -22.88 -15.81
O4 NAG PA . 13.52 -23.89 -16.02
O5 NAG PA . 13.13 -20.85 -13.96
O6 NAG PA . 11.28 -23.91 -14.70
O7 NAG PA . 17.99 -20.39 -13.81
C1 NAG QA . -17.58 -28.97 -0.29
C2 NAG QA . -17.84 -29.29 -1.77
C3 NAG QA . -19.35 -29.23 -2.06
C4 NAG QA . -20.04 -30.26 -1.18
C5 NAG QA . -19.73 -29.94 0.27
C6 NAG QA . -20.36 -30.95 1.22
C7 NAG QA . -17.20 -27.13 -2.78
C8 NAG QA . -16.23 -26.51 -3.75
N2 NAG QA . -17.07 -28.45 -2.67
O3 NAG QA . -19.64 -29.47 -3.45
O4 NAG QA . -21.45 -30.23 -1.39
O5 NAG QA . -18.32 -29.93 0.49
O6 NAG QA . -19.96 -30.65 2.56
O7 NAG QA . -18.02 -26.47 -2.17
C1 NAG RA . -3.26 -35.73 -5.02
C2 NAG RA . -2.20 -36.07 -3.97
C3 NAG RA . -1.19 -37.13 -4.41
C4 NAG RA . -1.89 -38.33 -5.03
C5 NAG RA . -2.98 -37.90 -6.03
C6 NAG RA . -3.80 -39.06 -6.56
C7 NAG RA . -1.93 -34.11 -2.52
C8 NAG RA . -1.26 -32.77 -2.43
N2 NAG RA . -1.51 -34.85 -3.55
O3 NAG RA . -0.41 -37.57 -3.29
O4 NAG RA . -0.91 -39.16 -5.67
O5 NAG RA . -3.88 -36.95 -5.45
O6 NAG RA . -4.33 -38.77 -7.85
O7 NAG RA . -2.83 -34.43 -1.75
C1 NAG SA . -19.27 -38.71 -20.53
C2 NAG SA . -18.97 -40.05 -19.83
C3 NAG SA . -17.90 -40.78 -20.64
C4 NAG SA . -18.43 -41.01 -22.05
C5 NAG SA . -18.82 -39.67 -22.67
C6 NAG SA . -19.41 -39.85 -24.06
C7 NAG SA . -19.34 -39.98 -17.42
C8 NAG SA . -18.79 -39.54 -16.09
N2 NAG SA . -18.52 -39.85 -18.47
O3 NAG SA . -17.56 -42.02 -20.03
O4 NAG SA . -17.40 -41.62 -22.84
O5 NAG SA . -19.77 -38.99 -21.84
O6 NAG SA . -19.65 -38.58 -24.65
O7 NAG SA . -20.49 -40.40 -17.52
C1 NAG TA . -42.80 8.88 -38.57
C2 NAG TA . -44.27 8.74 -38.18
C3 NAG TA . -45.08 8.08 -39.29
C4 NAG TA . -44.85 8.76 -40.64
C5 NAG TA . -43.36 8.81 -40.93
C6 NAG TA . -43.06 9.60 -42.21
C7 NAG TA . -44.58 8.51 -35.75
C8 NAG TA . -44.71 7.54 -34.62
N2 NAG TA . -44.41 7.96 -36.96
O3 NAG TA . -46.45 8.07 -38.94
O4 NAG TA . -45.50 8.05 -41.69
O5 NAG TA . -42.68 9.47 -39.87
O6 NAG TA . -41.71 9.37 -42.60
O7 NAG TA . -44.64 9.72 -35.57
C1 NAG UA . -36.06 -0.59 -22.17
C2 NAG UA . -36.55 -0.35 -20.74
C3 NAG UA . -35.80 -1.26 -19.75
C4 NAG UA . -35.76 -2.72 -20.22
C5 NAG UA . -35.32 -2.81 -21.68
C6 NAG UA . -35.29 -4.25 -22.20
C7 NAG UA . -35.53 1.81 -20.74
C8 NAG UA . -34.20 1.59 -20.06
N2 NAG UA . -36.56 1.08 -20.33
O3 NAG UA . -36.43 -1.18 -18.47
O4 NAG UA . -34.84 -3.44 -19.39
O5 NAG UA . -36.18 -1.99 -22.48
O6 NAG UA . -36.62 -4.72 -22.50
O7 NAG UA . -35.57 2.40 -21.82
C1 NAG VA . -49.26 -6.30 -45.44
C2 NAG VA . -50.59 -6.77 -46.01
C3 NAG VA . -50.57 -6.58 -47.51
C4 NAG VA . -50.26 -5.12 -47.82
C5 NAG VA . -48.97 -4.66 -47.15
C6 NAG VA . -48.70 -3.17 -47.38
C7 NAG VA . -51.85 -8.55 -44.85
C8 NAG VA . -51.77 -9.95 -44.33
N2 NAG VA . -50.81 -8.15 -45.60
O3 NAG VA . -51.85 -6.93 -48.03
O4 NAG VA . -50.13 -4.94 -49.23
O5 NAG VA . -49.06 -4.91 -45.75
O6 NAG VA . -47.47 -2.81 -46.76
O7 NAG VA . -52.81 -7.83 -44.56
C1 BTB WA . 0.57 -16.23 -28.05
O1 BTB WA . -0.04 -16.76 -26.88
C2 BTB WA . 0.37 -14.72 -28.15
C3 BTB WA . -1.13 -14.39 -28.24
O3 BTB WA . -1.79 -15.20 -29.19
C4 BTB WA . 0.96 -14.08 -26.89
O4 BTB WA . 2.35 -14.34 -26.76
N BTB WA . 1.08 -14.12 -29.38
C5 BTB WA . 0.87 -12.66 -29.54
C6 BTB WA . 2.06 -11.94 -30.13
O6 BTB WA . 3.20 -12.11 -29.29
C7 BTB WA . 0.86 -14.86 -30.67
C8 BTB WA . 1.96 -15.85 -31.00
O8 BTB WA . 3.24 -15.30 -30.77
C1 FRU XA . 0.24 -14.49 -22.68
C2 FRU XA . -1.19 -14.95 -22.96
C3 FRU XA . -1.38 -16.46 -23.04
C4 FRU XA . -2.66 -16.57 -23.87
C5 FRU XA . -2.65 -15.31 -24.74
C6 FRU XA . -3.99 -14.58 -24.69
O1 FRU XA . 0.27 -13.17 -22.09
O2 FRU XA . -2.07 -14.41 -21.97
O3 FRU XA . -1.51 -17.10 -21.77
O4 FRU XA . -2.76 -17.76 -24.64
O5 FRU XA . -1.63 -14.45 -24.23
O6 FRU XA . -3.82 -13.18 -24.90
C1 PEG YA . -21.85 -32.77 -64.38
O1 PEG YA . -22.38 -33.98 -64.84
C2 PEG YA . -20.39 -32.65 -64.66
O2 PEG YA . -19.60 -32.98 -63.51
C3 PEG YA . -20.10 -34.10 -62.77
C4 PEG YA . -19.04 -35.14 -62.62
O4 PEG YA . -19.44 -36.40 -63.17
C1 MAN ZA . -26.42 5.56 -77.98
C2 MAN ZA . -25.05 4.95 -78.30
C3 MAN ZA . -23.93 5.92 -77.93
C4 MAN ZA . -24.17 7.26 -78.61
C5 MAN ZA . -25.55 7.78 -78.22
C6 MAN ZA . -25.85 9.14 -78.85
O2 MAN ZA . -24.98 4.62 -79.69
O3 MAN ZA . -22.65 5.40 -78.33
O4 MAN ZA . -23.15 8.19 -78.23
O5 MAN ZA . -26.54 6.83 -78.63
O6 MAN ZA . -27.15 9.58 -78.45
C1 MAN AB . -28.32 6.29 -67.68
C2 MAN AB . -29.40 7.31 -68.02
C3 MAN AB . -28.77 8.64 -68.42
C4 MAN AB . -27.88 9.13 -67.29
C5 MAN AB . -26.87 8.04 -66.95
C6 MAN AB . -26.00 8.46 -65.78
O2 MAN AB . -30.26 7.50 -66.89
O3 MAN AB . -29.77 9.61 -68.74
O4 MAN AB . -27.21 10.33 -67.70
O5 MAN AB . -27.54 6.83 -66.61
O6 MAN AB . -26.76 8.38 -64.56
C1 MAN BB . -39.56 -11.48 -75.30
C2 MAN BB . -40.10 -10.56 -74.21
C3 MAN BB . -39.99 -11.23 -72.83
C4 MAN BB . -40.69 -12.59 -72.85
C5 MAN BB . -40.14 -13.42 -74.00
C6 MAN BB . -40.85 -14.78 -74.09
O2 MAN BB . -41.47 -10.24 -74.51
O3 MAN BB . -40.60 -10.41 -71.83
O4 MAN BB . -40.48 -13.26 -71.61
O5 MAN BB . -40.30 -12.72 -75.25
O6 MAN BB . -40.29 -15.69 -73.13
C1 NAG CB . -47.16 -16.41 -62.67
C2 NAG CB . -48.59 -16.79 -62.30
C3 NAG CB . -48.61 -17.48 -60.94
C4 NAG CB . -47.65 -18.66 -60.97
C5 NAG CB . -46.27 -18.19 -61.38
C6 NAG CB . -45.26 -19.33 -61.46
C7 NAG CB . -50.21 -15.25 -63.29
C8 NAG CB . -50.76 -13.85 -63.22
N2 NAG CB . -49.38 -15.58 -62.29
O3 NAG CB . -49.93 -17.96 -60.64
O4 NAG CB . -47.62 -19.27 -59.68
O5 NAG CB . -46.36 -17.59 -62.67
O6 NAG CB . -45.67 -20.28 -62.45
O7 NAG CB . -50.48 -15.99 -64.22
C1 NAG DB . -34.28 -32.60 -83.94
C2 NAG DB . -33.70 -31.46 -84.79
C3 NAG DB . -34.73 -30.34 -85.01
C4 NAG DB . -36.04 -30.90 -85.53
C5 NAG DB . -36.52 -32.01 -84.61
C6 NAG DB . -37.79 -32.66 -85.15
C7 NAG DB . -32.34 -30.40 -83.00
C8 NAG DB . -30.94 -29.96 -82.65
N2 NAG DB . -32.48 -30.87 -84.25
O3 NAG DB . -34.24 -29.37 -85.94
O4 NAG DB . -37.03 -29.88 -85.62
O5 NAG DB . -35.51 -33.01 -84.52
O6 NAG DB . -38.17 -33.73 -84.27
O7 NAG DB . -33.25 -30.36 -82.17
C1 NAG EB . -37.76 -40.64 -64.55
C2 NAG EB . -38.86 -41.06 -65.54
C3 NAG EB . -40.11 -41.41 -64.76
C4 NAG EB . -39.78 -42.51 -63.76
C5 NAG EB . -38.64 -42.07 -62.85
C6 NAG EB . -38.21 -43.15 -61.88
C7 NAG EB . -38.64 -39.99 -67.74
C8 NAG EB . -38.99 -38.80 -68.57
N2 NAG EB . -39.11 -39.99 -66.49
O3 NAG EB . -41.16 -41.84 -65.64
O4 NAG EB . -40.95 -42.80 -62.98
O5 NAG EB . -37.51 -41.70 -63.63
O6 NAG EB . -37.57 -44.21 -62.60
O7 NAG EB . -37.96 -40.90 -68.19
C1 NAG FB . -23.31 -43.35 -47.80
C2 NAG FB . -24.09 -44.65 -47.96
C3 NAG FB . -25.24 -44.71 -46.97
C4 NAG FB . -24.67 -44.53 -45.56
C5 NAG FB . -23.90 -43.22 -45.49
C6 NAG FB . -23.28 -43.03 -44.11
C7 NAG FB . -24.11 -45.53 -50.24
C8 NAG FB . -24.65 -45.34 -51.63
N2 NAG FB . -24.62 -44.71 -49.31
O3 NAG FB . -25.96 -45.94 -47.09
O4 NAG FB . -25.73 -44.50 -44.61
O5 NAG FB . -22.86 -43.18 -46.46
O6 NAG FB . -22.56 -41.80 -44.10
O7 NAG FB . -23.23 -46.34 -50.01
C1 NAG GB . 18.49 -4.92 -46.34
C2 NAG GB . 19.67 -5.78 -46.78
C3 NAG GB . 19.88 -6.79 -45.67
C4 NAG GB . 20.10 -6.09 -44.33
C5 NAG GB . 18.91 -5.19 -44.04
C6 NAG GB . 19.03 -4.49 -42.69
C7 NAG GB . 20.31 -6.80 -48.93
C8 NAG GB . 21.46 -5.84 -49.12
N2 NAG GB . 19.36 -6.53 -47.99
O3 NAG GB . 20.97 -7.65 -45.97
O4 NAG GB . 20.29 -7.07 -43.29
O5 NAG GB . 18.78 -4.24 -45.11
O6 NAG GB . 18.66 -5.42 -41.66
O7 NAG GB . 20.32 -7.93 -49.53
C1 NAG HB . 7.97 -17.40 -59.12
C2 NAG HB . 8.29 -16.94 -60.54
C3 NAG HB . 7.46 -17.71 -61.56
C4 NAG HB . 7.62 -19.20 -61.35
C5 NAG HB . 7.31 -19.56 -59.89
C6 NAG HB . 7.49 -21.05 -59.62
C7 NAG HB . 8.95 -14.58 -60.74
C8 NAG HB . 8.44 -13.17 -60.67
N2 NAG HB . 8.00 -15.52 -60.66
O3 NAG HB . 7.89 -17.34 -62.89
O4 NAG HB . 6.73 -19.90 -62.23
O5 NAG HB . 8.16 -18.81 -59.02
O6 NAG HB . 8.82 -21.48 -59.97
O7 NAG HB . 10.13 -14.82 -60.82
C1 BTB IB . -31.86 -13.80 -50.64
O1 BTB IB . -31.62 -14.92 -51.48
C2 BTB IB . -31.01 -12.59 -51.07
C3 BTB IB . -29.53 -12.95 -50.96
O3 BTB IB . -29.24 -13.47 -49.68
C4 BTB IB . -31.36 -12.26 -52.53
O4 BTB IB . -32.69 -11.78 -52.66
N BTB IB . -31.34 -11.35 -50.24
C5 BTB IB . -30.55 -10.14 -50.64
C6 BTB IB . -31.22 -8.86 -50.23
O6 BTB IB . -32.51 -8.75 -50.80
C7 BTB IB . -31.30 -11.56 -48.74
C8 BTB IB . -32.66 -11.81 -48.13
O8 BTB IB . -33.65 -10.97 -48.68
C1 FRU JB . -31.44 -14.54 -56.27
C2 FRU JB . -30.22 -15.32 -55.74
C3 FRU JB . -30.62 -16.66 -55.11
C4 FRU JB . -29.41 -16.97 -54.24
C5 FRU JB . -28.85 -15.60 -53.92
C6 FRU JB . -27.35 -15.54 -54.20
O1 FRU JB . -30.99 -13.57 -57.24
O2 FRU JB . -29.26 -15.56 -56.80
O3 FRU JB . -30.87 -17.68 -56.07
O4 FRU JB . -29.72 -17.67 -53.05
O5 FRU JB . -29.55 -14.62 -54.71
O6 FRU JB . -26.91 -14.19 -54.32
#